data_2B3C
# 
_entry.id   2B3C 
# 
_audit_conform.dict_name       mmcif_pdbx.dic 
_audit_conform.dict_version    5.398 
_audit_conform.dict_location   http://mmcif.pdb.org/dictionaries/ascii/mmcif_pdbx.dic 
# 
loop_
_database_2.database_id 
_database_2.database_code 
_database_2.pdbx_database_accession 
_database_2.pdbx_DOI 
PDB   2B3C         pdb_00002b3c 10.2210/pdb2b3c/pdb 
RCSB  RCSB000239   ?            ?                   
WWPDB D_1000000239 ?            ?                   
# 
loop_
_pdbx_audit_revision_history.ordinal 
_pdbx_audit_revision_history.data_content_type 
_pdbx_audit_revision_history.major_revision 
_pdbx_audit_revision_history.minor_revision 
_pdbx_audit_revision_history.revision_date 
1 'Structure model' 1 0 1998-12-16 
2 'Structure model' 1 1 2008-04-26 
3 'Structure model' 1 2 2011-07-13 
4 'Structure model' 1 3 2022-03-09 
5 'Structure model' 1 4 2023-12-27 
6 'Structure model' 1 5 2024-10-30 
# 
_pdbx_audit_revision_details.ordinal             1 
_pdbx_audit_revision_details.revision_ordinal    1 
_pdbx_audit_revision_details.data_content_type   'Structure model' 
_pdbx_audit_revision_details.provider            repository 
_pdbx_audit_revision_details.type                'Initial release' 
_pdbx_audit_revision_details.description         ? 
_pdbx_audit_revision_details.details             ? 
# 
loop_
_pdbx_audit_revision_group.ordinal 
_pdbx_audit_revision_group.revision_ordinal 
_pdbx_audit_revision_group.data_content_type 
_pdbx_audit_revision_group.group 
1 2 'Structure model' 'Version format compliance' 
2 3 'Structure model' 'Version format compliance' 
3 4 'Structure model' 'Database references'       
4 4 'Structure model' 'Derived calculations'      
5 5 'Structure model' 'Data collection'           
6 6 'Structure model' 'Structure summary'         
# 
loop_
_pdbx_audit_revision_category.ordinal 
_pdbx_audit_revision_category.revision_ordinal 
_pdbx_audit_revision_category.data_content_type 
_pdbx_audit_revision_category.category 
1 4 'Structure model' database_2                
2 4 'Structure model' pdbx_struct_assembly      
3 4 'Structure model' pdbx_struct_oper_list     
4 5 'Structure model' chem_comp_atom            
5 5 'Structure model' chem_comp_bond            
6 6 'Structure model' pdbx_entry_details        
7 6 'Structure model' pdbx_modification_feature 
# 
loop_
_pdbx_audit_revision_item.ordinal 
_pdbx_audit_revision_item.revision_ordinal 
_pdbx_audit_revision_item.data_content_type 
_pdbx_audit_revision_item.item 
1 4 'Structure model' '_database_2.pdbx_DOI'                
2 4 'Structure model' '_database_2.pdbx_database_accession' 
# 
_pdbx_database_status.status_code                     REL 
_pdbx_database_status.entry_id                        2B3C 
_pdbx_database_status.recvd_initial_deposition_date   1998-12-09 
_pdbx_database_status.deposit_site                    BNL 
_pdbx_database_status.process_site                    RCSB 
_pdbx_database_status.SG_entry                        . 
_pdbx_database_status.pdb_format_compatible           Y 
_pdbx_database_status.status_code_mr                  ? 
_pdbx_database_status.status_code_sf                  ? 
_pdbx_database_status.status_code_cs                  ? 
_pdbx_database_status.status_code_nmr_data            ? 
_pdbx_database_status.methods_development_category    ? 
# 
_pdbx_database_related.db_name        PDB 
_pdbx_database_related.db_id          1B3C 
_pdbx_database_related.details        . 
_pdbx_database_related.content_type   ensemble 
# 
loop_
_audit_author.name 
_audit_author.pdbx_ordinal 
'Jablonsky, M.J.' 1 
'Jackson, P.L.'   2 
'Trent, J.O.'     3 
'Watt, D.D.'      4 
'Krishna, N.R.'   5 
# 
_citation.id                        primary 
_citation.title                     
'Solution structure of a beta-neurotoxin from the New World scorpion Centruroides sculpturatus Ewing.' 
_citation.journal_abbrev            Biochem.Biophys.Res.Commun. 
_citation.journal_volume            254 
_citation.page_first                406 
_citation.page_last                 412 
_citation.year                      1999 
_citation.journal_id_ASTM           BBRCA9 
_citation.country                   US 
_citation.journal_id_ISSN           0006-291X 
_citation.journal_id_CSD            0146 
_citation.book_publisher            ? 
_citation.pdbx_database_id_PubMed   9918851 
_citation.pdbx_database_id_DOI      10.1006/bbrc.1998.9904 
# 
loop_
_citation_author.citation_id 
_citation_author.name 
_citation_author.ordinal 
_citation_author.identifier_ORCID 
primary 'Jablonsky, M.J.' 1 ? 
primary 'Jackson, P.L.'   2 ? 
primary 'Trent, J.O.'     3 ? 
primary 'Watt, D.D.'      4 ? 
primary 'Krishna, N.R.'   5 ? 
# 
_entity.id                         1 
_entity.type                       polymer 
_entity.src_method                 nat 
_entity.pdbx_description           'PROTEIN (NEUROTOXIN CSE-I)' 
_entity.formula_weight             7299.307 
_entity.pdbx_number_of_molecules   1 
_entity.pdbx_ec                    ? 
_entity.pdbx_mutation              ? 
_entity.pdbx_fragment              ? 
_entity.details                    ? 
# 
_entity_poly.entity_id                      1 
_entity_poly.type                           'polypeptide(L)' 
_entity_poly.nstd_linkage                   no 
_entity_poly.nstd_monomer                   no 
_entity_poly.pdbx_seq_one_letter_code       KDGYLVEKTGCKKTCYKLGENDFCNRECKWKHIGGSYGYCYGFGCYCEGLPDSTQTWPLPNKTC 
_entity_poly.pdbx_seq_one_letter_code_can   KDGYLVEKTGCKKTCYKLGENDFCNRECKWKHIGGSYGYCYGFGCYCEGLPDSTQTWPLPNKTC 
_entity_poly.pdbx_strand_id                 A 
_entity_poly.pdbx_target_identifier         ? 
# 
loop_
_entity_poly_seq.entity_id 
_entity_poly_seq.num 
_entity_poly_seq.mon_id 
_entity_poly_seq.hetero 
1 1  LYS n 
1 2  ASP n 
1 3  GLY n 
1 4  TYR n 
1 5  LEU n 
1 6  VAL n 
1 7  GLU n 
1 8  LYS n 
1 9  THR n 
1 10 GLY n 
1 11 CYS n 
1 12 LYS n 
1 13 LYS n 
1 14 THR n 
1 15 CYS n 
1 16 TYR n 
1 17 LYS n 
1 18 LEU n 
1 19 GLY n 
1 20 GLU n 
1 21 ASN n 
1 22 ASP n 
1 23 PHE n 
1 24 CYS n 
1 25 ASN n 
1 26 ARG n 
1 27 GLU n 
1 28 CYS n 
1 29 LYS n 
1 30 TRP n 
1 31 LYS n 
1 32 HIS n 
1 33 ILE n 
1 34 GLY n 
1 35 GLY n 
1 36 SER n 
1 37 TYR n 
1 38 GLY n 
1 39 TYR n 
1 40 CYS n 
1 41 TYR n 
1 42 GLY n 
1 43 PHE n 
1 44 GLY n 
1 45 CYS n 
1 46 TYR n 
1 47 CYS n 
1 48 GLU n 
1 49 GLY n 
1 50 LEU n 
1 51 PRO n 
1 52 ASP n 
1 53 SER n 
1 54 THR n 
1 55 GLN n 
1 56 THR n 
1 57 TRP n 
1 58 PRO n 
1 59 LEU n 
1 60 PRO n 
1 61 ASN n 
1 62 LYS n 
1 63 THR n 
1 64 CYS n 
# 
_entity_src_nat.entity_id                  1 
_entity_src_nat.pdbx_src_id                1 
_entity_src_nat.pdbx_alt_source_flag       sample 
_entity_src_nat.pdbx_beg_seq_num           ? 
_entity_src_nat.pdbx_end_seq_num           ? 
_entity_src_nat.common_name                'bark scorpion' 
_entity_src_nat.pdbx_organism_scientific   'Centruroides sculpturatus' 
_entity_src_nat.pdbx_ncbi_taxonomy_id      218467 
_entity_src_nat.genus                      Centruroides 
_entity_src_nat.species                    ? 
_entity_src_nat.strain                     ? 
_entity_src_nat.tissue                     ? 
_entity_src_nat.tissue_fraction            ? 
_entity_src_nat.pdbx_secretion             ? 
_entity_src_nat.pdbx_fragment              ? 
_entity_src_nat.pdbx_variant               ? 
_entity_src_nat.pdbx_cell_line             ? 
_entity_src_nat.pdbx_atcc                  ? 
_entity_src_nat.pdbx_cellular_location     ? 
_entity_src_nat.pdbx_organ                 ? 
_entity_src_nat.pdbx_organelle             ? 
_entity_src_nat.pdbx_cell                  ? 
_entity_src_nat.pdbx_plasmid_name          ? 
_entity_src_nat.pdbx_plasmid_details       ? 
_entity_src_nat.details                    'SCORPIONS COLLECTED MESA, AZ, USA' 
# 
loop_
_chem_comp.id 
_chem_comp.type 
_chem_comp.mon_nstd_flag 
_chem_comp.name 
_chem_comp.pdbx_synonyms 
_chem_comp.formula 
_chem_comp.formula_weight 
ARG 'L-peptide linking' y ARGININE        ? 'C6 H15 N4 O2 1' 175.209 
ASN 'L-peptide linking' y ASPARAGINE      ? 'C4 H8 N2 O3'    132.118 
ASP 'L-peptide linking' y 'ASPARTIC ACID' ? 'C4 H7 N O4'     133.103 
CYS 'L-peptide linking' y CYSTEINE        ? 'C3 H7 N O2 S'   121.158 
GLN 'L-peptide linking' y GLUTAMINE       ? 'C5 H10 N2 O3'   146.144 
GLU 'L-peptide linking' y 'GLUTAMIC ACID' ? 'C5 H9 N O4'     147.129 
GLY 'peptide linking'   y GLYCINE         ? 'C2 H5 N O2'     75.067  
HIS 'L-peptide linking' y HISTIDINE       ? 'C6 H10 N3 O2 1' 156.162 
ILE 'L-peptide linking' y ISOLEUCINE      ? 'C6 H13 N O2'    131.173 
LEU 'L-peptide linking' y LEUCINE         ? 'C6 H13 N O2'    131.173 
LYS 'L-peptide linking' y LYSINE          ? 'C6 H15 N2 O2 1' 147.195 
PHE 'L-peptide linking' y PHENYLALANINE   ? 'C9 H11 N O2'    165.189 
PRO 'L-peptide linking' y PROLINE         ? 'C5 H9 N O2'     115.130 
SER 'L-peptide linking' y SERINE          ? 'C3 H7 N O3'     105.093 
THR 'L-peptide linking' y THREONINE       ? 'C4 H9 N O3'     119.119 
TRP 'L-peptide linking' y TRYPTOPHAN      ? 'C11 H12 N2 O2'  204.225 
TYR 'L-peptide linking' y TYROSINE        ? 'C9 H11 N O3'    181.189 
VAL 'L-peptide linking' y VALINE          ? 'C5 H11 N O2'    117.146 
# 
loop_
_pdbx_poly_seq_scheme.asym_id 
_pdbx_poly_seq_scheme.entity_id 
_pdbx_poly_seq_scheme.seq_id 
_pdbx_poly_seq_scheme.mon_id 
_pdbx_poly_seq_scheme.ndb_seq_num 
_pdbx_poly_seq_scheme.pdb_seq_num 
_pdbx_poly_seq_scheme.auth_seq_num 
_pdbx_poly_seq_scheme.pdb_mon_id 
_pdbx_poly_seq_scheme.auth_mon_id 
_pdbx_poly_seq_scheme.pdb_strand_id 
_pdbx_poly_seq_scheme.pdb_ins_code 
_pdbx_poly_seq_scheme.hetero 
A 1 1  LYS 1  1  1  LYS LYS A . n 
A 1 2  ASP 2  2  2  ASP ASP A . n 
A 1 3  GLY 3  3  3  GLY GLY A . n 
A 1 4  TYR 4  4  4  TYR TYR A . n 
A 1 5  LEU 5  5  5  LEU LEU A . n 
A 1 6  VAL 6  6  6  VAL VAL A . n 
A 1 7  GLU 7  7  7  GLU GLU A . n 
A 1 8  LYS 8  8  8  LYS LYS A . n 
A 1 9  THR 9  9  9  THR THR A . n 
A 1 10 GLY 10 10 10 GLY GLY A . n 
A 1 11 CYS 11 11 11 CYS CYS A . n 
A 1 12 LYS 12 12 12 LYS LYS A . n 
A 1 13 LYS 13 13 13 LYS LYS A . n 
A 1 14 THR 14 14 14 THR THR A . n 
A 1 15 CYS 15 15 15 CYS CYS A . n 
A 1 16 TYR 16 16 16 TYR TYR A . n 
A 1 17 LYS 17 17 17 LYS LYS A . n 
A 1 18 LEU 18 18 18 LEU LEU A . n 
A 1 19 GLY 19 19 19 GLY GLY A . n 
A 1 20 GLU 20 20 20 GLU GLU A . n 
A 1 21 ASN 21 21 21 ASN ASN A . n 
A 1 22 ASP 22 22 22 ASP ASP A . n 
A 1 23 PHE 23 23 23 PHE PHE A . n 
A 1 24 CYS 24 24 24 CYS CYS A . n 
A 1 25 ASN 25 25 25 ASN ASN A . n 
A 1 26 ARG 26 26 26 ARG ARG A . n 
A 1 27 GLU 27 27 27 GLU GLU A . n 
A 1 28 CYS 28 28 28 CYS CYS A . n 
A 1 29 LYS 29 29 29 LYS LYS A . n 
A 1 30 TRP 30 30 30 TRP TRP A . n 
A 1 31 LYS 31 31 31 LYS LYS A . n 
A 1 32 HIS 32 32 32 HIS HIS A . n 
A 1 33 ILE 33 33 33 ILE ILE A . n 
A 1 34 GLY 34 34 34 GLY GLY A . n 
A 1 35 GLY 35 35 35 GLY GLY A . n 
A 1 36 SER 36 36 36 SER SER A . n 
A 1 37 TYR 37 37 37 TYR TYR A . n 
A 1 38 GLY 38 38 38 GLY GLY A . n 
A 1 39 TYR 39 39 39 TYR TYR A . n 
A 1 40 CYS 40 40 40 CYS CYS A . n 
A 1 41 TYR 41 41 41 TYR TYR A . n 
A 1 42 GLY 42 42 42 GLY GLY A . n 
A 1 43 PHE 43 43 43 PHE PHE A . n 
A 1 44 GLY 44 44 44 GLY GLY A . n 
A 1 45 CYS 45 45 45 CYS CYS A . n 
A 1 46 TYR 46 46 46 TYR TYR A . n 
A 1 47 CYS 47 47 47 CYS CYS A . n 
A 1 48 GLU 48 48 48 GLU GLU A . n 
A 1 49 GLY 49 49 49 GLY GLY A . n 
A 1 50 LEU 50 50 50 LEU LEU A . n 
A 1 51 PRO 51 51 51 PRO PRO A . n 
A 1 52 ASP 52 52 52 ASP ASP A . n 
A 1 53 SER 53 53 53 SER SER A . n 
A 1 54 THR 54 54 54 THR THR A . n 
A 1 55 GLN 55 55 55 GLN GLN A . n 
A 1 56 THR 56 56 56 THR THR A . n 
A 1 57 TRP 57 57 57 TRP TRP A . n 
A 1 58 PRO 58 58 58 PRO PRO A . n 
A 1 59 LEU 59 59 59 LEU LEU A . n 
A 1 60 PRO 60 60 60 PRO PRO A . n 
A 1 61 ASN 61 61 61 ASN ASN A . n 
A 1 62 LYS 62 62 62 LYS LYS A . n 
A 1 63 THR 63 63 63 THR THR A . n 
A 1 64 CYS 64 64 64 CYS CYS A . n 
# 
_cell.entry_id           2B3C 
_cell.length_a           1.000 
_cell.length_b           1.000 
_cell.length_c           1.000 
_cell.angle_alpha        90.00 
_cell.angle_beta         90.00 
_cell.angle_gamma        90.00 
_cell.Z_PDB              1 
_cell.pdbx_unique_axis   ? 
# 
_symmetry.entry_id                         2B3C 
_symmetry.space_group_name_H-M             'P 1' 
_symmetry.pdbx_full_space_group_name_H-M   ? 
_symmetry.cell_setting                     ? 
_symmetry.Int_Tables_number                1 
# 
_exptl.entry_id          2B3C 
_exptl.method            'SOLUTION NMR' 
_exptl.crystals_number   ? 
# 
_struct.entry_id                  2B3C 
_struct.title                     
'SOLUTION STRUCTURE OF A BETA-NEUROTOXIN FROM THE NEW WORLD SCORPION CENTRUROIDES SCULPTURATUS EWING' 
_struct.pdbx_model_details        ? 
_struct.pdbx_CASP_flag            ? 
_struct.pdbx_model_type_details   ? 
# 
_struct_keywords.entry_id        2B3C 
_struct_keywords.pdbx_keywords   TOXIN 
_struct_keywords.text            'SCORPION NEUROTOXIN, BETA-TOXIN, NEW WORLD TOXIN, TOXIN' 
# 
_struct_asym.id                            A 
_struct_asym.pdbx_blank_PDB_chainid_flag   N 
_struct_asym.pdbx_modified                 N 
_struct_asym.entity_id                     1 
_struct_asym.details                       ? 
# 
_struct_ref.id                         1 
_struct_ref.db_name                    UNP 
_struct_ref.db_code                    SCXI_CENSC 
_struct_ref.entity_id                  1 
_struct_ref.pdbx_db_accession          P01491 
_struct_ref.pdbx_align_begin           ? 
_struct_ref.pdbx_seq_one_letter_code   ? 
_struct_ref.pdbx_db_isoform            ? 
# 
_struct_ref_seq.align_id                      1 
_struct_ref_seq.ref_id                        1 
_struct_ref_seq.pdbx_PDB_id_code              2B3C 
_struct_ref_seq.pdbx_strand_id                A 
_struct_ref_seq.seq_align_beg                 1 
_struct_ref_seq.pdbx_seq_align_beg_ins_code   ? 
_struct_ref_seq.seq_align_end                 64 
_struct_ref_seq.pdbx_seq_align_end_ins_code   ? 
_struct_ref_seq.pdbx_db_accession             P01491 
_struct_ref_seq.db_align_beg                  19 
_struct_ref_seq.pdbx_db_align_beg_ins_code    ? 
_struct_ref_seq.db_align_end                  82 
_struct_ref_seq.pdbx_db_align_end_ins_code    ? 
_struct_ref_seq.pdbx_auth_seq_align_beg       1 
_struct_ref_seq.pdbx_auth_seq_align_end       64 
# 
_pdbx_struct_assembly.id                   1 
_pdbx_struct_assembly.details              author_defined_assembly 
_pdbx_struct_assembly.method_details       ? 
_pdbx_struct_assembly.oligomeric_details   monomeric 
_pdbx_struct_assembly.oligomeric_count     1 
# 
_pdbx_struct_assembly_gen.assembly_id       1 
_pdbx_struct_assembly_gen.oper_expression   1 
_pdbx_struct_assembly_gen.asym_id_list      A 
# 
_pdbx_struct_oper_list.id                   1 
_pdbx_struct_oper_list.type                 'identity operation' 
_pdbx_struct_oper_list.name                 1_555 
_pdbx_struct_oper_list.symmetry_operation   x,y,z 
_pdbx_struct_oper_list.matrix[1][1]         1.0000000000 
_pdbx_struct_oper_list.matrix[1][2]         0.0000000000 
_pdbx_struct_oper_list.matrix[1][3]         0.0000000000 
_pdbx_struct_oper_list.vector[1]            0.0000000000 
_pdbx_struct_oper_list.matrix[2][1]         0.0000000000 
_pdbx_struct_oper_list.matrix[2][2]         1.0000000000 
_pdbx_struct_oper_list.matrix[2][3]         0.0000000000 
_pdbx_struct_oper_list.vector[2]            0.0000000000 
_pdbx_struct_oper_list.matrix[3][1]         0.0000000000 
_pdbx_struct_oper_list.matrix[3][2]         0.0000000000 
_pdbx_struct_oper_list.matrix[3][3]         1.0000000000 
_pdbx_struct_oper_list.vector[3]            0.0000000000 
# 
_struct_biol.id   1 
# 
_struct_conf.conf_type_id            HELX_P 
_struct_conf.id                      HELX_P1 
_struct_conf.pdbx_PDB_helix_id       1 
_struct_conf.beg_label_comp_id       ASN 
_struct_conf.beg_label_asym_id       A 
_struct_conf.beg_label_seq_id        21 
_struct_conf.pdbx_beg_PDB_ins_code   ? 
_struct_conf.end_label_comp_id       LYS 
_struct_conf.end_label_asym_id       A 
_struct_conf.end_label_seq_id        29 
_struct_conf.pdbx_end_PDB_ins_code   ? 
_struct_conf.beg_auth_comp_id        ASN 
_struct_conf.beg_auth_asym_id        A 
_struct_conf.beg_auth_seq_id         21 
_struct_conf.end_auth_comp_id        LYS 
_struct_conf.end_auth_asym_id        A 
_struct_conf.end_auth_seq_id         29 
_struct_conf.pdbx_PDB_helix_class    1 
_struct_conf.details                 ? 
_struct_conf.pdbx_PDB_helix_length   9 
# 
_struct_conf_type.id          HELX_P 
_struct_conf_type.criteria    ? 
_struct_conf_type.reference   ? 
# 
loop_
_struct_conn.id 
_struct_conn.conn_type_id 
_struct_conn.pdbx_leaving_atom_flag 
_struct_conn.pdbx_PDB_id 
_struct_conn.ptnr1_label_asym_id 
_struct_conn.ptnr1_label_comp_id 
_struct_conn.ptnr1_label_seq_id 
_struct_conn.ptnr1_label_atom_id 
_struct_conn.pdbx_ptnr1_label_alt_id 
_struct_conn.pdbx_ptnr1_PDB_ins_code 
_struct_conn.pdbx_ptnr1_standard_comp_id 
_struct_conn.ptnr1_symmetry 
_struct_conn.ptnr2_label_asym_id 
_struct_conn.ptnr2_label_comp_id 
_struct_conn.ptnr2_label_seq_id 
_struct_conn.ptnr2_label_atom_id 
_struct_conn.pdbx_ptnr2_label_alt_id 
_struct_conn.pdbx_ptnr2_PDB_ins_code 
_struct_conn.ptnr1_auth_asym_id 
_struct_conn.ptnr1_auth_comp_id 
_struct_conn.ptnr1_auth_seq_id 
_struct_conn.ptnr2_auth_asym_id 
_struct_conn.ptnr2_auth_comp_id 
_struct_conn.ptnr2_auth_seq_id 
_struct_conn.ptnr2_symmetry 
_struct_conn.pdbx_ptnr3_label_atom_id 
_struct_conn.pdbx_ptnr3_label_seq_id 
_struct_conn.pdbx_ptnr3_label_comp_id 
_struct_conn.pdbx_ptnr3_label_asym_id 
_struct_conn.pdbx_ptnr3_label_alt_id 
_struct_conn.pdbx_ptnr3_PDB_ins_code 
_struct_conn.details 
_struct_conn.pdbx_dist_value 
_struct_conn.pdbx_value_order 
_struct_conn.pdbx_role 
disulf1 disulf ? ? A CYS 11 SG ? ? ? 1_555 A CYS 64 SG ? ? A CYS 11 A CYS 64 1_555 ? ? ? ? ? ? ? 2.020 ? ? 
disulf2 disulf ? ? A CYS 15 SG ? ? ? 1_555 A CYS 40 SG ? ? A CYS 15 A CYS 40 1_555 ? ? ? ? ? ? ? 2.020 ? ? 
disulf3 disulf ? ? A CYS 24 SG ? ? ? 1_555 A CYS 45 SG ? ? A CYS 24 A CYS 45 1_555 ? ? ? ? ? ? ? 2.021 ? ? 
disulf4 disulf ? ? A CYS 28 SG ? ? ? 1_555 A CYS 47 SG ? ? A CYS 28 A CYS 47 1_555 ? ? ? ? ? ? ? 2.020 ? ? 
# 
_struct_conn_type.id          disulf 
_struct_conn_type.criteria    ? 
_struct_conn_type.reference   ? 
# 
loop_
_pdbx_modification_feature.ordinal 
_pdbx_modification_feature.label_comp_id 
_pdbx_modification_feature.label_asym_id 
_pdbx_modification_feature.label_seq_id 
_pdbx_modification_feature.label_alt_id 
_pdbx_modification_feature.modified_residue_label_comp_id 
_pdbx_modification_feature.modified_residue_label_asym_id 
_pdbx_modification_feature.modified_residue_label_seq_id 
_pdbx_modification_feature.modified_residue_label_alt_id 
_pdbx_modification_feature.auth_comp_id 
_pdbx_modification_feature.auth_asym_id 
_pdbx_modification_feature.auth_seq_id 
_pdbx_modification_feature.PDB_ins_code 
_pdbx_modification_feature.symmetry 
_pdbx_modification_feature.modified_residue_auth_comp_id 
_pdbx_modification_feature.modified_residue_auth_asym_id 
_pdbx_modification_feature.modified_residue_auth_seq_id 
_pdbx_modification_feature.modified_residue_PDB_ins_code 
_pdbx_modification_feature.modified_residue_symmetry 
_pdbx_modification_feature.comp_id_linking_atom 
_pdbx_modification_feature.modified_residue_id_linking_atom 
_pdbx_modification_feature.modified_residue_id 
_pdbx_modification_feature.ref_pcm_id 
_pdbx_modification_feature.ref_comp_id 
_pdbx_modification_feature.type 
_pdbx_modification_feature.category 
1 CYS A 11 ? CYS A 64 ? CYS A 11 ? 1_555 CYS A 64 ? 1_555 SG SG . . . None 'Disulfide bridge' 
2 CYS A 15 ? CYS A 40 ? CYS A 15 ? 1_555 CYS A 40 ? 1_555 SG SG . . . None 'Disulfide bridge' 
3 CYS A 24 ? CYS A 45 ? CYS A 24 ? 1_555 CYS A 45 ? 1_555 SG SG . . . None 'Disulfide bridge' 
4 CYS A 28 ? CYS A 47 ? CYS A 28 ? 1_555 CYS A 47 ? 1_555 SG SG . . . None 'Disulfide bridge' 
# 
_struct_mon_prot_cis.pdbx_id                1 
_struct_mon_prot_cis.label_comp_id          TRP 
_struct_mon_prot_cis.label_seq_id           57 
_struct_mon_prot_cis.label_asym_id          A 
_struct_mon_prot_cis.label_alt_id           . 
_struct_mon_prot_cis.pdbx_PDB_ins_code      ? 
_struct_mon_prot_cis.auth_comp_id           TRP 
_struct_mon_prot_cis.auth_seq_id            57 
_struct_mon_prot_cis.auth_asym_id           A 
_struct_mon_prot_cis.pdbx_label_comp_id_2   PRO 
_struct_mon_prot_cis.pdbx_label_seq_id_2    58 
_struct_mon_prot_cis.pdbx_label_asym_id_2   A 
_struct_mon_prot_cis.pdbx_PDB_ins_code_2    ? 
_struct_mon_prot_cis.pdbx_auth_comp_id_2    PRO 
_struct_mon_prot_cis.pdbx_auth_seq_id_2     58 
_struct_mon_prot_cis.pdbx_auth_asym_id_2    A 
_struct_mon_prot_cis.pdbx_PDB_model_num     1 
_struct_mon_prot_cis.pdbx_omega_angle       -5.75 
# 
_struct_sheet.id               S1 
_struct_sheet.type             ? 
_struct_sheet.number_strands   3 
_struct_sheet.details          ? 
# 
loop_
_struct_sheet_order.sheet_id 
_struct_sheet_order.range_id_1 
_struct_sheet_order.range_id_2 
_struct_sheet_order.offset 
_struct_sheet_order.sense 
S1 1 2 ? anti-parallel 
S1 2 3 ? anti-parallel 
# 
loop_
_struct_sheet_range.sheet_id 
_struct_sheet_range.id 
_struct_sheet_range.beg_label_comp_id 
_struct_sheet_range.beg_label_asym_id 
_struct_sheet_range.beg_label_seq_id 
_struct_sheet_range.pdbx_beg_PDB_ins_code 
_struct_sheet_range.end_label_comp_id 
_struct_sheet_range.end_label_asym_id 
_struct_sheet_range.end_label_seq_id 
_struct_sheet_range.pdbx_end_PDB_ins_code 
_struct_sheet_range.beg_auth_comp_id 
_struct_sheet_range.beg_auth_asym_id 
_struct_sheet_range.beg_auth_seq_id 
_struct_sheet_range.end_auth_comp_id 
_struct_sheet_range.end_auth_asym_id 
_struct_sheet_range.end_auth_seq_id 
S1 1 LYS A 1  ? TYR A 4  ? LYS A 1  TYR A 4  
S1 2 CYS A 45 ? GLY A 49 ? CYS A 45 GLY A 49 
S1 3 SER A 36 ? CYS A 40 ? SER A 36 CYS A 40 
# 
_pdbx_entry_details.entry_id                   2B3C 
_pdbx_entry_details.compound_details           ? 
_pdbx_entry_details.source_details             ? 
_pdbx_entry_details.nonpolymer_details         ? 
_pdbx_entry_details.sequence_details           ? 
_pdbx_entry_details.has_ligand_of_interest     ? 
_pdbx_entry_details.has_protein_modification   Y 
# 
loop_
_pdbx_validate_close_contact.id 
_pdbx_validate_close_contact.PDB_model_num 
_pdbx_validate_close_contact.auth_atom_id_1 
_pdbx_validate_close_contact.auth_asym_id_1 
_pdbx_validate_close_contact.auth_comp_id_1 
_pdbx_validate_close_contact.auth_seq_id_1 
_pdbx_validate_close_contact.PDB_ins_code_1 
_pdbx_validate_close_contact.label_alt_id_1 
_pdbx_validate_close_contact.auth_atom_id_2 
_pdbx_validate_close_contact.auth_asym_id_2 
_pdbx_validate_close_contact.auth_comp_id_2 
_pdbx_validate_close_contact.auth_seq_id_2 
_pdbx_validate_close_contact.PDB_ins_code_2 
_pdbx_validate_close_contact.label_alt_id_2 
_pdbx_validate_close_contact.dist 
1 1 O A LYS 1  ? ? H A GLY 49 ? ? 1.48 
2 1 O A ASP 22 ? ? H A ARG 26 ? ? 1.59 
# 
loop_
_pdbx_validate_torsion.id 
_pdbx_validate_torsion.PDB_model_num 
_pdbx_validate_torsion.auth_comp_id 
_pdbx_validate_torsion.auth_asym_id 
_pdbx_validate_torsion.auth_seq_id 
_pdbx_validate_torsion.PDB_ins_code 
_pdbx_validate_torsion.label_alt_id 
_pdbx_validate_torsion.phi 
_pdbx_validate_torsion.psi 
1 1 VAL A 6  ? ? -108.69 -168.15 
2 1 CYS A 11 ? ? -50.24  172.39  
3 1 GLU A 20 ? ? -51.54  87.18   
4 1 TRP A 30 ? ? -14.75  -65.50  
5 1 LYS A 31 ? ? -142.41 -146.53 
6 1 ILE A 33 ? ? -158.48 -37.11  
7 1 PRO A 60 ? ? -56.41  -163.70 
# 
_pdbx_nmr_ensemble.entry_id                                      2B3C 
_pdbx_nmr_ensemble.conformers_calculated_total_number            40 
_pdbx_nmr_ensemble.conformers_submitted_total_number             1 
_pdbx_nmr_ensemble.conformer_selection_criteria                  LRV 
_pdbx_nmr_ensemble.average_constraints_per_residue               ? 
_pdbx_nmr_ensemble.average_constraint_violations_per_residue     ? 
_pdbx_nmr_ensemble.maximum_distance_constraint_violation         ? 
_pdbx_nmr_ensemble.average_distance_constraint_violation         ? 
_pdbx_nmr_ensemble.maximum_upper_distance_constraint_violation   ? 
_pdbx_nmr_ensemble.maximum_lower_distance_constraint_violation   ? 
_pdbx_nmr_ensemble.distance_constraint_violation_method          ? 
_pdbx_nmr_ensemble.maximum_torsion_angle_constraint_violation    ? 
_pdbx_nmr_ensemble.average_torsion_angle_constraint_violation    ? 
_pdbx_nmr_ensemble.torsion_angle_constraint_violation_method     ? 
# 
_pdbx_nmr_exptl_sample_conditions.conditions_id       1 
_pdbx_nmr_exptl_sample_conditions.temperature         313 
_pdbx_nmr_exptl_sample_conditions.pressure            ? 
_pdbx_nmr_exptl_sample_conditions.pH                  4.0 
_pdbx_nmr_exptl_sample_conditions.ionic_strength      '1 mM' 
_pdbx_nmr_exptl_sample_conditions.pressure_units      ? 
_pdbx_nmr_exptl_sample_conditions.temperature_units   K 
# 
loop_
_pdbx_nmr_exptl.experiment_id 
_pdbx_nmr_exptl.conditions_id 
_pdbx_nmr_exptl.type 
_pdbx_nmr_exptl.solution_id 
1 1 NOESY    1 
2 1 DQF-COSY 1 
3 1 TOCSY    1 
# 
_pdbx_nmr_details.entry_id   2B3C 
_pdbx_nmr_details.text       'HOMONUCLEAR 1H NMR SPECTROSCOPY' 
# 
_pdbx_nmr_refine.entry_id           2B3C 
_pdbx_nmr_refine.method             'DISTANCE GEOMETRY/ SIMULATED ANNEALING' 
_pdbx_nmr_refine.details            'SEE JOURNAL REFERENCE' 
_pdbx_nmr_refine.software_ordinal   1 
# 
loop_
_pdbx_nmr_software.classification 
_pdbx_nmr_software.name 
_pdbx_nmr_software.version 
_pdbx_nmr_software.authors 
_pdbx_nmr_software.ordinal 
refinement           X-PLOR 3.1 BRUNGER 1 
'structure solution' X-PLOR ?   ?       2 
# 
loop_
_chem_comp_atom.comp_id 
_chem_comp_atom.atom_id 
_chem_comp_atom.type_symbol 
_chem_comp_atom.pdbx_aromatic_flag 
_chem_comp_atom.pdbx_stereo_config 
_chem_comp_atom.pdbx_ordinal 
ARG N    N N N 1   
ARG CA   C N S 2   
ARG C    C N N 3   
ARG O    O N N 4   
ARG CB   C N N 5   
ARG CG   C N N 6   
ARG CD   C N N 7   
ARG NE   N N N 8   
ARG CZ   C N N 9   
ARG NH1  N N N 10  
ARG NH2  N N N 11  
ARG OXT  O N N 12  
ARG H    H N N 13  
ARG H2   H N N 14  
ARG HA   H N N 15  
ARG HB2  H N N 16  
ARG HB3  H N N 17  
ARG HG2  H N N 18  
ARG HG3  H N N 19  
ARG HD2  H N N 20  
ARG HD3  H N N 21  
ARG HE   H N N 22  
ARG HH11 H N N 23  
ARG HH12 H N N 24  
ARG HH21 H N N 25  
ARG HH22 H N N 26  
ARG HXT  H N N 27  
ASN N    N N N 28  
ASN CA   C N S 29  
ASN C    C N N 30  
ASN O    O N N 31  
ASN CB   C N N 32  
ASN CG   C N N 33  
ASN OD1  O N N 34  
ASN ND2  N N N 35  
ASN OXT  O N N 36  
ASN H    H N N 37  
ASN H2   H N N 38  
ASN HA   H N N 39  
ASN HB2  H N N 40  
ASN HB3  H N N 41  
ASN HD21 H N N 42  
ASN HD22 H N N 43  
ASN HXT  H N N 44  
ASP N    N N N 45  
ASP CA   C N S 46  
ASP C    C N N 47  
ASP O    O N N 48  
ASP CB   C N N 49  
ASP CG   C N N 50  
ASP OD1  O N N 51  
ASP OD2  O N N 52  
ASP OXT  O N N 53  
ASP H    H N N 54  
ASP H2   H N N 55  
ASP HA   H N N 56  
ASP HB2  H N N 57  
ASP HB3  H N N 58  
ASP HD2  H N N 59  
ASP HXT  H N N 60  
CYS N    N N N 61  
CYS CA   C N R 62  
CYS C    C N N 63  
CYS O    O N N 64  
CYS CB   C N N 65  
CYS SG   S N N 66  
CYS OXT  O N N 67  
CYS H    H N N 68  
CYS H2   H N N 69  
CYS HA   H N N 70  
CYS HB2  H N N 71  
CYS HB3  H N N 72  
CYS HG   H N N 73  
CYS HXT  H N N 74  
GLN N    N N N 75  
GLN CA   C N S 76  
GLN C    C N N 77  
GLN O    O N N 78  
GLN CB   C N N 79  
GLN CG   C N N 80  
GLN CD   C N N 81  
GLN OE1  O N N 82  
GLN NE2  N N N 83  
GLN OXT  O N N 84  
GLN H    H N N 85  
GLN H2   H N N 86  
GLN HA   H N N 87  
GLN HB2  H N N 88  
GLN HB3  H N N 89  
GLN HG2  H N N 90  
GLN HG3  H N N 91  
GLN HE21 H N N 92  
GLN HE22 H N N 93  
GLN HXT  H N N 94  
GLU N    N N N 95  
GLU CA   C N S 96  
GLU C    C N N 97  
GLU O    O N N 98  
GLU CB   C N N 99  
GLU CG   C N N 100 
GLU CD   C N N 101 
GLU OE1  O N N 102 
GLU OE2  O N N 103 
GLU OXT  O N N 104 
GLU H    H N N 105 
GLU H2   H N N 106 
GLU HA   H N N 107 
GLU HB2  H N N 108 
GLU HB3  H N N 109 
GLU HG2  H N N 110 
GLU HG3  H N N 111 
GLU HE2  H N N 112 
GLU HXT  H N N 113 
GLY N    N N N 114 
GLY CA   C N N 115 
GLY C    C N N 116 
GLY O    O N N 117 
GLY OXT  O N N 118 
GLY H    H N N 119 
GLY H2   H N N 120 
GLY HA2  H N N 121 
GLY HA3  H N N 122 
GLY HXT  H N N 123 
HIS N    N N N 124 
HIS CA   C N S 125 
HIS C    C N N 126 
HIS O    O N N 127 
HIS CB   C N N 128 
HIS CG   C Y N 129 
HIS ND1  N Y N 130 
HIS CD2  C Y N 131 
HIS CE1  C Y N 132 
HIS NE2  N Y N 133 
HIS OXT  O N N 134 
HIS H    H N N 135 
HIS H2   H N N 136 
HIS HA   H N N 137 
HIS HB2  H N N 138 
HIS HB3  H N N 139 
HIS HD1  H N N 140 
HIS HD2  H N N 141 
HIS HE1  H N N 142 
HIS HE2  H N N 143 
HIS HXT  H N N 144 
ILE N    N N N 145 
ILE CA   C N S 146 
ILE C    C N N 147 
ILE O    O N N 148 
ILE CB   C N S 149 
ILE CG1  C N N 150 
ILE CG2  C N N 151 
ILE CD1  C N N 152 
ILE OXT  O N N 153 
ILE H    H N N 154 
ILE H2   H N N 155 
ILE HA   H N N 156 
ILE HB   H N N 157 
ILE HG12 H N N 158 
ILE HG13 H N N 159 
ILE HG21 H N N 160 
ILE HG22 H N N 161 
ILE HG23 H N N 162 
ILE HD11 H N N 163 
ILE HD12 H N N 164 
ILE HD13 H N N 165 
ILE HXT  H N N 166 
LEU N    N N N 167 
LEU CA   C N S 168 
LEU C    C N N 169 
LEU O    O N N 170 
LEU CB   C N N 171 
LEU CG   C N N 172 
LEU CD1  C N N 173 
LEU CD2  C N N 174 
LEU OXT  O N N 175 
LEU H    H N N 176 
LEU H2   H N N 177 
LEU HA   H N N 178 
LEU HB2  H N N 179 
LEU HB3  H N N 180 
LEU HG   H N N 181 
LEU HD11 H N N 182 
LEU HD12 H N N 183 
LEU HD13 H N N 184 
LEU HD21 H N N 185 
LEU HD22 H N N 186 
LEU HD23 H N N 187 
LEU HXT  H N N 188 
LYS N    N N N 189 
LYS CA   C N S 190 
LYS C    C N N 191 
LYS O    O N N 192 
LYS CB   C N N 193 
LYS CG   C N N 194 
LYS CD   C N N 195 
LYS CE   C N N 196 
LYS NZ   N N N 197 
LYS OXT  O N N 198 
LYS H    H N N 199 
LYS H2   H N N 200 
LYS HA   H N N 201 
LYS HB2  H N N 202 
LYS HB3  H N N 203 
LYS HG2  H N N 204 
LYS HG3  H N N 205 
LYS HD2  H N N 206 
LYS HD3  H N N 207 
LYS HE2  H N N 208 
LYS HE3  H N N 209 
LYS HZ1  H N N 210 
LYS HZ2  H N N 211 
LYS HZ3  H N N 212 
LYS HXT  H N N 213 
PHE N    N N N 214 
PHE CA   C N S 215 
PHE C    C N N 216 
PHE O    O N N 217 
PHE CB   C N N 218 
PHE CG   C Y N 219 
PHE CD1  C Y N 220 
PHE CD2  C Y N 221 
PHE CE1  C Y N 222 
PHE CE2  C Y N 223 
PHE CZ   C Y N 224 
PHE OXT  O N N 225 
PHE H    H N N 226 
PHE H2   H N N 227 
PHE HA   H N N 228 
PHE HB2  H N N 229 
PHE HB3  H N N 230 
PHE HD1  H N N 231 
PHE HD2  H N N 232 
PHE HE1  H N N 233 
PHE HE2  H N N 234 
PHE HZ   H N N 235 
PHE HXT  H N N 236 
PRO N    N N N 237 
PRO CA   C N S 238 
PRO C    C N N 239 
PRO O    O N N 240 
PRO CB   C N N 241 
PRO CG   C N N 242 
PRO CD   C N N 243 
PRO OXT  O N N 244 
PRO H    H N N 245 
PRO HA   H N N 246 
PRO HB2  H N N 247 
PRO HB3  H N N 248 
PRO HG2  H N N 249 
PRO HG3  H N N 250 
PRO HD2  H N N 251 
PRO HD3  H N N 252 
PRO HXT  H N N 253 
SER N    N N N 254 
SER CA   C N S 255 
SER C    C N N 256 
SER O    O N N 257 
SER CB   C N N 258 
SER OG   O N N 259 
SER OXT  O N N 260 
SER H    H N N 261 
SER H2   H N N 262 
SER HA   H N N 263 
SER HB2  H N N 264 
SER HB3  H N N 265 
SER HG   H N N 266 
SER HXT  H N N 267 
THR N    N N N 268 
THR CA   C N S 269 
THR C    C N N 270 
THR O    O N N 271 
THR CB   C N R 272 
THR OG1  O N N 273 
THR CG2  C N N 274 
THR OXT  O N N 275 
THR H    H N N 276 
THR H2   H N N 277 
THR HA   H N N 278 
THR HB   H N N 279 
THR HG1  H N N 280 
THR HG21 H N N 281 
THR HG22 H N N 282 
THR HG23 H N N 283 
THR HXT  H N N 284 
TRP N    N N N 285 
TRP CA   C N S 286 
TRP C    C N N 287 
TRP O    O N N 288 
TRP CB   C N N 289 
TRP CG   C Y N 290 
TRP CD1  C Y N 291 
TRP CD2  C Y N 292 
TRP NE1  N Y N 293 
TRP CE2  C Y N 294 
TRP CE3  C Y N 295 
TRP CZ2  C Y N 296 
TRP CZ3  C Y N 297 
TRP CH2  C Y N 298 
TRP OXT  O N N 299 
TRP H    H N N 300 
TRP H2   H N N 301 
TRP HA   H N N 302 
TRP HB2  H N N 303 
TRP HB3  H N N 304 
TRP HD1  H N N 305 
TRP HE1  H N N 306 
TRP HE3  H N N 307 
TRP HZ2  H N N 308 
TRP HZ3  H N N 309 
TRP HH2  H N N 310 
TRP HXT  H N N 311 
TYR N    N N N 312 
TYR CA   C N S 313 
TYR C    C N N 314 
TYR O    O N N 315 
TYR CB   C N N 316 
TYR CG   C Y N 317 
TYR CD1  C Y N 318 
TYR CD2  C Y N 319 
TYR CE1  C Y N 320 
TYR CE2  C Y N 321 
TYR CZ   C Y N 322 
TYR OH   O N N 323 
TYR OXT  O N N 324 
TYR H    H N N 325 
TYR H2   H N N 326 
TYR HA   H N N 327 
TYR HB2  H N N 328 
TYR HB3  H N N 329 
TYR HD1  H N N 330 
TYR HD2  H N N 331 
TYR HE1  H N N 332 
TYR HE2  H N N 333 
TYR HH   H N N 334 
TYR HXT  H N N 335 
VAL N    N N N 336 
VAL CA   C N S 337 
VAL C    C N N 338 
VAL O    O N N 339 
VAL CB   C N N 340 
VAL CG1  C N N 341 
VAL CG2  C N N 342 
VAL OXT  O N N 343 
VAL H    H N N 344 
VAL H2   H N N 345 
VAL HA   H N N 346 
VAL HB   H N N 347 
VAL HG11 H N N 348 
VAL HG12 H N N 349 
VAL HG13 H N N 350 
VAL HG21 H N N 351 
VAL HG22 H N N 352 
VAL HG23 H N N 353 
VAL HXT  H N N 354 
# 
loop_
_chem_comp_bond.comp_id 
_chem_comp_bond.atom_id_1 
_chem_comp_bond.atom_id_2 
_chem_comp_bond.value_order 
_chem_comp_bond.pdbx_aromatic_flag 
_chem_comp_bond.pdbx_stereo_config 
_chem_comp_bond.pdbx_ordinal 
ARG N   CA   sing N N 1   
ARG N   H    sing N N 2   
ARG N   H2   sing N N 3   
ARG CA  C    sing N N 4   
ARG CA  CB   sing N N 5   
ARG CA  HA   sing N N 6   
ARG C   O    doub N N 7   
ARG C   OXT  sing N N 8   
ARG CB  CG   sing N N 9   
ARG CB  HB2  sing N N 10  
ARG CB  HB3  sing N N 11  
ARG CG  CD   sing N N 12  
ARG CG  HG2  sing N N 13  
ARG CG  HG3  sing N N 14  
ARG CD  NE   sing N N 15  
ARG CD  HD2  sing N N 16  
ARG CD  HD3  sing N N 17  
ARG NE  CZ   sing N N 18  
ARG NE  HE   sing N N 19  
ARG CZ  NH1  sing N N 20  
ARG CZ  NH2  doub N N 21  
ARG NH1 HH11 sing N N 22  
ARG NH1 HH12 sing N N 23  
ARG NH2 HH21 sing N N 24  
ARG NH2 HH22 sing N N 25  
ARG OXT HXT  sing N N 26  
ASN N   CA   sing N N 27  
ASN N   H    sing N N 28  
ASN N   H2   sing N N 29  
ASN CA  C    sing N N 30  
ASN CA  CB   sing N N 31  
ASN CA  HA   sing N N 32  
ASN C   O    doub N N 33  
ASN C   OXT  sing N N 34  
ASN CB  CG   sing N N 35  
ASN CB  HB2  sing N N 36  
ASN CB  HB3  sing N N 37  
ASN CG  OD1  doub N N 38  
ASN CG  ND2  sing N N 39  
ASN ND2 HD21 sing N N 40  
ASN ND2 HD22 sing N N 41  
ASN OXT HXT  sing N N 42  
ASP N   CA   sing N N 43  
ASP N   H    sing N N 44  
ASP N   H2   sing N N 45  
ASP CA  C    sing N N 46  
ASP CA  CB   sing N N 47  
ASP CA  HA   sing N N 48  
ASP C   O    doub N N 49  
ASP C   OXT  sing N N 50  
ASP CB  CG   sing N N 51  
ASP CB  HB2  sing N N 52  
ASP CB  HB3  sing N N 53  
ASP CG  OD1  doub N N 54  
ASP CG  OD2  sing N N 55  
ASP OD2 HD2  sing N N 56  
ASP OXT HXT  sing N N 57  
CYS N   CA   sing N N 58  
CYS N   H    sing N N 59  
CYS N   H2   sing N N 60  
CYS CA  C    sing N N 61  
CYS CA  CB   sing N N 62  
CYS CA  HA   sing N N 63  
CYS C   O    doub N N 64  
CYS C   OXT  sing N N 65  
CYS CB  SG   sing N N 66  
CYS CB  HB2  sing N N 67  
CYS CB  HB3  sing N N 68  
CYS SG  HG   sing N N 69  
CYS OXT HXT  sing N N 70  
GLN N   CA   sing N N 71  
GLN N   H    sing N N 72  
GLN N   H2   sing N N 73  
GLN CA  C    sing N N 74  
GLN CA  CB   sing N N 75  
GLN CA  HA   sing N N 76  
GLN C   O    doub N N 77  
GLN C   OXT  sing N N 78  
GLN CB  CG   sing N N 79  
GLN CB  HB2  sing N N 80  
GLN CB  HB3  sing N N 81  
GLN CG  CD   sing N N 82  
GLN CG  HG2  sing N N 83  
GLN CG  HG3  sing N N 84  
GLN CD  OE1  doub N N 85  
GLN CD  NE2  sing N N 86  
GLN NE2 HE21 sing N N 87  
GLN NE2 HE22 sing N N 88  
GLN OXT HXT  sing N N 89  
GLU N   CA   sing N N 90  
GLU N   H    sing N N 91  
GLU N   H2   sing N N 92  
GLU CA  C    sing N N 93  
GLU CA  CB   sing N N 94  
GLU CA  HA   sing N N 95  
GLU C   O    doub N N 96  
GLU C   OXT  sing N N 97  
GLU CB  CG   sing N N 98  
GLU CB  HB2  sing N N 99  
GLU CB  HB3  sing N N 100 
GLU CG  CD   sing N N 101 
GLU CG  HG2  sing N N 102 
GLU CG  HG3  sing N N 103 
GLU CD  OE1  doub N N 104 
GLU CD  OE2  sing N N 105 
GLU OE2 HE2  sing N N 106 
GLU OXT HXT  sing N N 107 
GLY N   CA   sing N N 108 
GLY N   H    sing N N 109 
GLY N   H2   sing N N 110 
GLY CA  C    sing N N 111 
GLY CA  HA2  sing N N 112 
GLY CA  HA3  sing N N 113 
GLY C   O    doub N N 114 
GLY C   OXT  sing N N 115 
GLY OXT HXT  sing N N 116 
HIS N   CA   sing N N 117 
HIS N   H    sing N N 118 
HIS N   H2   sing N N 119 
HIS CA  C    sing N N 120 
HIS CA  CB   sing N N 121 
HIS CA  HA   sing N N 122 
HIS C   O    doub N N 123 
HIS C   OXT  sing N N 124 
HIS CB  CG   sing N N 125 
HIS CB  HB2  sing N N 126 
HIS CB  HB3  sing N N 127 
HIS CG  ND1  sing Y N 128 
HIS CG  CD2  doub Y N 129 
HIS ND1 CE1  doub Y N 130 
HIS ND1 HD1  sing N N 131 
HIS CD2 NE2  sing Y N 132 
HIS CD2 HD2  sing N N 133 
HIS CE1 NE2  sing Y N 134 
HIS CE1 HE1  sing N N 135 
HIS NE2 HE2  sing N N 136 
HIS OXT HXT  sing N N 137 
ILE N   CA   sing N N 138 
ILE N   H    sing N N 139 
ILE N   H2   sing N N 140 
ILE CA  C    sing N N 141 
ILE CA  CB   sing N N 142 
ILE CA  HA   sing N N 143 
ILE C   O    doub N N 144 
ILE C   OXT  sing N N 145 
ILE CB  CG1  sing N N 146 
ILE CB  CG2  sing N N 147 
ILE CB  HB   sing N N 148 
ILE CG1 CD1  sing N N 149 
ILE CG1 HG12 sing N N 150 
ILE CG1 HG13 sing N N 151 
ILE CG2 HG21 sing N N 152 
ILE CG2 HG22 sing N N 153 
ILE CG2 HG23 sing N N 154 
ILE CD1 HD11 sing N N 155 
ILE CD1 HD12 sing N N 156 
ILE CD1 HD13 sing N N 157 
ILE OXT HXT  sing N N 158 
LEU N   CA   sing N N 159 
LEU N   H    sing N N 160 
LEU N   H2   sing N N 161 
LEU CA  C    sing N N 162 
LEU CA  CB   sing N N 163 
LEU CA  HA   sing N N 164 
LEU C   O    doub N N 165 
LEU C   OXT  sing N N 166 
LEU CB  CG   sing N N 167 
LEU CB  HB2  sing N N 168 
LEU CB  HB3  sing N N 169 
LEU CG  CD1  sing N N 170 
LEU CG  CD2  sing N N 171 
LEU CG  HG   sing N N 172 
LEU CD1 HD11 sing N N 173 
LEU CD1 HD12 sing N N 174 
LEU CD1 HD13 sing N N 175 
LEU CD2 HD21 sing N N 176 
LEU CD2 HD22 sing N N 177 
LEU CD2 HD23 sing N N 178 
LEU OXT HXT  sing N N 179 
LYS N   CA   sing N N 180 
LYS N   H    sing N N 181 
LYS N   H2   sing N N 182 
LYS CA  C    sing N N 183 
LYS CA  CB   sing N N 184 
LYS CA  HA   sing N N 185 
LYS C   O    doub N N 186 
LYS C   OXT  sing N N 187 
LYS CB  CG   sing N N 188 
LYS CB  HB2  sing N N 189 
LYS CB  HB3  sing N N 190 
LYS CG  CD   sing N N 191 
LYS CG  HG2  sing N N 192 
LYS CG  HG3  sing N N 193 
LYS CD  CE   sing N N 194 
LYS CD  HD2  sing N N 195 
LYS CD  HD3  sing N N 196 
LYS CE  NZ   sing N N 197 
LYS CE  HE2  sing N N 198 
LYS CE  HE3  sing N N 199 
LYS NZ  HZ1  sing N N 200 
LYS NZ  HZ2  sing N N 201 
LYS NZ  HZ3  sing N N 202 
LYS OXT HXT  sing N N 203 
PHE N   CA   sing N N 204 
PHE N   H    sing N N 205 
PHE N   H2   sing N N 206 
PHE CA  C    sing N N 207 
PHE CA  CB   sing N N 208 
PHE CA  HA   sing N N 209 
PHE C   O    doub N N 210 
PHE C   OXT  sing N N 211 
PHE CB  CG   sing N N 212 
PHE CB  HB2  sing N N 213 
PHE CB  HB3  sing N N 214 
PHE CG  CD1  doub Y N 215 
PHE CG  CD2  sing Y N 216 
PHE CD1 CE1  sing Y N 217 
PHE CD1 HD1  sing N N 218 
PHE CD2 CE2  doub Y N 219 
PHE CD2 HD2  sing N N 220 
PHE CE1 CZ   doub Y N 221 
PHE CE1 HE1  sing N N 222 
PHE CE2 CZ   sing Y N 223 
PHE CE2 HE2  sing N N 224 
PHE CZ  HZ   sing N N 225 
PHE OXT HXT  sing N N 226 
PRO N   CA   sing N N 227 
PRO N   CD   sing N N 228 
PRO N   H    sing N N 229 
PRO CA  C    sing N N 230 
PRO CA  CB   sing N N 231 
PRO CA  HA   sing N N 232 
PRO C   O    doub N N 233 
PRO C   OXT  sing N N 234 
PRO CB  CG   sing N N 235 
PRO CB  HB2  sing N N 236 
PRO CB  HB3  sing N N 237 
PRO CG  CD   sing N N 238 
PRO CG  HG2  sing N N 239 
PRO CG  HG3  sing N N 240 
PRO CD  HD2  sing N N 241 
PRO CD  HD3  sing N N 242 
PRO OXT HXT  sing N N 243 
SER N   CA   sing N N 244 
SER N   H    sing N N 245 
SER N   H2   sing N N 246 
SER CA  C    sing N N 247 
SER CA  CB   sing N N 248 
SER CA  HA   sing N N 249 
SER C   O    doub N N 250 
SER C   OXT  sing N N 251 
SER CB  OG   sing N N 252 
SER CB  HB2  sing N N 253 
SER CB  HB3  sing N N 254 
SER OG  HG   sing N N 255 
SER OXT HXT  sing N N 256 
THR N   CA   sing N N 257 
THR N   H    sing N N 258 
THR N   H2   sing N N 259 
THR CA  C    sing N N 260 
THR CA  CB   sing N N 261 
THR CA  HA   sing N N 262 
THR C   O    doub N N 263 
THR C   OXT  sing N N 264 
THR CB  OG1  sing N N 265 
THR CB  CG2  sing N N 266 
THR CB  HB   sing N N 267 
THR OG1 HG1  sing N N 268 
THR CG2 HG21 sing N N 269 
THR CG2 HG22 sing N N 270 
THR CG2 HG23 sing N N 271 
THR OXT HXT  sing N N 272 
TRP N   CA   sing N N 273 
TRP N   H    sing N N 274 
TRP N   H2   sing N N 275 
TRP CA  C    sing N N 276 
TRP CA  CB   sing N N 277 
TRP CA  HA   sing N N 278 
TRP C   O    doub N N 279 
TRP C   OXT  sing N N 280 
TRP CB  CG   sing N N 281 
TRP CB  HB2  sing N N 282 
TRP CB  HB3  sing N N 283 
TRP CG  CD1  doub Y N 284 
TRP CG  CD2  sing Y N 285 
TRP CD1 NE1  sing Y N 286 
TRP CD1 HD1  sing N N 287 
TRP CD2 CE2  doub Y N 288 
TRP CD2 CE3  sing Y N 289 
TRP NE1 CE2  sing Y N 290 
TRP NE1 HE1  sing N N 291 
TRP CE2 CZ2  sing Y N 292 
TRP CE3 CZ3  doub Y N 293 
TRP CE3 HE3  sing N N 294 
TRP CZ2 CH2  doub Y N 295 
TRP CZ2 HZ2  sing N N 296 
TRP CZ3 CH2  sing Y N 297 
TRP CZ3 HZ3  sing N N 298 
TRP CH2 HH2  sing N N 299 
TRP OXT HXT  sing N N 300 
TYR N   CA   sing N N 301 
TYR N   H    sing N N 302 
TYR N   H2   sing N N 303 
TYR CA  C    sing N N 304 
TYR CA  CB   sing N N 305 
TYR CA  HA   sing N N 306 
TYR C   O    doub N N 307 
TYR C   OXT  sing N N 308 
TYR CB  CG   sing N N 309 
TYR CB  HB2  sing N N 310 
TYR CB  HB3  sing N N 311 
TYR CG  CD1  doub Y N 312 
TYR CG  CD2  sing Y N 313 
TYR CD1 CE1  sing Y N 314 
TYR CD1 HD1  sing N N 315 
TYR CD2 CE2  doub Y N 316 
TYR CD2 HD2  sing N N 317 
TYR CE1 CZ   doub Y N 318 
TYR CE1 HE1  sing N N 319 
TYR CE2 CZ   sing Y N 320 
TYR CE2 HE2  sing N N 321 
TYR CZ  OH   sing N N 322 
TYR OH  HH   sing N N 323 
TYR OXT HXT  sing N N 324 
VAL N   CA   sing N N 325 
VAL N   H    sing N N 326 
VAL N   H2   sing N N 327 
VAL CA  C    sing N N 328 
VAL CA  CB   sing N N 329 
VAL CA  HA   sing N N 330 
VAL C   O    doub N N 331 
VAL C   OXT  sing N N 332 
VAL CB  CG1  sing N N 333 
VAL CB  CG2  sing N N 334 
VAL CB  HB   sing N N 335 
VAL CG1 HG11 sing N N 336 
VAL CG1 HG12 sing N N 337 
VAL CG1 HG13 sing N N 338 
VAL CG2 HG21 sing N N 339 
VAL CG2 HG22 sing N N 340 
VAL CG2 HG23 sing N N 341 
VAL OXT HXT  sing N N 342 
# 
_pdbx_nmr_spectrometer.spectrometer_id   1 
_pdbx_nmr_spectrometer.model             AM600 
_pdbx_nmr_spectrometer.manufacturer      Bruker 
_pdbx_nmr_spectrometer.field_strength    600 
_pdbx_nmr_spectrometer.type              ? 
# 
_atom_sites.entry_id                    2B3C 
_atom_sites.fract_transf_matrix[1][1]   1.000000 
_atom_sites.fract_transf_matrix[1][2]   0.000000 
_atom_sites.fract_transf_matrix[1][3]   0.000000 
_atom_sites.fract_transf_matrix[2][1]   0.000000 
_atom_sites.fract_transf_matrix[2][2]   1.000000 
_atom_sites.fract_transf_matrix[2][3]   0.000000 
_atom_sites.fract_transf_matrix[3][1]   0.000000 
_atom_sites.fract_transf_matrix[3][2]   0.000000 
_atom_sites.fract_transf_matrix[3][3]   1.000000 
_atom_sites.fract_transf_vector[1]      0.00000 
_atom_sites.fract_transf_vector[2]      0.00000 
_atom_sites.fract_transf_vector[3]      0.00000 
# 
loop_
_atom_type.symbol 
C 
H 
N 
O 
S 
# 
loop_
_atom_site.group_PDB 
_atom_site.id 
_atom_site.type_symbol 
_atom_site.label_atom_id 
_atom_site.label_alt_id 
_atom_site.label_comp_id 
_atom_site.label_asym_id 
_atom_site.label_entity_id 
_atom_site.label_seq_id 
_atom_site.pdbx_PDB_ins_code 
_atom_site.Cartn_x 
_atom_site.Cartn_y 
_atom_site.Cartn_z 
_atom_site.occupancy 
_atom_site.B_iso_or_equiv 
_atom_site.pdbx_formal_charge 
_atom_site.auth_seq_id 
_atom_site.auth_comp_id 
_atom_site.auth_asym_id 
_atom_site.auth_atom_id 
_atom_site.pdbx_PDB_model_num 
ATOM 1   N N    . LYS A 1 1  ? -3.267  -12.272 0.418   1.00 1.56 ? 1  LYS A N    1 
ATOM 2   C CA   . LYS A 1 1  ? -2.796  -11.551 1.636   1.00 1.01 ? 1  LYS A CA   1 
ATOM 3   C C    . LYS A 1 1  ? -2.971  -10.040 1.458   1.00 0.85 ? 1  LYS A C    1 
ATOM 4   O O    . LYS A 1 1  ? -2.705  -9.494  0.406   1.00 1.14 ? 1  LYS A O    1 
ATOM 5   C CB   . LYS A 1 1  ? -1.315  -11.908 1.759   1.00 1.34 ? 1  LYS A CB   1 
ATOM 6   C CG   . LYS A 1 1  ? -0.775  -11.400 3.097   1.00 1.78 ? 1  LYS A CG   1 
ATOM 7   C CD   . LYS A 1 1  ? 0.734   -11.645 3.165   1.00 2.57 ? 1  LYS A CD   1 
ATOM 8   C CE   . LYS A 1 1  ? 1.471   -10.484 2.492   1.00 2.95 ? 1  LYS A CE   1 
ATOM 9   N NZ   . LYS A 1 1  ? 2.739   -11.075 1.983   1.00 3.92 ? 1  LYS A NZ   1 
ATOM 10  H H1   . LYS A 1 1  ? -2.991  -11.737 -0.429  1.00 1.98 ? 1  LYS A H1   1 
ATOM 11  H H2   . LYS A 1 1  ? -2.833  -13.216 0.385   1.00 2.02 ? 1  LYS A H2   1 
ATOM 12  H H3   . LYS A 1 1  ? -4.303  -12.365 0.451   1.00 1.95 ? 1  LYS A H3   1 
ATOM 13  H HA   . LYS A 1 1  ? -3.331  -11.893 2.508   1.00 1.20 ? 1  LYS A HA   1 
ATOM 14  H HB2  . LYS A 1 1  ? -1.198  -12.981 1.706   1.00 1.94 ? 1  LYS A HB2  1 
ATOM 15  H HB3  . LYS A 1 1  ? -0.765  -11.446 0.953   1.00 1.80 ? 1  LYS A HB3  1 
ATOM 16  H HG2  . LYS A 1 1  ? -0.974  -10.342 3.187   1.00 2.16 ? 1  LYS A HG2  1 
ATOM 17  H HG3  . LYS A 1 1  ? -1.260  -11.928 3.904   1.00 2.21 ? 1  LYS A HG3  1 
ATOM 18  H HD2  . LYS A 1 1  ? 1.040   -11.717 4.199   1.00 3.01 ? 1  LYS A HD2  1 
ATOM 19  H HD3  . LYS A 1 1  ? 0.972   -12.565 2.653   1.00 3.01 ? 1  LYS A HD3  1 
ATOM 20  H HE2  . LYS A 1 1  ? 0.881   -10.090 1.676   1.00 2.87 ? 1  LYS A HE2  1 
ATOM 21  H HE3  . LYS A 1 1  ? 1.687   -9.708  3.212   1.00 3.14 ? 1  LYS A HE3  1 
ATOM 22  H HZ1  . LYS A 1 1  ? 2.593   -12.084 1.776   1.00 4.27 ? 1  LYS A HZ1  1 
ATOM 23  H HZ2  . LYS A 1 1  ? 3.027   -10.581 1.115   1.00 4.25 ? 1  LYS A HZ2  1 
ATOM 24  H HZ3  . LYS A 1 1  ? 3.483   -10.976 2.703   1.00 4.36 ? 1  LYS A HZ3  1 
ATOM 25  N N    . ASP A 1 2  ? -3.418  -9.361  2.480   1.00 0.65 ? 2  ASP A N    1 
ATOM 26  C CA   . ASP A 1 2  ? -3.609  -7.886  2.371   1.00 0.56 ? 2  ASP A CA   1 
ATOM 27  C C    . ASP A 1 2  ? -2.552  -7.155  3.201   1.00 0.57 ? 2  ASP A C    1 
ATOM 28  O O    . ASP A 1 2  ? -2.015  -7.690  4.152   1.00 0.77 ? 2  ASP A O    1 
ATOM 29  C CB   . ASP A 1 2  ? -5.006  -7.627  2.934   1.00 0.70 ? 2  ASP A CB   1 
ATOM 30  C CG   . ASP A 1 2  ? -5.998  -8.612  2.312   1.00 0.85 ? 2  ASP A CG   1 
ATOM 31  O OD1  . ASP A 1 2  ? -5.891  -8.858  1.122   1.00 1.47 ? 2  ASP A OD1  1 
ATOM 32  O OD2  . ASP A 1 2  ? -6.848  -9.103  3.036   1.00 1.39 ? 2  ASP A OD2  1 
ATOM 33  H H    . ASP A 1 2  ? -3.626  -9.822  3.320   1.00 0.83 ? 2  ASP A H    1 
ATOM 34  H HA   . ASP A 1 2  ? -3.562  -7.575  1.339   1.00 0.60 ? 2  ASP A HA   1 
ATOM 35  H HB2  . ASP A 1 2  ? -4.991  -7.758  4.006   1.00 0.79 ? 2  ASP A HB2  1 
ATOM 36  H HB3  . ASP A 1 2  ? -5.308  -6.618  2.697   1.00 0.80 ? 2  ASP A HB3  1 
ATOM 37  N N    . GLY A 1 3  ? -2.248  -5.935  2.852   1.00 0.50 ? 3  GLY A N    1 
ATOM 38  C CA   . GLY A 1 3  ? -1.227  -5.173  3.624   1.00 0.61 ? 3  GLY A CA   1 
ATOM 39  C C    . GLY A 1 3  ? -1.307  -3.692  3.256   1.00 0.50 ? 3  GLY A C    1 
ATOM 40  O O    . GLY A 1 3  ? -2.082  -3.293  2.408   1.00 0.47 ? 3  GLY A O    1 
ATOM 41  H H    . GLY A 1 3  ? -2.692  -5.521  2.084   1.00 0.51 ? 3  GLY A H    1 
ATOM 42  H HA2  . GLY A 1 3  ? -1.413  -5.293  4.683   1.00 0.76 ? 3  GLY A HA2  1 
ATOM 43  H HA3  . GLY A 1 3  ? -0.243  -5.547  3.387   1.00 0.75 ? 3  GLY A HA3  1 
ATOM 44  N N    . TYR A 1 4  ? -0.511  -2.871  3.886   1.00 0.59 ? 4  TYR A N    1 
ATOM 45  C CA   . TYR A 1 4  ? -0.540  -1.414  3.572   1.00 0.53 ? 4  TYR A CA   1 
ATOM 46  C C    . TYR A 1 4  ? 0.744   -1.004  2.845   1.00 0.57 ? 4  TYR A C    1 
ATOM 47  O O    . TYR A 1 4  ? 1.805   -1.544  3.086   1.00 0.80 ? 4  TYR A O    1 
ATOM 48  C CB   . TYR A 1 4  ? -0.632  -0.720  4.931   1.00 0.58 ? 4  TYR A CB   1 
ATOM 49  C CG   . TYR A 1 4  ? -2.076  -0.398  5.236   1.00 0.57 ? 4  TYR A CG   1 
ATOM 50  C CD1  . TYR A 1 4  ? -2.700  0.683   4.603   1.00 1.31 ? 4  TYR A CD1  1 
ATOM 51  C CD2  . TYR A 1 4  ? -2.789  -1.180  6.152   1.00 1.27 ? 4  TYR A CD2  1 
ATOM 52  C CE1  . TYR A 1 4  ? -4.038  0.983   4.885   1.00 1.39 ? 4  TYR A CE1  1 
ATOM 53  C CE2  . TYR A 1 4  ? -4.127  -0.880  6.436   1.00 1.33 ? 4  TYR A CE2  1 
ATOM 54  C CZ   . TYR A 1 4  ? -4.751  0.201   5.802   1.00 0.83 ? 4  TYR A CZ   1 
ATOM 55  O OH   . TYR A 1 4  ? -6.071  0.497   6.081   1.00 1.02 ? 4  TYR A OH   1 
ATOM 56  H H    . TYR A 1 4  ? 0.106   -3.214  4.565   1.00 0.76 ? 4  TYR A H    1 
ATOM 57  H HA   . TYR A 1 4  ? -1.406  -1.173  2.975   1.00 0.52 ? 4  TYR A HA   1 
ATOM 58  H HB2  . TYR A 1 4  ? -0.238  -1.373  5.696   1.00 0.64 ? 4  TYR A HB2  1 
ATOM 59  H HB3  . TYR A 1 4  ? -0.058  0.195   4.908   1.00 0.71 ? 4  TYR A HB3  1 
ATOM 60  H HD1  . TYR A 1 4  ? -2.150  1.287   3.895   1.00 2.11 ? 4  TYR A HD1  1 
ATOM 61  H HD2  . TYR A 1 4  ? -2.307  -2.014  6.641   1.00 2.09 ? 4  TYR A HD2  1 
ATOM 62  H HE1  . TYR A 1 4  ? -4.520  1.817   4.397   1.00 2.21 ? 4  TYR A HE1  1 
ATOM 63  H HE2  . TYR A 1 4  ? -4.677  -1.483  7.142   1.00 2.13 ? 4  TYR A HE2  1 
ATOM 64  H HH   . TYR A 1 4  ? -6.103  0.931   6.937   1.00 1.39 ? 4  TYR A HH   1 
ATOM 65  N N    . LEU A 1 5  ? 0.656   -0.053  1.955   1.00 0.75 ? 5  LEU A N    1 
ATOM 66  C CA   . LEU A 1 5  ? 1.872   0.389   1.215   1.00 0.83 ? 5  LEU A CA   1 
ATOM 67  C C    . LEU A 1 5  ? 2.646   1.422   2.038   1.00 0.68 ? 5  LEU A C    1 
ATOM 68  O O    . LEU A 1 5  ? 2.082   2.144   2.835   1.00 0.73 ? 5  LEU A O    1 
ATOM 69  C CB   . LEU A 1 5  ? 1.344   1.019   -0.075  1.00 1.13 ? 5  LEU A CB   1 
ATOM 70  C CG   . LEU A 1 5  ? 1.571   0.057   -1.244  1.00 1.43 ? 5  LEU A CG   1 
ATOM 71  C CD1  . LEU A 1 5  ? 0.872   0.596   -2.494  1.00 1.78 ? 5  LEU A CD1  1 
ATOM 72  C CD2  . LEU A 1 5  ? 3.071   -0.071  -1.515  1.00 1.63 ? 5  LEU A CD2  1 
ATOM 73  H H    . LEU A 1 5  ? -0.209  0.370   1.774   1.00 1.01 ? 5  LEU A H    1 
ATOM 74  H HA   . LEU A 1 5  ? 2.500   -0.456  0.982   1.00 0.90 ? 5  LEU A HA   1 
ATOM 75  H HB2  . LEU A 1 5  ? 0.287   1.219   0.029   1.00 1.21 ? 5  LEU A HB2  1 
ATOM 76  H HB3  . LEU A 1 5  ? 1.868   1.943   -0.265  1.00 1.26 ? 5  LEU A HB3  1 
ATOM 77  H HG   . LEU A 1 5  ? 1.164   -0.912  -0.995  1.00 1.57 ? 5  LEU A HG   1 
ATOM 78  H HD11 . LEU A 1 5  ? 0.655   1.646   -2.360  1.00 2.05 ? 5  LEU A HD11 1 
ATOM 79  H HD12 . LEU A 1 5  ? 1.518   0.469   -3.350  1.00 2.25 ? 5  LEU A HD12 1 
ATOM 80  H HD13 . LEU A 1 5  ? -0.048  0.056   -2.653  1.00 2.11 ? 5  LEU A HD13 1 
ATOM 81  H HD21 . LEU A 1 5  ? 3.579   0.812   -1.156  1.00 1.90 ? 5  LEU A HD21 1 
ATOM 82  H HD22 . LEU A 1 5  ? 3.457   -0.940  -1.001  1.00 2.10 ? 5  LEU A HD22 1 
ATOM 83  H HD23 . LEU A 1 5  ? 3.238   -0.176  -2.576  1.00 1.95 ? 5  LEU A HD23 1 
ATOM 84  N N    . VAL A 1 6  ? 3.935   1.496   1.851   1.00 0.70 ? 6  VAL A N    1 
ATOM 85  C CA   . VAL A 1 6  ? 4.746   2.481   2.621   1.00 0.62 ? 6  VAL A CA   1 
ATOM 86  C C    . VAL A 1 6  ? 5.219   3.609   1.703   1.00 0.74 ? 6  VAL A C    1 
ATOM 87  O O    . VAL A 1 6  ? 4.765   3.745   0.583   1.00 0.89 ? 6  VAL A O    1 
ATOM 88  C CB   . VAL A 1 6  ? 5.941   1.687   3.147   1.00 0.59 ? 6  VAL A CB   1 
ATOM 89  C CG1  . VAL A 1 6  ? 5.444   0.417   3.840   1.00 0.61 ? 6  VAL A CG1  1 
ATOM 90  C CG2  . VAL A 1 6  ? 6.853   1.305   1.980   1.00 0.72 ? 6  VAL A CG2  1 
ATOM 91  H H    . VAL A 1 6  ? 4.370   0.903   1.202   1.00 0.88 ? 6  VAL A H    1 
ATOM 92  H HA   . VAL A 1 6  ? 4.176   2.880   3.445   1.00 0.62 ? 6  VAL A HA   1 
ATOM 93  H HB   . VAL A 1 6  ? 6.491   2.291   3.855   1.00 0.61 ? 6  VAL A HB   1 
ATOM 94  H HG11 . VAL A 1 6  ? 4.806   -0.134  3.166   1.00 1.14 ? 6  VAL A HG11 1 
ATOM 95  H HG12 . VAL A 1 6  ? 6.290   -0.195  4.117   1.00 1.23 ? 6  VAL A HG12 1 
ATOM 96  H HG13 . VAL A 1 6  ? 4.888   0.685   4.725   1.00 1.19 ? 6  VAL A HG13 1 
ATOM 97  H HG21 . VAL A 1 6  ? 6.324   1.448   1.049   1.00 1.30 ? 6  VAL A HG21 1 
ATOM 98  H HG22 . VAL A 1 6  ? 7.734   1.928   1.993   1.00 1.25 ? 6  VAL A HG22 1 
ATOM 99  H HG23 . VAL A 1 6  ? 7.143   0.269   2.073   1.00 1.24 ? 6  VAL A HG23 1 
ATOM 100 N N    . GLU A 1 7  ? 6.128   4.416   2.169   1.00 0.76 ? 7  GLU A N    1 
ATOM 101 C CA   . GLU A 1 7  ? 6.636   5.536   1.324   1.00 0.91 ? 7  GLU A CA   1 
ATOM 102 C C    . GLU A 1 7  ? 8.164   5.493   1.256   1.00 1.00 ? 7  GLU A C    1 
ATOM 103 O O    . GLU A 1 7  ? 8.800   4.667   1.881   1.00 0.97 ? 7  GLU A O    1 
ATOM 104 C CB   . GLU A 1 7  ? 6.167   6.811   2.028   1.00 0.92 ? 7  GLU A CB   1 
ATOM 105 C CG   . GLU A 1 7  ? 5.486   7.732   1.014   1.00 1.36 ? 7  GLU A CG   1 
ATOM 106 C CD   . GLU A 1 7  ? 5.867   9.186   1.303   1.00 1.85 ? 7  GLU A CD   1 
ATOM 107 O OE1  . GLU A 1 7  ? 6.796   9.393   2.066   1.00 2.34 ? 7  GLU A OE1  1 
ATOM 108 O OE2  . GLU A 1 7  ? 5.223   10.067  0.757   1.00 2.50 ? 7  GLU A OE2  1 
ATOM 109 H H    . GLU A 1 7  ? 6.480   4.285   3.074   1.00 0.72 ? 7  GLU A H    1 
ATOM 110 H HA   . GLU A 1 7  ? 6.212   5.484   0.335   1.00 1.05 ? 7  GLU A HA   1 
ATOM 111 H HB2  . GLU A 1 7  ? 5.467   6.554   2.810   1.00 1.10 ? 7  GLU A HB2  1 
ATOM 112 H HB3  . GLU A 1 7  ? 7.018   7.318   2.458   1.00 1.25 ? 7  GLU A HB3  1 
ATOM 113 H HG2  . GLU A 1 7  ? 5.806   7.468   0.016   1.00 1.98 ? 7  GLU A HG2  1 
ATOM 114 H HG3  . GLU A 1 7  ? 4.414   7.622   1.090   1.00 1.71 ? 7  GLU A HG3  1 
ATOM 115 N N    . LYS A 1 8  ? 8.759   6.375   0.502   1.00 1.19 ? 8  LYS A N    1 
ATOM 116 C CA   . LYS A 1 8  ? 10.246  6.382   0.395   1.00 1.37 ? 8  LYS A CA   1 
ATOM 117 C C    . LYS A 1 8  ? 10.875  6.309   1.789   1.00 1.31 ? 8  LYS A C    1 
ATOM 118 O O    . LYS A 1 8  ? 11.605  5.390   2.104   1.00 1.42 ? 8  LYS A O    1 
ATOM 119 C CB   . LYS A 1 8  ? 10.588  7.711   -0.278  1.00 1.57 ? 8  LYS A CB   1 
ATOM 120 C CG   . LYS A 1 8  ? 11.227  7.443   -1.642  1.00 2.23 ? 8  LYS A CG   1 
ATOM 121 C CD   . LYS A 1 8  ? 10.957  8.625   -2.574  1.00 2.62 ? 8  LYS A CD   1 
ATOM 122 C CE   . LYS A 1 8  ? 12.260  9.044   -3.258  1.00 3.10 ? 8  LYS A CE   1 
ATOM 123 N NZ   . LYS A 1 8  ? 12.414  8.102   -4.400  1.00 3.90 ? 8  LYS A NZ   1 
ATOM 124 H H    . LYS A 1 8  ? 8.230   7.033   0.005   1.00 1.26 ? 8  LYS A H    1 
ATOM 125 H HA   . LYS A 1 8  ? 10.584  5.561   -0.216  1.00 1.47 ? 8  LYS A HA   1 
ATOM 126 H HB2  . LYS A 1 8  ? 9.686   8.290   -0.409  1.00 1.76 ? 8  LYS A HB2  1 
ATOM 127 H HB3  . LYS A 1 8  ? 11.282  8.260   0.340   1.00 1.77 ? 8  LYS A HB3  1 
ATOM 128 H HG2  . LYS A 1 8  ? 12.293  7.316   -1.520  1.00 2.69 ? 8  LYS A HG2  1 
ATOM 129 H HG3  . LYS A 1 8  ? 10.803  6.546   -2.069  1.00 2.76 ? 8  LYS A HG3  1 
ATOM 130 H HD2  . LYS A 1 8  ? 10.233  8.335   -3.322  1.00 3.00 ? 8  LYS A HD2  1 
ATOM 131 H HD3  . LYS A 1 8  ? 10.570  9.454   -2.001  1.00 2.94 ? 8  LYS A HD3  1 
ATOM 132 H HE2  . LYS A 1 8  ? 12.187  10.063  -3.614  1.00 3.27 ? 8  LYS A HE2  1 
ATOM 133 H HE3  . LYS A 1 8  ? 13.093  8.940   -2.580  1.00 3.36 ? 8  LYS A HE3  1 
ATOM 134 H HZ1  . LYS A 1 8  ? 11.476  7.763   -4.699  1.00 4.26 ? 8  LYS A HZ1  1 
ATOM 135 H HZ2  . LYS A 1 8  ? 12.875  8.592   -5.193  1.00 4.25 ? 8  LYS A HZ2  1 
ATOM 136 H HZ3  . LYS A 1 8  ? 12.995  7.291   -4.107  1.00 4.24 ? 8  LYS A HZ3  1 
ATOM 137 N N    . THR A 1 9  ? 10.597  7.270   2.627   1.00 1.24 ? 9  THR A N    1 
ATOM 138 C CA   . THR A 1 9  ? 11.179  7.253   3.998   1.00 1.30 ? 9  THR A CA   1 
ATOM 139 C C    . THR A 1 9  ? 10.611  6.078   4.798   1.00 1.12 ? 9  THR A C    1 
ATOM 140 O O    . THR A 1 9  ? 11.110  5.730   5.849   1.00 1.24 ? 9  THR A O    1 
ATOM 141 C CB   . THR A 1 9  ? 10.755  8.582   4.623   1.00 1.38 ? 9  THR A CB   1 
ATOM 142 O OG1  . THR A 1 9  ? 9.337   8.632   4.711   1.00 1.22 ? 9  THR A OG1  1 
ATOM 143 C CG2  . THR A 1 9  ? 11.256  9.739   3.755   1.00 1.67 ? 9  THR A CG2  1 
ATOM 144 H H    . THR A 1 9  ? 10.006  8.003   2.355   1.00 1.24 ? 9  THR A H    1 
ATOM 145 H HA   . THR A 1 9  ? 12.255  7.194   3.951   1.00 1.47 ? 9  THR A HA   1 
ATOM 146 H HB   . THR A 1 9  ? 11.180  8.669   5.609   1.00 1.50 ? 9  THR A HB   1 
ATOM 147 H HG1  . THR A 1 9  ? 9.070   9.553   4.658   1.00 1.51 ? 9  THR A HG1  1 
ATOM 148 H HG21 . THR A 1 9  ? 12.319  9.633   3.595   1.00 2.01 ? 9  THR A HG21 1 
ATOM 149 H HG22 . THR A 1 9  ? 10.745  9.723   2.804   1.00 1.96 ? 9  THR A HG22 1 
ATOM 150 H HG23 . THR A 1 9  ? 11.058  10.675  4.255   1.00 2.08 ? 9  THR A HG23 1 
ATOM 151 N N    . GLY A 1 10 ? 9.570   5.462   4.307   1.00 0.94 ? 10 GLY A N    1 
ATOM 152 C CA   . GLY A 1 10 ? 8.971   4.310   5.041   1.00 0.80 ? 10 GLY A CA   1 
ATOM 153 C C    . GLY A 1 10 ? 7.580   4.690   5.547   1.00 0.68 ? 10 GLY A C    1 
ATOM 154 O O    . GLY A 1 10 ? 6.729   3.846   5.744   1.00 0.70 ? 10 GLY A O    1 
ATOM 155 H H    . GLY A 1 10 ? 9.182   5.757   3.458   1.00 0.97 ? 10 GLY A H    1 
ATOM 156 H HA2  . GLY A 1 10 ? 8.896   3.462   4.375   1.00 0.78 ? 10 GLY A HA2  1 
ATOM 157 H HA3  . GLY A 1 10 ? 9.599   4.054   5.881   1.00 0.88 ? 10 GLY A HA3  1 
ATOM 158 N N    . CYS A 1 11 ? 7.339   5.955   5.760   1.00 0.77 ? 11 CYS A N    1 
ATOM 159 C CA   . CYS A 1 11 ? 5.999   6.385   6.254   1.00 0.74 ? 11 CYS A CA   1 
ATOM 160 C C    . CYS A 1 11 ? 4.895   5.770   5.390   1.00 0.67 ? 11 CYS A C    1 
ATOM 161 O O    . CYS A 1 11 ? 5.157   5.159   4.373   1.00 0.88 ? 11 CYS A O    1 
ATOM 162 C CB   . CYS A 1 11 ? 5.998   7.909   6.118   1.00 0.88 ? 11 CYS A CB   1 
ATOM 163 S SG   . CYS A 1 11 ? 6.632   8.651   7.641   1.00 1.16 ? 11 CYS A SG   1 
ATOM 164 H H    . CYS A 1 11 ? 8.038   6.622   5.596   1.00 0.97 ? 11 CYS A H    1 
ATOM 165 H HA   . CYS A 1 11 ? 5.870   6.107   7.288   1.00 0.79 ? 11 CYS A HA   1 
ATOM 166 H HB2  . CYS A 1 11 ? 6.627   8.196   5.288   1.00 1.00 ? 11 CYS A HB2  1 
ATOM 167 H HB3  . CYS A 1 11 ? 4.989   8.253   5.942   1.00 0.95 ? 11 CYS A HB3  1 
ATOM 168 N N    . LYS A 1 12 ? 3.662   5.928   5.786   1.00 0.71 ? 12 LYS A N    1 
ATOM 169 C CA   . LYS A 1 12 ? 2.542   5.355   4.988   1.00 0.71 ? 12 LYS A CA   1 
ATOM 170 C C    . LYS A 1 12 ? 1.982   6.410   4.032   1.00 0.62 ? 12 LYS A C    1 
ATOM 171 O O    . LYS A 1 12 ? 2.557   7.464   3.849   1.00 0.62 ? 12 LYS A O    1 
ATOM 172 C CB   . LYS A 1 12 ? 1.483   4.951   6.015   1.00 0.89 ? 12 LYS A CB   1 
ATOM 173 C CG   . LYS A 1 12 ? 1.202   6.124   6.957   1.00 1.31 ? 12 LYS A CG   1 
ATOM 174 C CD   . LYS A 1 12 ? -0.163  5.931   7.619   1.00 1.79 ? 12 LYS A CD   1 
ATOM 175 C CE   . LYS A 1 12 ? -0.682  7.281   8.120   1.00 2.44 ? 12 LYS A CE   1 
ATOM 176 N NZ   . LYS A 1 12 ? -0.785  7.128   9.598   1.00 2.96 ? 12 LYS A NZ   1 
ATOM 177 H H    . LYS A 1 12 ? 3.472   6.424   6.608   1.00 0.95 ? 12 LYS A H    1 
ATOM 178 H HA   . LYS A 1 12 ? 2.873   4.488   4.441   1.00 0.77 ? 12 LYS A HA   1 
ATOM 179 H HB2  . LYS A 1 12 ? 0.575   4.678   5.502   1.00 1.30 ? 12 LYS A HB2  1 
ATOM 180 H HB3  . LYS A 1 12 ? 1.839   4.109   6.587   1.00 1.41 ? 12 LYS A HB3  1 
ATOM 181 H HG2  . LYS A 1 12 ? 1.969   6.167   7.717   1.00 1.84 ? 12 LYS A HG2  1 
ATOM 182 H HG3  . LYS A 1 12 ? 1.200   7.045   6.394   1.00 1.80 ? 12 LYS A HG3  1 
ATOM 183 H HD2  . LYS A 1 12 ? -0.857  5.522   6.899   1.00 2.27 ? 12 LYS A HD2  1 
ATOM 184 H HD3  . LYS A 1 12 ? -0.066  5.254   8.454   1.00 2.07 ? 12 LYS A HD3  1 
ATOM 185 H HE2  . LYS A 1 12 ? 0.017   8.068   7.868   1.00 2.86 ? 12 LYS A HE2  1 
ATOM 186 H HE3  . LYS A 1 12 ? -1.653  7.491   7.701   1.00 2.86 ? 12 LYS A HE3  1 
ATOM 187 H HZ1  . LYS A 1 12 ? -1.032  6.145   9.828   1.00 3.35 ? 12 LYS A HZ1  1 
ATOM 188 H HZ2  . LYS A 1 12 ? 0.128   7.369   10.035  1.00 3.35 ? 12 LYS A HZ2  1 
ATOM 189 H HZ3  . LYS A 1 12 ? -1.523  7.763   9.962   1.00 3.18 ? 12 LYS A HZ3  1 
ATOM 190 N N    . LYS A 1 13 ? 0.866   6.130   3.418   1.00 0.69 ? 13 LYS A N    1 
ATOM 191 C CA   . LYS A 1 13 ? 0.270   7.115   2.471   1.00 0.70 ? 13 LYS A CA   1 
ATOM 192 C C    . LYS A 1 13 ? -1.228  7.282   2.750   1.00 0.65 ? 13 LYS A C    1 
ATOM 193 O O    . LYS A 1 13 ? -2.041  6.484   2.327   1.00 0.95 ? 13 LYS A O    1 
ATOM 194 C CB   . LYS A 1 13 ? 0.493   6.514   1.082   1.00 0.82 ? 13 LYS A CB   1 
ATOM 195 C CG   . LYS A 1 13 ? 1.692   7.195   0.418   1.00 1.34 ? 13 LYS A CG   1 
ATOM 196 C CD   . LYS A 1 13 ? 1.535   7.138   -1.103  1.00 1.53 ? 13 LYS A CD   1 
ATOM 197 C CE   . LYS A 1 13 ? 1.547   8.558   -1.672  1.00 2.06 ? 13 LYS A CE   1 
ATOM 198 N NZ   . LYS A 1 13 ? 1.032   8.419   -3.063  1.00 2.48 ? 13 LYS A NZ   1 
ATOM 199 H H    . LYS A 1 13 ? 0.421   5.273   3.581   1.00 0.81 ? 13 LYS A H    1 
ATOM 200 H HA   . LYS A 1 13 ? 0.775   8.065   2.547   1.00 0.75 ? 13 LYS A HA   1 
ATOM 201 H HB2  . LYS A 1 13 ? 0.685   5.455   1.175   1.00 1.21 ? 13 LYS A HB2  1 
ATOM 202 H HB3  . LYS A 1 13 ? -0.387  6.670   0.477   1.00 0.99 ? 13 LYS A HB3  1 
ATOM 203 H HG2  . LYS A 1 13 ? 1.743   8.226   0.737   1.00 1.84 ? 13 LYS A HG2  1 
ATOM 204 H HG3  . LYS A 1 13 ? 2.600   6.684   0.703   1.00 2.09 ? 13 LYS A HG3  1 
ATOM 205 H HD2  . LYS A 1 13 ? 2.351   6.571   -1.528  1.00 1.95 ? 13 LYS A HD2  1 
ATOM 206 H HD3  . LYS A 1 13 ? 0.598   6.661   -1.350  1.00 2.02 ? 13 LYS A HD3  1 
ATOM 207 H HE2  . LYS A 1 13 ? 0.899   9.199   -1.091  1.00 2.62 ? 13 LYS A HE2  1 
ATOM 208 H HE3  . LYS A 1 13 ? 2.552   8.950   -1.687  1.00 2.40 ? 13 LYS A HE3  1 
ATOM 209 H HZ1  . LYS A 1 13 ? 0.314   7.669   -3.093  1.00 2.81 ? 13 LYS A HZ1  1 
ATOM 210 H HZ2  . LYS A 1 13 ? 0.609   9.319   -3.368  1.00 2.96 ? 13 LYS A HZ2  1 
ATOM 211 H HZ3  . LYS A 1 13 ? 1.816   8.170   -3.699  1.00 2.71 ? 13 LYS A HZ3  1 
ATOM 212 N N    . THR A 1 14 ? -1.597  8.314   3.459   1.00 0.58 ? 14 THR A N    1 
ATOM 213 C CA   . THR A 1 14 ? -3.041  8.532   3.762   1.00 0.59 ? 14 THR A CA   1 
ATOM 214 C C    . THR A 1 14 ? -3.708  9.301   2.618   1.00 0.59 ? 14 THR A C    1 
ATOM 215 O O    . THR A 1 14 ? -3.089  10.112  1.958   1.00 0.68 ? 14 THR A O    1 
ATOM 216 C CB   . THR A 1 14 ? -3.055  9.359   5.048   1.00 0.76 ? 14 THR A CB   1 
ATOM 217 O OG1  . THR A 1 14 ? -2.555  8.572   6.120   1.00 0.94 ? 14 THR A OG1  1 
ATOM 218 C CG2  . THR A 1 14 ? -4.486  9.800   5.359   1.00 0.92 ? 14 THR A CG2  1 
ATOM 219 H H    . THR A 1 14 ? -0.926  8.946   3.789   1.00 0.77 ? 14 THR A H    1 
ATOM 220 H HA   . THR A 1 14 ? -3.539  7.589   3.924   1.00 0.59 ? 14 THR A HA   1 
ATOM 221 H HB   . THR A 1 14 ? -2.434  10.232  4.922   1.00 0.84 ? 14 THR A HB   1 
ATOM 222 H HG1  . THR A 1 14 ? -3.207  7.895   6.320   1.00 1.38 ? 14 THR A HG1  1 
ATOM 223 H HG21 . THR A 1 14 ? -5.123  9.574   4.517   1.00 1.44 ? 14 THR A HG21 1 
ATOM 224 H HG22 . THR A 1 14 ? -4.842  9.274   6.232   1.00 1.42 ? 14 THR A HG22 1 
ATOM 225 H HG23 . THR A 1 14 ? -4.501  10.863  5.548   1.00 1.36 ? 14 THR A HG23 1 
ATOM 226 N N    . CYS A 1 15 ? -4.967  9.054   2.378   1.00 0.60 ? 15 CYS A N    1 
ATOM 227 C CA   . CYS A 1 15 ? -5.670  9.771   1.276   1.00 0.66 ? 15 CYS A CA   1 
ATOM 228 C C    . CYS A 1 15 ? -6.978  10.380  1.788   1.00 0.74 ? 15 CYS A C    1 
ATOM 229 O O    . CYS A 1 15 ? -7.494  9.995   2.818   1.00 0.89 ? 15 CYS A O    1 
ATOM 230 C CB   . CYS A 1 15 ? -5.949  8.701   0.221   1.00 0.62 ? 15 CYS A CB   1 
ATOM 231 S SG   . CYS A 1 15 ? -7.232  7.575   0.823   1.00 0.83 ? 15 CYS A SG   1 
ATOM 232 H H    . CYS A 1 15 ? -5.450  8.396   2.921   1.00 0.65 ? 15 CYS A H    1 
ATOM 233 H HA   . CYS A 1 15 ? -5.035  10.539  0.861   1.00 0.76 ? 15 CYS A HA   1 
ATOM 234 H HB2  . CYS A 1 15 ? -6.282  9.172   -0.692  1.00 0.77 ? 15 CYS A HB2  1 
ATOM 235 H HB3  . CYS A 1 15 ? -5.044  8.143   0.027   1.00 0.66 ? 15 CYS A HB3  1 
ATOM 236 N N    . TYR A 1 16 ? -7.519  11.332  1.075   1.00 0.85 ? 16 TYR A N    1 
ATOM 237 C CA   . TYR A 1 16 ? -8.791  11.967  1.521   1.00 0.96 ? 16 TYR A CA   1 
ATOM 238 C C    . TYR A 1 16 ? -9.978  11.384  0.746   1.00 0.87 ? 16 TYR A C    1 
ATOM 239 O O    . TYR A 1 16 ? -11.117 11.729  0.987   1.00 1.16 ? 16 TYR A O    1 
ATOM 240 C CB   . TYR A 1 16 ? -8.621  13.453  1.204   1.00 1.18 ? 16 TYR A CB   1 
ATOM 241 C CG   . TYR A 1 16 ? -7.645  14.068  2.179   1.00 1.50 ? 16 TYR A CG   1 
ATOM 242 C CD1  . TYR A 1 16 ? -8.069  14.417  3.466   1.00 2.15 ? 16 TYR A CD1  1 
ATOM 243 C CD2  . TYR A 1 16 ? -6.317  14.287  1.796   1.00 1.99 ? 16 TYR A CD2  1 
ATOM 244 C CE1  . TYR A 1 16 ? -7.165  14.988  4.371   1.00 2.51 ? 16 TYR A CE1  1 
ATOM 245 C CE2  . TYR A 1 16 ? -5.412  14.857  2.700   1.00 2.41 ? 16 TYR A CE2  1 
ATOM 246 C CZ   . TYR A 1 16 ? -5.837  15.208  3.987   1.00 2.41 ? 16 TYR A CZ   1 
ATOM 247 O OH   . TYR A 1 16 ? -4.945  15.770  4.879   1.00 2.91 ? 16 TYR A OH   1 
ATOM 248 H H    . TYR A 1 16 ? -7.087  11.629  0.248   1.00 0.98 ? 16 TYR A H    1 
ATOM 249 H HA   . TYR A 1 16 ? -8.930  11.830  2.581   1.00 1.01 ? 16 TYR A HA   1 
ATOM 250 H HB2  . TYR A 1 16 ? -8.245  13.565  0.197   1.00 1.26 ? 16 TYR A HB2  1 
ATOM 251 H HB3  . TYR A 1 16 ? -9.575  13.951  1.289   1.00 1.26 ? 16 TYR A HB3  1 
ATOM 252 H HD1  . TYR A 1 16 ? -9.094  14.247  3.761   1.00 2.71 ? 16 TYR A HD1  1 
ATOM 253 H HD2  . TYR A 1 16 ? -5.989  14.018  0.803   1.00 2.47 ? 16 TYR A HD2  1 
ATOM 254 H HE1  . TYR A 1 16 ? -7.492  15.257  5.363   1.00 3.20 ? 16 TYR A HE1  1 
ATOM 255 H HE2  . TYR A 1 16 ? -4.387  15.028  2.405   1.00 3.08 ? 16 TYR A HE2  1 
ATOM 256 H HH   . TYR A 1 16 ? -5.350  16.560  5.246   1.00 3.15 ? 16 TYR A HH   1 
ATOM 257 N N    . LYS A 1 17 ? -9.718  10.506  -0.184  1.00 0.77 ? 17 LYS A N    1 
ATOM 258 C CA   . LYS A 1 17 ? -10.832 9.905   -0.973  1.00 0.74 ? 17 LYS A CA   1 
ATOM 259 C C    . LYS A 1 17 ? -10.939 8.405   -0.686  1.00 0.59 ? 17 LYS A C    1 
ATOM 260 O O    . LYS A 1 17 ? -10.261 7.599   -1.291  1.00 0.64 ? 17 LYS A O    1 
ATOM 261 C CB   . LYS A 1 17 ? -10.455 10.144  -2.435  1.00 0.92 ? 17 LYS A CB   1 
ATOM 262 C CG   . LYS A 1 17 ? -11.244 11.335  -2.981  1.00 1.48 ? 17 LYS A CG   1 
ATOM 263 C CD   . LYS A 1 17 ? -10.986 11.475  -4.482  1.00 1.95 ? 17 LYS A CD   1 
ATOM 264 C CE   . LYS A 1 17 ? -12.317 11.646  -5.217  1.00 2.62 ? 17 LYS A CE   1 
ATOM 265 N NZ   . LYS A 1 17 ? -12.418 13.106  -5.492  1.00 3.16 ? 17 LYS A NZ   1 
ATOM 266 H H    . LYS A 1 17 ? -8.792  10.243  -0.364  1.00 0.95 ? 17 LYS A H    1 
ATOM 267 H HA   . LYS A 1 17 ? -11.764 10.400  -0.747  1.00 0.81 ? 17 LYS A HA   1 
ATOM 268 H HB2  . LYS A 1 17 ? -9.397  10.350  -2.504  1.00 1.32 ? 17 LYS A HB2  1 
ATOM 269 H HB3  . LYS A 1 17 ? -10.688 9.264   -3.015  1.00 1.12 ? 17 LYS A HB3  1 
ATOM 270 H HG2  . LYS A 1 17 ? -12.299 11.177  -2.809  1.00 1.98 ? 17 LYS A HG2  1 
ATOM 271 H HG3  . LYS A 1 17 ? -10.929 12.237  -2.477  1.00 2.06 ? 17 LYS A HG3  1 
ATOM 272 H HD2  . LYS A 1 17 ? -10.361 12.339  -4.660  1.00 2.38 ? 17 LYS A HD2  1 
ATOM 273 H HD3  . LYS A 1 17 ? -10.487 10.589  -4.845  1.00 2.36 ? 17 LYS A HD3  1 
ATOM 274 H HE2  . LYS A 1 17 ? -12.308 11.085  -6.141  1.00 2.99 ? 17 LYS A HE2  1 
ATOM 275 H HE3  . LYS A 1 17 ? -13.136 11.330  -4.591  1.00 3.07 ? 17 LYS A HE3  1 
ATOM 276 H HZ1  . LYS A 1 17 ? -11.902 13.632  -4.756  1.00 3.51 ? 17 LYS A HZ1  1 
ATOM 277 H HZ2  . LYS A 1 17 ? -12.003 13.313  -6.421  1.00 3.57 ? 17 LYS A HZ2  1 
ATOM 278 H HZ3  . LYS A 1 17 ? -13.416 13.391  -5.488  1.00 3.32 ? 17 LYS A HZ3  1 
ATOM 279 N N    . LEU A 1 18 ? -11.787 8.023   0.230   1.00 0.62 ? 18 LEU A N    1 
ATOM 280 C CA   . LEU A 1 18 ? -11.936 6.575   0.548   1.00 0.63 ? 18 LEU A CA   1 
ATOM 281 C C    . LEU A 1 18 ? -12.621 5.850   -0.613  1.00 0.66 ? 18 LEU A C    1 
ATOM 282 O O    . LEU A 1 18 ? -13.281 6.459   -1.432  1.00 0.80 ? 18 LEU A O    1 
ATOM 283 C CB   . LEU A 1 18 ? -12.811 6.531   1.801   1.00 0.79 ? 18 LEU A CB   1 
ATOM 284 C CG   . LEU A 1 18 ? -11.977 6.926   3.021   1.00 0.85 ? 18 LEU A CG   1 
ATOM 285 C CD1  . LEU A 1 18 ? -12.852 6.882   4.275   1.00 1.01 ? 18 LEU A CD1  1 
ATOM 286 C CD2  . LEU A 1 18 ? -10.812 5.947   3.178   1.00 0.98 ? 18 LEU A CD2  1 
ATOM 287 H H    . LEU A 1 18 ? -12.327 8.688   0.705   1.00 0.76 ? 18 LEU A H    1 
ATOM 288 H HA   . LEU A 1 18 ? -10.973 6.133   0.754   1.00 0.64 ? 18 LEU A HA   1 
ATOM 289 H HB2  . LEU A 1 18 ? -13.635 7.221   1.688   1.00 0.85 ? 18 LEU A HB2  1 
ATOM 290 H HB3  . LEU A 1 18 ? -13.194 5.532   1.938   1.00 0.94 ? 18 LEU A HB3  1 
ATOM 291 H HG   . LEU A 1 18 ? -11.593 7.927   2.885   1.00 0.87 ? 18 LEU A HG   1 
ATOM 292 H HD11 . LEU A 1 18 ? -13.531 6.045   4.211   1.00 1.25 ? 18 LEU A HD11 1 
ATOM 293 H HD12 . LEU A 1 18 ? -12.226 6.771   5.147   1.00 1.49 ? 18 LEU A HD12 1 
ATOM 294 H HD13 . LEU A 1 18 ? -13.417 7.799   4.352   1.00 1.49 ? 18 LEU A HD13 1 
ATOM 295 H HD21 . LEU A 1 18 ? -10.849 5.212   2.388   1.00 1.42 ? 18 LEU A HD21 1 
ATOM 296 H HD22 . LEU A 1 18 ? -9.878  6.487   3.124   1.00 1.44 ? 18 LEU A HD22 1 
ATOM 297 H HD23 . LEU A 1 18 ? -10.886 5.451   4.135   1.00 1.47 ? 18 LEU A HD23 1 
ATOM 298 N N    . GLY A 1 19 ? -12.472 4.556   -0.693  1.00 0.71 ? 19 GLY A N    1 
ATOM 299 C CA   . GLY A 1 19 ? -13.117 3.801   -1.803  1.00 0.81 ? 19 GLY A CA   1 
ATOM 300 C C    . GLY A 1 19 ? -12.119 3.614   -2.944  1.00 0.68 ? 19 GLY A C    1 
ATOM 301 O O    . GLY A 1 19 ? -10.933 3.825   -2.786  1.00 0.88 ? 19 GLY A O    1 
ATOM 302 H H    . GLY A 1 19 ? -11.935 4.082   -0.023  1.00 0.80 ? 19 GLY A H    1 
ATOM 303 H HA2  . GLY A 1 19 ? -13.441 2.835   -1.446  1.00 1.02 ? 19 GLY A HA2  1 
ATOM 304 H HA3  . GLY A 1 19 ? -13.969 4.353   -2.166  1.00 1.02 ? 19 GLY A HA3  1 
ATOM 305 N N    . GLU A 1 20 ? -12.593 3.215   -4.091  1.00 0.78 ? 20 GLU A N    1 
ATOM 306 C CA   . GLU A 1 20 ? -11.677 3.011   -5.251  1.00 0.84 ? 20 GLU A CA   1 
ATOM 307 C C    . GLU A 1 20 ? -10.807 4.250   -5.470  1.00 0.74 ? 20 GLU A C    1 
ATOM 308 O O    . GLU A 1 20 ? -11.143 5.130   -6.237  1.00 0.87 ? 20 GLU A O    1 
ATOM 309 C CB   . GLU A 1 20 ? -12.599 2.784   -6.450  1.00 1.20 ? 20 GLU A CB   1 
ATOM 310 C CG   . GLU A 1 20 ? -12.285 1.429   -7.086  1.00 1.68 ? 20 GLU A CG   1 
ATOM 311 C CD   . GLU A 1 20 ? -12.928 1.354   -8.472  1.00 2.48 ? 20 GLU A CD   1 
ATOM 312 O OE1  . GLU A 1 20 ? -13.627 2.287   -8.831  1.00 3.03 ? 20 GLU A OE1  1 
ATOM 313 O OE2  . GLU A 1 20 ? -12.712 0.364   -9.151  1.00 3.15 ? 20 GLU A OE2  1 
ATOM 314 H H    . GLU A 1 20 ? -13.553 3.050   -4.190  1.00 1.03 ? 20 GLU A H    1 
ATOM 315 H HA   . GLU A 1 20 ? -11.058 2.142   -5.093  1.00 0.94 ? 20 GLU A HA   1 
ATOM 316 H HB2  . GLU A 1 20 ? -13.627 2.799   -6.121  1.00 1.71 ? 20 GLU A HB2  1 
ATOM 317 H HB3  . GLU A 1 20 ? -12.442 3.566   -7.177  1.00 1.62 ? 20 GLU A HB3  1 
ATOM 318 H HG2  . GLU A 1 20 ? -11.214 1.315   -7.179  1.00 2.11 ? 20 GLU A HG2  1 
ATOM 319 H HG3  . GLU A 1 20 ? -12.679 0.640   -6.465  1.00 2.17 ? 20 GLU A HG3  1 
ATOM 320 N N    . ASN A 1 21 ? -9.689  4.325   -4.801  1.00 0.62 ? 21 ASN A N    1 
ATOM 321 C CA   . ASN A 1 21 ? -8.795  5.505   -4.969  1.00 0.60 ? 21 ASN A CA   1 
ATOM 322 C C    . ASN A 1 21 ? -7.728  5.212   -6.026  1.00 0.75 ? 21 ASN A C    1 
ATOM 323 O O    . ASN A 1 21 ? -6.675  4.684   -5.727  1.00 0.87 ? 21 ASN A O    1 
ATOM 324 C CB   . ASN A 1 21 ? -8.149  5.711   -3.599  1.00 0.70 ? 21 ASN A CB   1 
ATOM 325 C CG   . ASN A 1 21 ? -7.405  7.048   -3.581  1.00 0.78 ? 21 ASN A CG   1 
ATOM 326 O OD1  . ASN A 1 21 ? -6.739  7.398   -4.535  1.00 1.06 ? 21 ASN A OD1  1 
ATOM 327 N ND2  . ASN A 1 21 ? -7.489  7.813   -2.526  1.00 0.70 ? 21 ASN A ND2  1 
ATOM 328 H H    . ASN A 1 21 ? -9.438  3.604   -4.187  1.00 0.65 ? 21 ASN A H    1 
ATOM 329 H HA   . ASN A 1 21 ? -9.368  6.378   -5.242  1.00 0.62 ? 21 ASN A HA   1 
ATOM 330 H HB2  . ASN A 1 21 ? -8.915  5.713   -2.837  1.00 0.76 ? 21 ASN A HB2  1 
ATOM 331 H HB3  . ASN A 1 21 ? -7.451  4.910   -3.406  1.00 0.88 ? 21 ASN A HB3  1 
ATOM 332 H HD21 . ASN A 1 21 ? -8.025  7.529   -1.757  1.00 0.63 ? 21 ASN A HD21 1 
ATOM 333 H HD22 . ASN A 1 21 ? -7.017  8.671   -2.506  1.00 0.84 ? 21 ASN A HD22 1 
ATOM 334 N N    . ASP A 1 22 ? -7.994  5.549   -7.260  1.00 0.91 ? 22 ASP A N    1 
ATOM 335 C CA   . ASP A 1 22 ? -6.998  5.291   -8.341  1.00 1.18 ? 22 ASP A CA   1 
ATOM 336 C C    . ASP A 1 22 ? -5.581  5.600   -7.847  1.00 1.01 ? 22 ASP A C    1 
ATOM 337 O O    . ASP A 1 22 ? -4.656  4.849   -8.080  1.00 0.99 ? 22 ASP A O    1 
ATOM 338 C CB   . ASP A 1 22 ? -7.388  6.239   -9.475  1.00 1.54 ? 22 ASP A CB   1 
ATOM 339 C CG   . ASP A 1 22 ? -7.931  5.431   -10.655 1.00 2.15 ? 22 ASP A CG   1 
ATOM 340 O OD1  . ASP A 1 22 ? -7.483  4.311   -10.837 1.00 2.56 ? 22 ASP A OD1  1 
ATOM 341 O OD2  . ASP A 1 22 ? -8.786  5.946   -11.359 1.00 2.79 ? 22 ASP A OD2  1 
ATOM 342 H H    . ASP A 1 22 ? -8.852  5.972   -7.476  1.00 0.93 ? 22 ASP A H    1 
ATOM 343 H HA   . ASP A 1 22 ? -7.065  4.268   -8.679  1.00 1.35 ? 22 ASP A HA   1 
ATOM 344 H HB2  . ASP A 1 22 ? -8.149  6.923   -9.127  1.00 1.69 ? 22 ASP A HB2  1 
ATOM 345 H HB3  . ASP A 1 22 ? -6.521  6.798   -9.793  1.00 1.73 ? 22 ASP A HB3  1 
ATOM 346 N N    . PHE A 1 23 ? -5.406  6.698   -7.163  1.00 0.98 ? 23 PHE A N    1 
ATOM 347 C CA   . PHE A 1 23 ? -4.049  7.046   -6.651  1.00 0.96 ? 23 PHE A CA   1 
ATOM 348 C C    . PHE A 1 23 ? -3.434  5.840   -5.936  1.00 0.86 ? 23 PHE A C    1 
ATOM 349 O O    . PHE A 1 23 ? -2.390  5.348   -6.317  1.00 0.91 ? 23 PHE A O    1 
ATOM 350 C CB   . PHE A 1 23 ? -4.274  8.199   -5.674  1.00 1.06 ? 23 PHE A CB   1 
ATOM 351 C CG   . PHE A 1 23 ? -3.387  9.360   -6.057  1.00 1.23 ? 23 PHE A CG   1 
ATOM 352 C CD1  . PHE A 1 23 ? -1.996  9.246   -5.943  1.00 1.79 ? 23 PHE A CD1  1 
ATOM 353 C CD2  . PHE A 1 23 ? -3.955  10.550  -6.528  1.00 1.83 ? 23 PHE A CD2  1 
ATOM 354 C CE1  . PHE A 1 23 ? -1.174  10.321  -6.298  1.00 1.98 ? 23 PHE A CE1  1 
ATOM 355 C CE2  . PHE A 1 23 ? -3.133  11.625  -6.884  1.00 2.09 ? 23 PHE A CE2  1 
ATOM 356 C CZ   . PHE A 1 23 ? -1.742  11.511  -6.769  1.00 1.80 ? 23 PHE A CZ   1 
ATOM 357 H H    . PHE A 1 23 ? -6.165  7.290   -6.981  1.00 1.06 ? 23 PHE A H    1 
ATOM 358 H HA   . PHE A 1 23 ? -3.413  7.367   -7.461  1.00 1.05 ? 23 PHE A HA   1 
ATOM 359 H HB2  . PHE A 1 23 ? -5.309  8.507   -5.714  1.00 1.13 ? 23 PHE A HB2  1 
ATOM 360 H HB3  . PHE A 1 23 ? -4.032  7.877   -4.673  1.00 1.12 ? 23 PHE A HB3  1 
ATOM 361 H HD1  . PHE A 1 23 ? -1.558  8.328   -5.579  1.00 2.47 ? 23 PHE A HD1  1 
ATOM 362 H HD2  . PHE A 1 23 ? -5.028  10.637  -6.616  1.00 2.48 ? 23 PHE A HD2  1 
ATOM 363 H HE1  . PHE A 1 23 ? -0.101  10.234  -6.210  1.00 2.67 ? 23 PHE A HE1  1 
ATOM 364 H HE2  . PHE A 1 23 ? -3.571  12.543  -7.247  1.00 2.87 ? 23 PHE A HE2  1 
ATOM 365 H HZ   . PHE A 1 23 ? -1.108  12.341  -7.045  1.00 2.07 ? 23 PHE A HZ   1 
ATOM 366 N N    . CYS A 1 24 ? -4.075  5.354   -4.907  1.00 0.83 ? 24 CYS A N    1 
ATOM 367 C CA   . CYS A 1 24 ? -3.523  4.175   -4.181  1.00 0.84 ? 24 CYS A CA   1 
ATOM 368 C C    . CYS A 1 24 ? -3.410  2.986   -5.140  1.00 0.76 ? 24 CYS A C    1 
ATOM 369 O O    . CYS A 1 24 ? -2.406  2.301   -5.179  1.00 0.82 ? 24 CYS A O    1 
ATOM 370 C CB   . CYS A 1 24 ? -4.537  3.875   -3.075  1.00 0.97 ? 24 CYS A CB   1 
ATOM 371 S SG   . CYS A 1 24 ? -4.507  5.202   -1.844  1.00 1.41 ? 24 CYS A SG   1 
ATOM 372 H H    . CYS A 1 24 ? -4.918  5.759   -4.616  1.00 0.88 ? 24 CYS A H    1 
ATOM 373 H HA   . CYS A 1 24 ? -2.563  4.410   -3.752  1.00 0.94 ? 24 CYS A HA   1 
ATOM 374 H HB2  . CYS A 1 24 ? -5.526  3.805   -3.504  1.00 1.35 ? 24 CYS A HB2  1 
ATOM 375 H HB3  . CYS A 1 24 ? -4.284  2.939   -2.602  1.00 1.35 ? 24 CYS A HB3  1 
ATOM 376 N N    . ASN A 1 25 ? -4.430  2.741   -5.918  1.00 0.78 ? 25 ASN A N    1 
ATOM 377 C CA   . ASN A 1 25 ? -4.380  1.603   -6.878  1.00 0.86 ? 25 ASN A CA   1 
ATOM 378 C C    . ASN A 1 25 ? -3.169  1.755   -7.802  1.00 0.86 ? 25 ASN A C    1 
ATOM 379 O O    . ASN A 1 25 ? -2.389  0.840   -7.977  1.00 0.96 ? 25 ASN A O    1 
ATOM 380 C CB   . ASN A 1 25 ? -5.681  1.702   -7.677  1.00 1.02 ? 25 ASN A CB   1 
ATOM 381 C CG   . ASN A 1 25 ? -5.986  0.353   -8.331  1.00 1.30 ? 25 ASN A CG   1 
ATOM 382 O OD1  . ASN A 1 25 ? -5.179  -0.554  -8.282  1.00 1.81 ? 25 ASN A OD1  1 
ATOM 383 N ND2  . ASN A 1 25 ? -7.125  0.181   -8.944  1.00 1.81 ? 25 ASN A ND2  1 
ATOM 384 H H    . ASN A 1 25 ? -5.227  3.309   -5.872  1.00 0.84 ? 25 ASN A H    1 
ATOM 385 H HA   . ASN A 1 25 ? -4.339  0.663   -6.351  1.00 0.95 ? 25 ASN A HA   1 
ATOM 386 H HB2  . ASN A 1 25 ? -6.490  1.971   -7.012  1.00 1.42 ? 25 ASN A HB2  1 
ATOM 387 H HB3  . ASN A 1 25 ? -5.577  2.455   -8.442  1.00 1.28 ? 25 ASN A HB3  1 
ATOM 388 H HD21 . ASN A 1 25 ? -7.775  0.913   -8.983  1.00 2.04 ? 25 ASN A HD21 1 
ATOM 389 H HD22 . ASN A 1 25 ? -7.329  -0.679  -9.366  1.00 2.31 ? 25 ASN A HD22 1 
ATOM 390 N N    . ARG A 1 26 ? -3.003  2.909   -8.388  1.00 0.89 ? 26 ARG A N    1 
ATOM 391 C CA   . ARG A 1 26 ? -1.839  3.125   -9.294  1.00 1.03 ? 26 ARG A CA   1 
ATOM 392 C C    . ARG A 1 26 ? -0.534  2.884   -8.530  1.00 1.00 ? 26 ARG A C    1 
ATOM 393 O O    . ARG A 1 26 ? 0.384   2.263   -9.029  1.00 1.17 ? 26 ARG A O    1 
ATOM 394 C CB   . ARG A 1 26 ? -1.942  4.588   -9.730  1.00 1.18 ? 26 ARG A CB   1 
ATOM 395 C CG   . ARG A 1 26 ? -2.200  4.656   -11.236 1.00 1.48 ? 26 ARG A CG   1 
ATOM 396 C CD   . ARG A 1 26 ? -1.405  5.817   -11.836 1.00 1.97 ? 26 ARG A CD   1 
ATOM 397 N NE   . ARG A 1 26 ? -1.616  5.706   -13.307 1.00 2.53 ? 26 ARG A NE   1 
ATOM 398 C CZ   . ARG A 1 26 ? -1.250  6.680   -14.097 1.00 2.94 ? 26 ARG A CZ   1 
ATOM 399 N NH1  . ARG A 1 26 ? -0.703  7.758   -13.602 1.00 3.09 ? 26 ARG A NH1  1 
ATOM 400 N NH2  . ARG A 1 26 ? -1.429  6.575   -15.385 1.00 3.75 ? 26 ARG A NH2  1 
ATOM 401 H H    . ARG A 1 26 ? -3.642  3.635   -8.229  1.00 0.91 ? 26 ARG A H    1 
ATOM 402 H HA   . ARG A 1 26 ? -1.901  2.477   -10.153 1.00 1.17 ? 26 ARG A HA   1 
ATOM 403 H HB2  . ARG A 1 26 ? -2.755  5.063   -9.202  1.00 1.47 ? 26 ARG A HB2  1 
ATOM 404 H HB3  . ARG A 1 26 ? -1.017  5.097   -9.502  1.00 1.31 ? 26 ARG A HB3  1 
ATOM 405 H HG2  . ARG A 1 26 ? -1.891  3.729   -11.697 1.00 1.81 ? 26 ARG A HG2  1 
ATOM 406 H HG3  . ARG A 1 26 ? -3.253  4.815   -11.412 1.00 2.02 ? 26 ARG A HG3  1 
ATOM 407 H HD2  . ARG A 1 26 ? -1.785  6.761   -11.473 1.00 2.47 ? 26 ARG A HD2  1 
ATOM 408 H HD3  . ARG A 1 26 ? -0.357  5.717   -11.599 1.00 2.33 ? 26 ARG A HD3  1 
ATOM 409 H HE   . ARG A 1 26 ? -2.029  4.900   -13.683 1.00 3.04 ? 26 ARG A HE   1 
ATOM 410 H HH11 . ARG A 1 26 ? -0.564  7.841   -12.615 1.00 2.89 ? 26 ARG A HH11 1 
ATOM 411 H HH12 . ARG A 1 26 ? -0.423  8.501   -14.211 1.00 3.77 ? 26 ARG A HH12 1 
ATOM 412 H HH21 . ARG A 1 26 ? -1.847  5.751   -15.767 1.00 4.11 ? 26 ARG A HH21 1 
ATOM 413 H HH22 . ARG A 1 26 ? -1.149  7.320   -15.991 1.00 4.25 ? 26 ARG A HH22 1 
ATOM 414 N N    . GLU A 1 27 ? -0.447  3.368   -7.321  1.00 0.93 ? 27 GLU A N    1 
ATOM 415 C CA   . GLU A 1 27 ? 0.795   3.163   -6.523  1.00 1.05 ? 27 GLU A CA   1 
ATOM 416 C C    . GLU A 1 27 ? 0.911   1.695   -6.102  1.00 1.02 ? 27 GLU A C    1 
ATOM 417 O O    . GLU A 1 27 ? 1.983   1.209   -5.798  1.00 1.20 ? 27 GLU A O    1 
ATOM 418 C CB   . GLU A 1 27 ? 0.634   4.065   -5.297  1.00 1.16 ? 27 GLU A CB   1 
ATOM 419 C CG   . GLU A 1 27 ? 1.406   5.368   -5.514  1.00 1.59 ? 27 GLU A CG   1 
ATOM 420 C CD   . GLU A 1 27 ? 1.998   5.837   -4.184  1.00 2.05 ? 27 GLU A CD   1 
ATOM 421 O OE1  . GLU A 1 27 ? 1.759   5.178   -3.186  1.00 2.66 ? 27 GLU A OE1  1 
ATOM 422 O OE2  . GLU A 1 27 ? 2.682   6.847   -4.185  1.00 2.55 ? 27 GLU A OE2  1 
ATOM 423 H H    . GLU A 1 27 ? -1.200  3.863   -6.937  1.00 0.90 ? 27 GLU A H    1 
ATOM 424 H HA   . GLU A 1 27 ? 1.662   3.463   -7.090  1.00 1.19 ? 27 GLU A HA   1 
ATOM 425 H HB2  . GLU A 1 27 ? -0.413  4.285   -5.148  1.00 1.28 ? 27 GLU A HB2  1 
ATOM 426 H HB3  . GLU A 1 27 ? 1.023   3.559   -4.426  1.00 1.44 ? 27 GLU A HB3  1 
ATOM 427 H HG2  . GLU A 1 27 ? 2.202   5.201   -6.226  1.00 2.10 ? 27 GLU A HG2  1 
ATOM 428 H HG3  . GLU A 1 27 ? 0.735   6.125   -5.893  1.00 2.05 ? 27 GLU A HG3  1 
ATOM 429 N N    . CYS A 1 28 ? -0.185  0.984   -6.087  1.00 0.91 ? 28 CYS A N    1 
ATOM 430 C CA   . CYS A 1 28 ? -0.136  -0.455  -5.692  1.00 0.98 ? 28 CYS A CA   1 
ATOM 431 C C    . CYS A 1 28 ? 0.439   -1.286  -6.838  1.00 1.15 ? 28 CYS A C    1 
ATOM 432 O O    . CYS A 1 28 ? 1.444   -1.954  -6.693  1.00 1.43 ? 28 CYS A O    1 
ATOM 433 C CB   . CYS A 1 28 ? -1.589  -0.842  -5.420  1.00 0.92 ? 28 CYS A CB   1 
ATOM 434 S SG   . CYS A 1 28 ? -1.633  -2.400  -4.500  1.00 0.91 ? 28 CYS A SG   1 
ATOM 435 H H    . CYS A 1 28 ? -1.038  1.394   -6.339  1.00 0.87 ? 28 CYS A H    1 
ATOM 436 H HA   . CYS A 1 28 ? 0.455   -0.581  -4.798  1.00 1.09 ? 28 CYS A HA   1 
ATOM 437 H HB2  . CYS A 1 28 ? -2.066  -0.067  -4.838  1.00 1.00 ? 28 CYS A HB2  1 
ATOM 438 H HB3  . CYS A 1 28 ? -2.111  -0.961  -6.356  1.00 1.08 ? 28 CYS A HB3  1 
ATOM 439 N N    . LYS A 1 29 ? -0.185  -1.240  -7.985  1.00 1.17 ? 29 LYS A N    1 
ATOM 440 C CA   . LYS A 1 29 ? 0.331   -2.016  -9.150  1.00 1.45 ? 29 LYS A CA   1 
ATOM 441 C C    . LYS A 1 29 ? 1.626   -1.384  -9.677  1.00 1.50 ? 29 LYS A C    1 
ATOM 442 O O    . LYS A 1 29 ? 2.213   -1.872  -10.620 1.00 1.93 ? 29 LYS A O    1 
ATOM 443 C CB   . LYS A 1 29 ? -0.777  -1.929  -10.201 1.00 1.75 ? 29 LYS A CB   1 
ATOM 444 C CG   . LYS A 1 29 ? -0.715  -3.156  -11.114 1.00 2.00 ? 29 LYS A CG   1 
ATOM 445 C CD   . LYS A 1 29 ? -0.843  -2.716  -12.574 1.00 2.30 ? 29 LYS A CD   1 
ATOM 446 C CE   . LYS A 1 29 ? -2.158  -1.960  -12.767 1.00 2.66 ? 29 LYS A CE   1 
ATOM 447 N NZ   . LYS A 1 29 ? -3.180  -3.019  -12.992 1.00 3.37 ? 29 LYS A NZ   1 
ATOM 448 H H    . LYS A 1 29 ? -0.988  -0.687  -8.084  1.00 1.11 ? 29 LYS A H    1 
ATOM 449 H HA   . LYS A 1 29 ? 0.497   -3.045  -8.874  1.00 1.65 ? 29 LYS A HA   1 
ATOM 450 H HB2  . LYS A 1 29 ? -1.738  -1.895  -9.708  1.00 2.05 ? 29 LYS A HB2  1 
ATOM 451 H HB3  . LYS A 1 29 ? -0.644  -1.036  -10.793 1.00 2.15 ? 29 LYS A HB3  1 
ATOM 452 H HG2  . LYS A 1 29 ? 0.228   -3.664  -10.971 1.00 2.42 ? 29 LYS A HG2  1 
ATOM 453 H HG3  . LYS A 1 29 ? -1.526  -3.826  -10.871 1.00 2.40 ? 29 LYS A HG3  1 
ATOM 454 H HD2  . LYS A 1 29 ? -0.014  -2.069  -12.829 1.00 2.70 ? 29 LYS A HD2  1 
ATOM 455 H HD3  . LYS A 1 29 ? -0.832  -3.584  -13.214 1.00 2.73 ? 29 LYS A HD3  1 
ATOM 456 H HE2  . LYS A 1 29 ? -2.394  -1.387  -11.881 1.00 2.96 ? 29 LYS A HE2  1 
ATOM 457 H HE3  . LYS A 1 29 ? -2.098  -1.314  -13.630 1.00 2.91 ? 29 LYS A HE3  1 
ATOM 458 H HZ1  . LYS A 1 29 ? -2.724  -3.859  -13.400 1.00 3.70 ? 29 LYS A HZ1  1 
ATOM 459 H HZ2  . LYS A 1 29 ? -3.623  -3.269  -12.085 1.00 3.69 ? 29 LYS A HZ2  1 
ATOM 460 H HZ3  . LYS A 1 29 ? -3.906  -2.668  -13.648 1.00 3.79 ? 29 LYS A HZ3  1 
ATOM 461 N N    . TRP A 1 30 ? 2.056   -0.300  -9.064  1.00 1.54 ? 30 TRP A N    1 
ATOM 462 C CA   . TRP A 1 30 ? 3.312   0.413   -9.480  1.00 1.79 ? 30 TRP A CA   1 
ATOM 463 C C    . TRP A 1 30 ? 4.181   -0.440  -10.407 1.00 1.91 ? 30 TRP A C    1 
ATOM 464 O O    . TRP A 1 30 ? 4.379   -0.112  -11.561 1.00 2.59 ? 30 TRP A O    1 
ATOM 465 C CB   . TRP A 1 30 ? 4.048   0.674   -8.165  1.00 2.16 ? 30 TRP A CB   1 
ATOM 466 C CG   . TRP A 1 30 ? 4.723   2.005   -8.217  1.00 2.03 ? 30 TRP A CG   1 
ATOM 467 C CD1  . TRP A 1 30 ? 4.519   3.006   -7.334  1.00 2.16 ? 30 TRP A CD1  1 
ATOM 468 C CD2  . TRP A 1 30 ? 5.705   2.497   -9.176  1.00 2.56 ? 30 TRP A CD2  1 
ATOM 469 N NE1  . TRP A 1 30 ? 5.309   4.084   -7.688  1.00 2.47 ? 30 TRP A NE1  1 
ATOM 470 C CE2  . TRP A 1 30 ? 6.058   3.820   -8.818  1.00 2.95 ? 30 TRP A CE2  1 
ATOM 471 C CE3  . TRP A 1 30 ? 6.316   1.931   -10.309 1.00 3.23 ? 30 TRP A CE3  1 
ATOM 472 C CZ2  . TRP A 1 30 ? 6.985   4.555   -9.559  1.00 3.97 ? 30 TRP A CZ2  1 
ATOM 473 C CZ3  . TRP A 1 30 ? 7.249   2.669   -11.057 1.00 4.32 ? 30 TRP A CZ3  1 
ATOM 474 C CH2  . TRP A 1 30 ? 7.582   3.977   -10.682 1.00 4.69 ? 30 TRP A CH2  1 
ATOM 475 H H    . TRP A 1 30 ? 1.543   0.056   -8.313  1.00 1.72 ? 30 TRP A H    1 
ATOM 476 H HA   . TRP A 1 30 ? 3.071   1.351   -9.949  1.00 2.01 ? 30 TRP A HA   1 
ATOM 477 H HB2  . TRP A 1 30 ? 3.341   0.663   -7.350  1.00 2.67 ? 30 TRP A HB2  1 
ATOM 478 H HB3  . TRP A 1 30 ? 4.787   -0.096  -8.007  1.00 2.71 ? 30 TRP A HB3  1 
ATOM 479 H HD1  . TRP A 1 30 ? 3.848   2.969   -6.490  1.00 2.50 ? 30 TRP A HD1  1 
ATOM 480 H HE1  . TRP A 1 30 ? 5.347   4.939   -7.211  1.00 2.70 ? 30 TRP A HE1  1 
ATOM 481 H HE3  . TRP A 1 30 ? 6.068   0.924   -10.607 1.00 3.08 ? 30 TRP A HE3  1 
ATOM 482 H HZ2  . TRP A 1 30 ? 7.237   5.563   -9.265  1.00 4.35 ? 30 TRP A HZ2  1 
ATOM 483 H HZ3  . TRP A 1 30 ? 7.713   2.224   -11.926 1.00 4.97 ? 30 TRP A HZ3  1 
ATOM 484 H HH2  . TRP A 1 30 ? 8.301   4.539   -11.262 1.00 5.62 ? 30 TRP A HH2  1 
ATOM 485 N N    . LYS A 1 31 ? 4.705   -1.527  -9.915  1.00 1.94 ? 31 LYS A N    1 
ATOM 486 C CA   . LYS A 1 31 ? 5.565   -2.389  -10.774 1.00 2.27 ? 31 LYS A CA   1 
ATOM 487 C C    . LYS A 1 31 ? 5.319   -3.867  -10.463 1.00 1.96 ? 31 LYS A C    1 
ATOM 488 O O    . LYS A 1 31 ? 4.219   -4.268  -10.139 1.00 2.54 ? 31 LYS A O    1 
ATOM 489 C CB   . LYS A 1 31 ? 6.996   -1.994  -10.411 1.00 3.07 ? 31 LYS A CB   1 
ATOM 490 C CG   . LYS A 1 31 ? 7.834   -1.889  -11.685 1.00 3.86 ? 31 LYS A CG   1 
ATOM 491 C CD   . LYS A 1 31 ? 9.244   -2.412  -11.408 1.00 4.66 ? 31 LYS A CD   1 
ATOM 492 C CE   . LYS A 1 31 ? 10.198  -1.899  -12.488 1.00 5.44 ? 31 LYS A CE   1 
ATOM 493 N NZ   . LYS A 1 31 ? 11.330  -2.866  -12.490 1.00 6.13 ? 31 LYS A NZ   1 
ATOM 494 H H    . LYS A 1 31 ? 4.537   -1.774  -8.982  1.00 2.24 ? 31 LYS A H    1 
ATOM 495 H HA   . LYS A 1 31 ? 5.380   -2.187  -11.816 1.00 2.68 ? 31 LYS A HA   1 
ATOM 496 H HB2  . LYS A 1 31 ? 6.989   -1.040  -9.904  1.00 3.27 ? 31 LYS A HB2  1 
ATOM 497 H HB3  . LYS A 1 31 ? 7.423   -2.745  -9.762  1.00 3.34 ? 31 LYS A HB3  1 
ATOM 498 H HG2  . LYS A 1 31 ? 7.377   -2.477  -12.468 1.00 4.06 ? 31 LYS A HG2  1 
ATOM 499 H HG3  . LYS A 1 31 ? 7.890   -0.856  -11.996 1.00 4.17 ? 31 LYS A HG3  1 
ATOM 500 H HD2  . LYS A 1 31 ? 9.573   -2.064  -10.440 1.00 4.97 ? 31 LYS A HD2  1 
ATOM 501 H HD3  . LYS A 1 31 ? 9.236   -3.491  -11.421 1.00 4.81 ? 31 LYS A HD3  1 
ATOM 502 H HE2  . LYS A 1 31 ? 9.704   -1.889  -13.449 1.00 5.77 ? 31 LYS A HE2  1 
ATOM 503 H HE3  . LYS A 1 31 ? 10.555  -0.912  -12.236 1.00 5.53 ? 31 LYS A HE3  1 
ATOM 504 H HZ1  . LYS A 1 31 ? 10.955  -3.837  -12.496 1.00 6.39 ? 31 LYS A HZ1  1 
ATOM 505 H HZ2  . LYS A 1 31 ? 11.915  -2.713  -13.335 1.00 6.32 ? 31 LYS A HZ2  1 
ATOM 506 H HZ3  . LYS A 1 31 ? 11.910  -2.724  -11.639 1.00 6.50 ? 31 LYS A HZ3  1 
ATOM 507 N N    . HIS A 1 32 ? 6.334   -4.681  -10.565 1.00 1.88 ? 32 HIS A N    1 
ATOM 508 C CA   . HIS A 1 32 ? 6.159   -6.133  -10.279 1.00 2.15 ? 32 HIS A CA   1 
ATOM 509 C C    . HIS A 1 32 ? 5.900   -6.353  -8.787  1.00 1.77 ? 32 HIS A C    1 
ATOM 510 O O    . HIS A 1 32 ? 6.732   -6.061  -7.951  1.00 2.15 ? 32 HIS A O    1 
ATOM 511 C CB   . HIS A 1 32 ? 7.478   -6.782  -10.701 1.00 3.02 ? 32 HIS A CB   1 
ATOM 512 C CG   . HIS A 1 32 ? 7.331   -7.362  -12.080 1.00 3.92 ? 32 HIS A CG   1 
ATOM 513 N ND1  . HIS A 1 32 ? 8.407   -7.499  -12.944 1.00 4.61 ? 32 HIS A ND1  1 
ATOM 514 C CD2  . HIS A 1 32 ? 6.240   -7.845  -12.762 1.00 4.70 ? 32 HIS A CD2  1 
ATOM 515 C CE1  . HIS A 1 32 ? 7.944   -8.044  -14.085 1.00 5.54 ? 32 HIS A CE1  1 
ATOM 516 N NE2  . HIS A 1 32 ? 6.630   -8.274  -14.027 1.00 5.63 ? 32 HIS A NE2  1 
ATOM 517 H H    . HIS A 1 32 ? 7.212   -4.337  -10.833 1.00 2.24 ? 32 HIS A H    1 
ATOM 518 H HA   . HIS A 1 32 ? 5.347   -6.535  -10.865 1.00 2.60 ? 32 HIS A HA   1 
ATOM 519 H HB2  . HIS A 1 32 ? 8.260   -6.039  -10.703 1.00 3.24 ? 32 HIS A HB2  1 
ATOM 520 H HB3  . HIS A 1 32 ? 7.730   -7.569  -10.005 1.00 3.26 ? 32 HIS A HB3  1 
ATOM 521 H HD1  . HIS A 1 32 ? 9.334   -7.246  -12.758 1.00 4.67 ? 32 HIS A HD1  1 
ATOM 522 H HD2  . HIS A 1 32 ? 5.232   -7.886  -12.374 1.00 4.86 ? 32 HIS A HD2  1 
ATOM 523 H HE1  . HIS A 1 32 ? 8.562   -8.268  -14.942 1.00 6.34 ? 32 HIS A HE1  1 
ATOM 524 N N    . ILE A 1 33 ? 4.749   -6.866  -8.447  1.00 1.54 ? 33 ILE A N    1 
ATOM 525 C CA   . ILE A 1 33 ? 4.431   -7.106  -7.009  1.00 1.71 ? 33 ILE A CA   1 
ATOM 526 C C    . ILE A 1 33 ? 3.325   -8.160  -6.885  1.00 1.53 ? 33 ILE A C    1 
ATOM 527 O O    . ILE A 1 33 ? 3.334   -8.979  -5.987  1.00 1.94 ? 33 ILE A O    1 
ATOM 528 C CB   . ILE A 1 33 ? 3.957   -5.749  -6.478  1.00 2.25 ? 33 ILE A CB   1 
ATOM 529 C CG1  . ILE A 1 33 ? 5.172   -4.872  -6.166  1.00 2.80 ? 33 ILE A CG1  1 
ATOM 530 C CG2  . ILE A 1 33 ? 3.139   -5.950  -5.199  1.00 2.89 ? 33 ILE A CG2  1 
ATOM 531 C CD1  . ILE A 1 33 ? 5.408   -3.893  -7.315  1.00 3.31 ? 33 ILE A CD1  1 
ATOM 532 H H    . ILE A 1 33 ? 4.092   -7.094  -9.137  1.00 1.71 ? 33 ILE A H    1 
ATOM 533 H HA   . ILE A 1 33 ? 5.314   -7.423  -6.476  1.00 2.08 ? 33 ILE A HA   1 
ATOM 534 H HB   . ILE A 1 33 ? 3.345   -5.265  -7.224  1.00 2.37 ? 33 ILE A HB   1 
ATOM 535 H HG12 . ILE A 1 33 ? 4.993   -4.321  -5.254  1.00 3.19 ? 33 ILE A HG12 1 
ATOM 536 H HG13 . ILE A 1 33 ? 6.045   -5.497  -6.042  1.00 3.11 ? 33 ILE A HG13 1 
ATOM 537 H HG21 . ILE A 1 33 ? 3.326   -6.937  -4.803  1.00 3.20 ? 33 ILE A HG21 1 
ATOM 538 H HG22 . ILE A 1 33 ? 3.427   -5.208  -4.469  1.00 3.31 ? 33 ILE A HG22 1 
ATOM 539 H HG23 . ILE A 1 33 ? 2.088   -5.845  -5.425  1.00 3.20 ? 33 ILE A HG23 1 
ATOM 540 H HD11 . ILE A 1 33 ? 4.734   -4.123  -8.125  1.00 3.80 ? 33 ILE A HD11 1 
ATOM 541 H HD12 . ILE A 1 33 ? 5.229   -2.885  -6.973  1.00 3.39 ? 33 ILE A HD12 1 
ATOM 542 H HD13 . ILE A 1 33 ? 6.428   -3.980  -7.660  1.00 3.73 ? 33 ILE A HD13 1 
ATOM 543 N N    . GLY A 1 34 ? 2.373   -8.145  -7.778  1.00 1.35 ? 34 GLY A N    1 
ATOM 544 C CA   . GLY A 1 34 ? 1.271   -9.146  -7.709  1.00 1.41 ? 34 GLY A CA   1 
ATOM 545 C C    . GLY A 1 34 ? 0.070   -8.539  -6.981  1.00 1.44 ? 34 GLY A C    1 
ATOM 546 O O    . GLY A 1 34 ? -0.692  -9.231  -6.336  1.00 1.85 ? 34 GLY A O    1 
ATOM 547 H H    . GLY A 1 34 ? 2.382   -7.477  -8.495  1.00 1.54 ? 34 GLY A H    1 
ATOM 548 H HA2  . GLY A 1 34 ? 0.981   -9.432  -8.710  1.00 1.62 ? 34 GLY A HA2  1 
ATOM 549 H HA3  . GLY A 1 34 ? 1.610   -10.017 -7.170  1.00 1.53 ? 34 GLY A HA3  1 
ATOM 550 N N    . GLY A 1 35 ? -0.107  -7.250  -7.081  1.00 1.46 ? 35 GLY A N    1 
ATOM 551 C CA   . GLY A 1 35 ? -1.260  -6.601  -6.394  1.00 1.65 ? 35 GLY A CA   1 
ATOM 552 C C    . GLY A 1 35 ? -2.517  -6.749  -7.253  1.00 1.17 ? 35 GLY A C    1 
ATOM 553 O O    . GLY A 1 35 ? -2.736  -6.000  -8.184  1.00 1.60 ? 35 GLY A O    1 
ATOM 554 H H    . GLY A 1 35 ? 0.518   -6.709  -7.607  1.00 1.67 ? 35 GLY A H    1 
ATOM 555 H HA2  . GLY A 1 35 ? -1.420  -7.074  -5.435  1.00 1.91 ? 35 GLY A HA2  1 
ATOM 556 H HA3  . GLY A 1 35 ? -1.050  -5.553  -6.248  1.00 2.24 ? 35 GLY A HA3  1 
ATOM 557 N N    . SER A 1 36 ? -3.348  -7.708  -6.946  1.00 0.87 ? 36 SER A N    1 
ATOM 558 C CA   . SER A 1 36 ? -4.590  -7.901  -7.746  1.00 1.21 ? 36 SER A CA   1 
ATOM 559 C C    . SER A 1 36 ? -5.564  -6.745  -7.496  1.00 1.11 ? 36 SER A C    1 
ATOM 560 O O    . SER A 1 36 ? -6.314  -6.353  -8.368  1.00 1.52 ? 36 SER A O    1 
ATOM 561 C CB   . SER A 1 36 ? -5.180  -9.216  -7.243  1.00 1.76 ? 36 SER A CB   1 
ATOM 562 O OG   . SER A 1 36 ? -5.741  -9.016  -5.953  1.00 2.13 ? 36 SER A OG   1 
ATOM 563 H H    . SER A 1 36 ? -3.155  -8.301  -6.191  1.00 1.06 ? 36 SER A H    1 
ATOM 564 H HA   . SER A 1 36 ? -4.356  -7.978  -8.796  1.00 1.60 ? 36 SER A HA   1 
ATOM 565 H HB2  . SER A 1 36 ? -5.952  -9.548  -7.917  1.00 2.26 ? 36 SER A HB2  1 
ATOM 566 H HB3  . SER A 1 36 ? -4.401  -9.965  -7.196  1.00 1.96 ? 36 SER A HB3  1 
ATOM 567 H HG   . SER A 1 36 ? -5.242  -9.546  -5.327  1.00 2.54 ? 36 SER A HG   1 
ATOM 568 N N    . TYR A 1 37 ? -5.553  -6.194  -6.313  1.00 0.77 ? 37 TYR A N    1 
ATOM 569 C CA   . TYR A 1 37 ? -6.475  -5.061  -6.010  1.00 0.76 ? 37 TYR A CA   1 
ATOM 570 C C    . TYR A 1 37 ? -5.791  -4.066  -5.068  1.00 0.57 ? 37 TYR A C    1 
ATOM 571 O O    . TYR A 1 37 ? -5.187  -4.444  -4.084  1.00 0.68 ? 37 TYR A O    1 
ATOM 572 C CB   . TYR A 1 37 ? -7.685  -5.703  -5.329  1.00 0.98 ? 37 TYR A CB   1 
ATOM 573 C CG   . TYR A 1 37 ? -8.954  -5.107  -5.892  1.00 1.22 ? 37 TYR A CG   1 
ATOM 574 C CD1  . TYR A 1 37 ? -9.381  -3.843  -5.467  1.00 1.84 ? 37 TYR A CD1  1 
ATOM 575 C CD2  . TYR A 1 37 ? -9.701  -5.817  -6.838  1.00 1.82 ? 37 TYR A CD2  1 
ATOM 576 C CE1  . TYR A 1 37 ? -10.557 -3.290  -5.988  1.00 2.18 ? 37 TYR A CE1  1 
ATOM 577 C CE2  . TYR A 1 37 ? -10.877 -5.265  -7.359  1.00 2.12 ? 37 TYR A CE2  1 
ATOM 578 C CZ   . TYR A 1 37 ? -11.305 -4.000  -6.935  1.00 2.00 ? 37 TYR A CZ   1 
ATOM 579 O OH   . TYR A 1 37 ? -12.464 -3.455  -7.449  1.00 2.45 ? 37 TYR A OH   1 
ATOM 580 H H    . TYR A 1 37 ? -4.939  -6.523  -5.625  1.00 0.77 ? 37 TYR A H    1 
ATOM 581 H HA   . TYR A 1 37 ? -6.782  -4.570  -6.920  1.00 0.93 ? 37 TYR A HA   1 
ATOM 582 H HB2  . TYR A 1 37 ? -7.676  -6.768  -5.508  1.00 1.16 ? 37 TYR A HB2  1 
ATOM 583 H HB3  . TYR A 1 37 ? -7.641  -5.517  -4.266  1.00 1.04 ? 37 TYR A HB3  1 
ATOM 584 H HD1  . TYR A 1 37 ? -8.804  -3.295  -4.737  1.00 2.45 ? 37 TYR A HD1  1 
ATOM 585 H HD2  . TYR A 1 37 ? -9.372  -6.792  -7.166  1.00 2.47 ? 37 TYR A HD2  1 
ATOM 586 H HE1  . TYR A 1 37 ? -10.887 -2.316  -5.661  1.00 2.93 ? 37 TYR A HE1  1 
ATOM 587 H HE2  . TYR A 1 37 ? -11.455 -5.812  -8.089  1.00 2.82 ? 37 TYR A HE2  1 
ATOM 588 H HH   . TYR A 1 37 ? -12.238 -2.986  -8.256  1.00 2.55 ? 37 TYR A HH   1 
ATOM 589 N N    . GLY A 1 38 ? -5.876  -2.798  -5.364  1.00 0.59 ? 38 GLY A N    1 
ATOM 590 C CA   . GLY A 1 38 ? -5.225  -1.786  -4.484  1.00 0.53 ? 38 GLY A CA   1 
ATOM 591 C C    . GLY A 1 38 ? -6.133  -0.564  -4.340  1.00 0.51 ? 38 GLY A C    1 
ATOM 592 O O    . GLY A 1 38 ? -6.354  0.174   -5.280  1.00 0.63 ? 38 GLY A O    1 
ATOM 593 H H    . GLY A 1 38 ? -6.365  -2.511  -6.164  1.00 0.83 ? 38 GLY A H    1 
ATOM 594 H HA2  . GLY A 1 38 ? -5.047  -2.220  -3.511  1.00 0.57 ? 38 GLY A HA2  1 
ATOM 595 H HA3  . GLY A 1 38 ? -4.286  -1.482  -4.921  1.00 0.64 ? 38 GLY A HA3  1 
ATOM 596 N N    . TYR A 1 39 ? -6.655  -0.339  -3.165  1.00 0.54 ? 39 TYR A N    1 
ATOM 597 C CA   . TYR A 1 39 ? -7.543  0.840   -2.954  1.00 0.60 ? 39 TYR A CA   1 
ATOM 598 C C    . TYR A 1 39 ? -7.248  1.479   -1.594  1.00 0.55 ? 39 TYR A C    1 
ATOM 599 O O    . TYR A 1 39 ? -6.545  0.919   -0.776  1.00 0.65 ? 39 TYR A O    1 
ATOM 600 C CB   . TYR A 1 39 ? -8.967  0.282   -2.991  1.00 0.73 ? 39 TYR A CB   1 
ATOM 601 C CG   . TYR A 1 39 ? -9.173  -0.662  -1.831  1.00 0.76 ? 39 TYR A CG   1 
ATOM 602 C CD1  . TYR A 1 39 ? -8.726  -1.986  -1.918  1.00 1.46 ? 39 TYR A CD1  1 
ATOM 603 C CD2  . TYR A 1 39 ? -9.810  -0.214  -0.667  1.00 1.47 ? 39 TYR A CD2  1 
ATOM 604 C CE1  . TYR A 1 39 ? -8.918  -2.862  -0.843  1.00 1.58 ? 39 TYR A CE1  1 
ATOM 605 C CE2  . TYR A 1 39 ? -10.002 -1.090  0.408   1.00 1.60 ? 39 TYR A CE2  1 
ATOM 606 C CZ   . TYR A 1 39 ? -9.556  -2.414  0.320   1.00 1.15 ? 39 TYR A CZ   1 
ATOM 607 O OH   . TYR A 1 39 ? -9.745  -3.278  1.380   1.00 1.41 ? 39 TYR A OH   1 
ATOM 608 H H    . TYR A 1 39 ? -6.460  -0.943  -2.419  1.00 0.64 ? 39 TYR A H    1 
ATOM 609 H HA   . TYR A 1 39 ? -7.408  1.560   -3.746  1.00 0.67 ? 39 TYR A HA   1 
ATOM 610 H HB2  . TYR A 1 39 ? -9.674  1.095   -2.924  1.00 0.82 ? 39 TYR A HB2  1 
ATOM 611 H HB3  . TYR A 1 39 ? -9.119  -0.252  -3.918  1.00 0.85 ? 39 TYR A HB3  1 
ATOM 612 H HD1  . TYR A 1 39 ? -8.236  -2.332  -2.816  1.00 2.27 ? 39 TYR A HD1  1 
ATOM 613 H HD2  . TYR A 1 39 ? -10.155 0.808   -0.600  1.00 2.29 ? 39 TYR A HD2  1 
ATOM 614 H HE1  . TYR A 1 39 ? -8.575  -3.883  -0.910  1.00 2.41 ? 39 TYR A HE1  1 
ATOM 615 H HE2  . TYR A 1 39 ? -10.494 -0.745  1.305   1.00 2.43 ? 39 TYR A HE2  1 
ATOM 616 H HH   . TYR A 1 39 ? -8.947  -3.800  1.483   1.00 1.53 ? 39 TYR A HH   1 
ATOM 617 N N    . CYS A 1 40 ? -7.772  2.647   -1.346  1.00 0.48 ? 40 CYS A N    1 
ATOM 618 C CA   . CYS A 1 40 ? -7.513  3.317   -0.039  1.00 0.51 ? 40 CYS A CA   1 
ATOM 619 C C    . CYS A 1 40 ? -8.525  2.850   1.011   1.00 0.52 ? 40 CYS A C    1 
ATOM 620 O O    . CYS A 1 40 ? -9.722  2.939   0.816   1.00 0.62 ? 40 CYS A O    1 
ATOM 621 C CB   . CYS A 1 40 ? -7.680  4.810   -0.318  1.00 0.56 ? 40 CYS A CB   1 
ATOM 622 S SG   . CYS A 1 40 ? -6.425  5.737   0.600   1.00 1.09 ? 40 CYS A SG   1 
ATOM 623 H H    . CYS A 1 40 ? -8.334  3.086   -2.020  1.00 0.51 ? 40 CYS A H    1 
ATOM 624 H HA   . CYS A 1 40 ? -6.506  3.115   0.292   1.00 0.57 ? 40 CYS A HA   1 
ATOM 625 H HB2  . CYS A 1 40 ? -7.562  4.995   -1.375  1.00 0.57 ? 40 CYS A HB2  1 
ATOM 626 H HB3  . CYS A 1 40 ? -8.662  5.127   -0.003  1.00 0.78 ? 40 CYS A HB3  1 
ATOM 627 N N    . TYR A 1 41 ? -8.053  2.359   2.122   1.00 0.55 ? 41 TYR A N    1 
ATOM 628 C CA   . TYR A 1 41 ? -8.986  1.891   3.190   1.00 0.63 ? 41 TYR A CA   1 
ATOM 629 C C    . TYR A 1 41 ? -8.580  2.493   4.538   1.00 0.69 ? 41 TYR A C    1 
ATOM 630 O O    . TYR A 1 41 ? -7.435  2.427   4.938   1.00 0.78 ? 41 TYR A O    1 
ATOM 631 C CB   . TYR A 1 41 ? -8.832  0.369   3.211   1.00 0.70 ? 41 TYR A CB   1 
ATOM 632 C CG   . TYR A 1 41 ? -9.881  -0.231  4.117   1.00 0.96 ? 41 TYR A CG   1 
ATOM 633 C CD1  . TYR A 1 41 ? -11.208 -0.334  3.681   1.00 1.72 ? 41 TYR A CD1  1 
ATOM 634 C CD2  . TYR A 1 41 ? -9.527  -0.687  5.393   1.00 1.58 ? 41 TYR A CD2  1 
ATOM 635 C CE1  . TYR A 1 41 ? -12.179 -0.892  4.521   1.00 2.05 ? 41 TYR A CE1  1 
ATOM 636 C CE2  . TYR A 1 41 ? -10.499 -1.246  6.232   1.00 1.86 ? 41 TYR A CE2  1 
ATOM 637 C CZ   . TYR A 1 41 ? -11.825 -1.347  5.796   1.00 1.77 ? 41 TYR A CZ   1 
ATOM 638 O OH   . TYR A 1 41 ? -12.784 -1.898  6.622   1.00 2.21 ? 41 TYR A OH   1 
ATOM 639 H H    . TYR A 1 41 ? -7.084  2.299   2.259   1.00 0.61 ? 41 TYR A H    1 
ATOM 640 H HA   . TYR A 1 41 ? -10.001 2.157   2.946   1.00 0.67 ? 41 TYR A HA   1 
ATOM 641 H HB2  . TYR A 1 41 ? -8.957  -0.018  2.210   1.00 0.76 ? 41 TYR A HB2  1 
ATOM 642 H HB3  . TYR A 1 41 ? -7.850  0.111   3.577   1.00 0.79 ? 41 TYR A HB3  1 
ATOM 643 H HD1  . TYR A 1 41 ? -11.481 0.018   2.698   1.00 2.41 ? 41 TYR A HD1  1 
ATOM 644 H HD2  . TYR A 1 41 ? -8.504  -0.609  5.729   1.00 2.26 ? 41 TYR A HD2  1 
ATOM 645 H HE1  . TYR A 1 41 ? -13.203 -0.971  4.184   1.00 2.86 ? 41 TYR A HE1  1 
ATOM 646 H HE2  . TYR A 1 41 ? -10.225 -1.596  7.216   1.00 2.58 ? 41 TYR A HE2  1 
ATOM 647 H HH   . TYR A 1 41 ? -12.453 -1.864  7.523   1.00 2.43 ? 41 TYR A HH   1 
ATOM 648 N N    . GLY A 1 42 ? -9.508  3.083   5.240   1.00 0.77 ? 42 GLY A N    1 
ATOM 649 C CA   . GLY A 1 42 ? -9.169  3.691   6.559   1.00 0.87 ? 42 GLY A CA   1 
ATOM 650 C C    . GLY A 1 42 ? -8.140  4.804   6.354   1.00 0.87 ? 42 GLY A C    1 
ATOM 651 O O    . GLY A 1 42 ? -7.168  4.905   7.076   1.00 1.22 ? 42 GLY A O    1 
ATOM 652 H H    . GLY A 1 42 ? -10.427 3.130   4.900   1.00 0.85 ? 42 GLY A H    1 
ATOM 653 H HA2  . GLY A 1 42 ? -10.064 4.102   7.006   1.00 0.96 ? 42 GLY A HA2  1 
ATOM 654 H HA3  . GLY A 1 42 ? -8.753  2.936   7.208   1.00 0.91 ? 42 GLY A HA3  1 
ATOM 655 N N    . PHE A 1 43 ? -8.347  5.640   5.372   1.00 0.75 ? 43 PHE A N    1 
ATOM 656 C CA   . PHE A 1 43 ? -7.381  6.748   5.116   1.00 0.74 ? 43 PHE A CA   1 
ATOM 657 C C    . PHE A 1 43 ? -5.977  6.182   4.882   1.00 0.70 ? 43 PHE A C    1 
ATOM 658 O O    . PHE A 1 43 ? -5.066  6.419   5.650   1.00 0.84 ? 43 PHE A O    1 
ATOM 659 C CB   . PHE A 1 43 ? -7.412  7.606   6.381   1.00 0.87 ? 43 PHE A CB   1 
ATOM 660 C CG   . PHE A 1 43 ? -8.590  8.552   6.327   1.00 1.02 ? 43 PHE A CG   1 
ATOM 661 C CD1  . PHE A 1 43 ? -9.727  8.217   5.580   1.00 1.53 ? 43 PHE A CD1  1 
ATOM 662 C CD2  . PHE A 1 43 ? -8.547  9.763   7.027   1.00 1.76 ? 43 PHE A CD2  1 
ATOM 663 C CE1  . PHE A 1 43 ? -10.818 9.095   5.533   1.00 1.68 ? 43 PHE A CE1  1 
ATOM 664 C CE2  . PHE A 1 43 ? -9.639  10.640  6.980   1.00 1.91 ? 43 PHE A CE2  1 
ATOM 665 C CZ   . PHE A 1 43 ? -10.774 10.305  6.232   1.00 1.44 ? 43 PHE A CZ   1 
ATOM 666 H H    . PHE A 1 43 ? -9.137  5.538   4.802   1.00 0.90 ? 43 PHE A H    1 
ATOM 667 H HA   . PHE A 1 43 ? -7.697  7.333   4.266   1.00 0.72 ? 43 PHE A HA   1 
ATOM 668 H HB2  . PHE A 1 43 ? -7.504  6.968   7.248   1.00 0.86 ? 43 PHE A HB2  1 
ATOM 669 H HB3  . PHE A 1 43 ? -6.498  8.178   6.451   1.00 0.93 ? 43 PHE A HB3  1 
ATOM 670 H HD1  . PHE A 1 43 ? -9.763  7.284   5.039   1.00 2.25 ? 43 PHE A HD1  1 
ATOM 671 H HD2  . PHE A 1 43 ? -7.672  10.024  7.604   1.00 2.52 ? 43 PHE A HD2  1 
ATOM 672 H HE1  . PHE A 1 43 ? -11.694 8.835   4.956   1.00 2.42 ? 43 PHE A HE1  1 
ATOM 673 H HE2  . PHE A 1 43 ? -9.605  11.574  7.521   1.00 2.72 ? 43 PHE A HE2  1 
ATOM 674 H HZ   . PHE A 1 43 ? -11.615 10.981  6.197   1.00 1.63 ? 43 PHE A HZ   1 
ATOM 675 N N    . GLY A 1 44 ? -5.796  5.436   3.826   1.00 0.62 ? 44 GLY A N    1 
ATOM 676 C CA   . GLY A 1 44 ? -4.451  4.855   3.544   1.00 0.62 ? 44 GLY A CA   1 
ATOM 677 C C    . GLY A 1 44 ? -4.535  3.930   2.329   1.00 0.53 ? 44 GLY A C    1 
ATOM 678 O O    . GLY A 1 44 ? -5.500  3.212   2.148   1.00 0.51 ? 44 GLY A O    1 
ATOM 679 H H    . GLY A 1 44 ? -6.543  5.256   3.219   1.00 0.65 ? 44 GLY A H    1 
ATOM 680 H HA2  . GLY A 1 44 ? -3.751  5.653   3.344   1.00 0.70 ? 44 GLY A HA2  1 
ATOM 681 H HA3  . GLY A 1 44 ? -4.117  4.289   4.400   1.00 0.68 ? 44 GLY A HA3  1 
ATOM 682 N N    . CYS A 1 45 ? -3.532  3.937   1.494   1.00 0.59 ? 45 CYS A N    1 
ATOM 683 C CA   . CYS A 1 45 ? -3.555  3.055   0.292   1.00 0.54 ? 45 CYS A CA   1 
ATOM 684 C C    . CYS A 1 45 ? -3.400  1.590   0.712   1.00 0.48 ? 45 CYS A C    1 
ATOM 685 O O    . CYS A 1 45 ? -2.316  1.136   1.022   1.00 0.63 ? 45 CYS A O    1 
ATOM 686 C CB   . CYS A 1 45 ? -2.357  3.497   -0.550  1.00 0.65 ? 45 CYS A CB   1 
ATOM 687 S SG   . CYS A 1 45 ? -2.614  5.192   -1.135  1.00 0.77 ? 45 CYS A SG   1 
ATOM 688 H H    . CYS A 1 45 ? -2.761  4.521   1.657   1.00 0.73 ? 45 CYS A H    1 
ATOM 689 H HA   . CYS A 1 45 ? -4.469  3.195   -0.263  1.00 0.52 ? 45 CYS A HA   1 
ATOM 690 H HB2  . CYS A 1 45 ? -1.461  3.458   0.053   1.00 0.80 ? 45 CYS A HB2  1 
ATOM 691 H HB3  . CYS A 1 45 ? -2.251  2.836   -1.396  1.00 0.89 ? 45 CYS A HB3  1 
ATOM 692 N N    . TYR A 1 46 ? -4.472  0.849   0.726   1.00 0.40 ? 46 TYR A N    1 
ATOM 693 C CA   . TYR A 1 46 ? -4.381  -0.585  1.128   1.00 0.38 ? 46 TYR A CA   1 
ATOM 694 C C    . TYR A 1 46 ? -4.325  -1.479  -0.114  1.00 0.36 ? 46 TYR A C    1 
ATOM 695 O O    . TYR A 1 46 ? -4.909  -1.176  -1.135  1.00 0.48 ? 46 TYR A O    1 
ATOM 696 C CB   . TYR A 1 46 ? -5.656  -0.852  1.928   1.00 0.42 ? 46 TYR A CB   1 
ATOM 697 C CG   . TYR A 1 46 ? -5.484  -2.108  2.747   1.00 0.47 ? 46 TYR A CG   1 
ATOM 698 C CD1  . TYR A 1 46 ? -4.520  -2.157  3.761   1.00 0.56 ? 46 TYR A CD1  1 
ATOM 699 C CD2  . TYR A 1 46 ? -6.291  -3.223  2.495   1.00 0.63 ? 46 TYR A CD2  1 
ATOM 700 C CE1  . TYR A 1 46 ? -4.363  -3.322  4.522   1.00 0.66 ? 46 TYR A CE1  1 
ATOM 701 C CE2  . TYR A 1 46 ? -6.134  -4.388  3.256   1.00 0.71 ? 46 TYR A CE2  1 
ATOM 702 C CZ   . TYR A 1 46 ? -5.170  -4.437  4.269   1.00 0.68 ? 46 TYR A CZ   1 
ATOM 703 O OH   . TYR A 1 46 ? -5.015  -5.585  5.019   1.00 0.81 ? 46 TYR A OH   1 
ATOM 704 H H    . TYR A 1 46 ? -5.338  1.234   0.473   1.00 0.49 ? 46 TYR A H    1 
ATOM 705 H HA   . TYR A 1 46 ? -3.515  -0.748  1.749   1.00 0.39 ? 46 TYR A HA   1 
ATOM 706 H HB2  . TYR A 1 46 ? -5.849  -0.017  2.585   1.00 0.45 ? 46 TYR A HB2  1 
ATOM 707 H HB3  . TYR A 1 46 ? -6.487  -0.977  1.250   1.00 0.46 ? 46 TYR A HB3  1 
ATOM 708 H HD1  . TYR A 1 46 ? -3.897  -1.296  3.957   1.00 0.66 ? 46 TYR A HD1  1 
ATOM 709 H HD2  . TYR A 1 46 ? -7.035  -3.186  1.712   1.00 0.77 ? 46 TYR A HD2  1 
ATOM 710 H HE1  . TYR A 1 46 ? -3.619  -3.360  5.304   1.00 0.81 ? 46 TYR A HE1  1 
ATOM 711 H HE2  . TYR A 1 46 ? -6.757  -5.248  3.060   1.00 0.89 ? 46 TYR A HE2  1 
ATOM 712 H HH   . TYR A 1 46 ? -4.953  -5.330  5.942   1.00 1.24 ? 46 TYR A HH   1 
ATOM 713 N N    . CYS A 1 47 ? -3.627  -2.580  -0.035  1.00 0.36 ? 47 CYS A N    1 
ATOM 714 C CA   . CYS A 1 47 ? -3.534  -3.489  -1.213  1.00 0.40 ? 47 CYS A CA   1 
ATOM 715 C C    . CYS A 1 47 ? -3.864  -4.929  -0.805  1.00 0.42 ? 47 CYS A C    1 
ATOM 716 O O    . CYS A 1 47 ? -3.834  -5.277  0.360   1.00 0.56 ? 47 CYS A O    1 
ATOM 717 C CB   . CYS A 1 47 ? -2.081  -3.387  -1.677  1.00 0.50 ? 47 CYS A CB   1 
ATOM 718 S SG   . CYS A 1 47 ? -1.841  -1.833  -2.573  1.00 0.91 ? 47 CYS A SG   1 
ATOM 719 H H    . CYS A 1 47 ? -3.161  -2.806  0.798   1.00 0.41 ? 47 CYS A H    1 
ATOM 720 H HA   . CYS A 1 47 ? -4.195  -3.159  -1.998  1.00 0.43 ? 47 CYS A HA   1 
ATOM 721 H HB2  . CYS A 1 47 ? -1.426  -3.413  -0.819  1.00 0.60 ? 47 CYS A HB2  1 
ATOM 722 H HB3  . CYS A 1 47 ? -1.852  -4.218  -2.329  1.00 0.63 ? 47 CYS A HB3  1 
ATOM 723 N N    . GLU A 1 48 ? -4.178  -5.767  -1.755  1.00 0.43 ? 48 GLU A N    1 
ATOM 724 C CA   . GLU A 1 48 ? -4.507  -7.183  -1.424  1.00 0.52 ? 48 GLU A CA   1 
ATOM 725 C C    . GLU A 1 48 ? -3.839  -8.129  -2.425  1.00 0.55 ? 48 GLU A C    1 
ATOM 726 O O    . GLU A 1 48 ? -4.098  -8.079  -3.611  1.00 0.85 ? 48 GLU A O    1 
ATOM 727 C CB   . GLU A 1 48 ? -6.030  -7.273  -1.536  1.00 0.64 ? 48 GLU A CB   1 
ATOM 728 C CG   . GLU A 1 48 ? -6.674  -6.477  -0.399  1.00 0.87 ? 48 GLU A CG   1 
ATOM 729 C CD   . GLU A 1 48 ? -8.175  -6.768  -0.357  1.00 1.32 ? 48 GLU A CD   1 
ATOM 730 O OE1  . GLU A 1 48 ? -8.859  -6.385  -1.293  1.00 1.68 ? 48 GLU A OE1  1 
ATOM 731 O OE2  . GLU A 1 48 ? -8.615  -7.369  0.608   1.00 2.08 ? 48 GLU A OE2  1 
ATOM 732 H H    . GLU A 1 48 ? -4.195  -5.465  -2.688  1.00 0.48 ? 48 GLU A H    1 
ATOM 733 H HA   . GLU A 1 48 ? -4.197  -7.417  -0.418  1.00 0.55 ? 48 GLU A HA   1 
ATOM 734 H HB2  . GLU A 1 48 ? -6.345  -6.867  -2.486  1.00 0.79 ? 48 GLU A HB2  1 
ATOM 735 H HB3  . GLU A 1 48 ? -6.335  -8.307  -1.467  1.00 0.89 ? 48 GLU A HB3  1 
ATOM 736 H HG2  . GLU A 1 48 ? -6.223  -6.764  0.540   1.00 1.19 ? 48 GLU A HG2  1 
ATOM 737 H HG3  . GLU A 1 48 ? -6.517  -5.421  -0.565  1.00 1.12 ? 48 GLU A HG3  1 
ATOM 738 N N    . GLY A 1 49 ? -2.978  -8.993  -1.957  1.00 0.71 ? 49 GLY A N    1 
ATOM 739 C CA   . GLY A 1 49 ? -2.294  -9.941  -2.883  1.00 0.80 ? 49 GLY A CA   1 
ATOM 740 C C    . GLY A 1 49 ? -0.797  -9.626  -2.924  1.00 0.79 ? 49 GLY A C    1 
ATOM 741 O O    . GLY A 1 49 ? -0.137  -9.832  -3.922  1.00 1.08 ? 49 GLY A O    1 
ATOM 742 H H    . GLY A 1 49 ? -2.783  -9.018  -0.997  1.00 0.99 ? 49 GLY A H    1 
ATOM 743 H HA2  . GLY A 1 49 ? -2.441  -10.953 -2.533  1.00 0.84 ? 49 GLY A HA2  1 
ATOM 744 H HA3  . GLY A 1 49 ? -2.707  -9.837  -3.874  1.00 0.89 ? 49 GLY A HA3  1 
ATOM 745 N N    . LEU A 1 50 ? -0.258  -9.126  -1.847  1.00 0.80 ? 50 LEU A N    1 
ATOM 746 C CA   . LEU A 1 50 ? 1.197   -8.797  -1.824  1.00 0.85 ? 50 LEU A CA   1 
ATOM 747 C C    . LEU A 1 50 ? 2.009   -10.025 -1.382  1.00 0.78 ? 50 LEU A C    1 
ATOM 748 O O    . LEU A 1 50 ? 1.791   -10.545 -0.306  1.00 0.85 ? 50 LEU A O    1 
ATOM 749 C CB   . LEU A 1 50 ? 1.329   -7.673  -0.795  1.00 0.99 ? 50 LEU A CB   1 
ATOM 750 C CG   . LEU A 1 50 ? 0.232   -6.634  -1.027  1.00 0.79 ? 50 LEU A CG   1 
ATOM 751 C CD1  . LEU A 1 50 ? 0.457   -5.434  -0.105  1.00 1.39 ? 50 LEU A CD1  1 
ATOM 752 C CD2  . LEU A 1 50 ? 0.271   -6.167  -2.485  1.00 1.44 ? 50 LEU A CD2  1 
ATOM 753 H H    . LEU A 1 50 ? -0.809  -8.966  -1.051  1.00 1.01 ? 50 LEU A H    1 
ATOM 754 H HA   . LEU A 1 50 ? 1.516   -8.448  -2.791  1.00 1.00 ? 50 LEU A HA   1 
ATOM 755 H HB2  . LEU A 1 50 ? 1.232   -8.084  0.200   1.00 1.26 ? 50 LEU A HB2  1 
ATOM 756 H HB3  . LEU A 1 50 ? 2.296   -7.203  -0.898  1.00 1.45 ? 50 LEU A HB3  1 
ATOM 757 H HG   . LEU A 1 50 ? -0.732  -7.074  -0.815  1.00 1.50 ? 50 LEU A HG   1 
ATOM 758 H HD11 . LEU A 1 50 ? 1.502   -5.380  0.168   1.00 1.98 ? 50 LEU A HD11 1 
ATOM 759 H HD12 . LEU A 1 50 ? 0.172   -4.527  -0.616  1.00 1.93 ? 50 LEU A HD12 1 
ATOM 760 H HD13 . LEU A 1 50 ? -0.141  -5.548  0.787   1.00 1.94 ? 50 LEU A HD13 1 
ATOM 761 H HD21 . LEU A 1 50 ? 1.240   -6.393  -2.907  1.00 1.88 ? 50 LEU A HD21 1 
ATOM 762 H HD22 . LEU A 1 50 ? -0.495  -6.678  -3.047  1.00 2.09 ? 50 LEU A HD22 1 
ATOM 763 H HD23 . LEU A 1 50 ? 0.099   -5.102  -2.527  1.00 1.95 ? 50 LEU A HD23 1 
ATOM 764 N N    . PRO A 1 51 ? 2.924   -10.456 -2.220  1.00 0.81 ? 51 PRO A N    1 
ATOM 765 C CA   . PRO A 1 51 ? 3.762   -11.634 -1.887  1.00 0.88 ? 51 PRO A CA   1 
ATOM 766 C C    . PRO A 1 51 ? 4.580   -11.371 -0.619  1.00 0.86 ? 51 PRO A C    1 
ATOM 767 O O    . PRO A 1 51 ? 4.870   -10.242 -0.278  1.00 0.85 ? 51 PRO A O    1 
ATOM 768 C CB   . PRO A 1 51 ? 4.668   -11.763 -3.115  1.00 1.07 ? 51 PRO A CB   1 
ATOM 769 C CG   . PRO A 1 51 ? 4.305   -10.651 -4.118  1.00 1.13 ? 51 PRO A CG   1 
ATOM 770 C CD   . PRO A 1 51 ? 3.171   -9.804  -3.527  1.00 0.96 ? 51 PRO A CD   1 
ATOM 771 H HA   . PRO A 1 51 ? 3.156   -12.518 -1.780  1.00 0.97 ? 51 PRO A HA   1 
ATOM 772 H HB2  . PRO A 1 51 ? 5.702   -11.659 -2.814  1.00 1.11 ? 51 PRO A HB2  1 
ATOM 773 H HB3  . PRO A 1 51 ? 4.520   -12.726 -3.577  1.00 1.22 ? 51 PRO A HB3  1 
ATOM 774 H HG2  . PRO A 1 51 ? 5.170   -10.029 -4.298  1.00 1.23 ? 51 PRO A HG2  1 
ATOM 775 H HG3  . PRO A 1 51 ? 3.977   -11.094 -5.046  1.00 1.28 ? 51 PRO A HG3  1 
ATOM 776 H HD2  . PRO A 1 51 ? 3.490   -8.778  -3.394  1.00 1.00 ? 51 PRO A HD2  1 
ATOM 777 H HD3  . PRO A 1 51 ? 2.289   -9.857  -4.145  1.00 1.01 ? 51 PRO A HD3  1 
ATOM 778 N N    . ASP A 1 52 ? 4.952   -12.408 0.083   1.00 1.02 ? 52 ASP A N    1 
ATOM 779 C CA   . ASP A 1 52 ? 5.749   -12.218 1.330   1.00 1.15 ? 52 ASP A CA   1 
ATOM 780 C C    . ASP A 1 52 ? 7.042   -11.458 1.026   1.00 1.17 ? 52 ASP A C    1 
ATOM 781 O O    . ASP A 1 52 ? 7.664   -10.895 1.904   1.00 1.33 ? 52 ASP A O    1 
ATOM 782 C CB   . ASP A 1 52 ? 6.059   -13.633 1.820   1.00 1.35 ? 52 ASP A CB   1 
ATOM 783 C CG   . ASP A 1 52 ? 5.415   -13.851 3.190   1.00 1.73 ? 52 ASP A CG   1 
ATOM 784 O OD1  . ASP A 1 52 ? 4.478   -13.134 3.503   1.00 2.11 ? 52 ASP A OD1  1 
ATOM 785 O OD2  . ASP A 1 52 ? 5.867   -14.731 3.903   1.00 2.37 ? 52 ASP A OD2  1 
ATOM 786 H H    . ASP A 1 52 ? 4.706   -13.310 -0.209  1.00 1.13 ? 52 ASP A H    1 
ATOM 787 H HA   . ASP A 1 52 ? 5.168   -11.691 2.071   1.00 1.18 ? 52 ASP A HA   1 
ATOM 788 H HB2  . ASP A 1 52 ? 5.664   -14.352 1.116   1.00 1.41 ? 52 ASP A HB2  1 
ATOM 789 H HB3  . ASP A 1 52 ? 7.128   -13.760 1.903   1.00 1.69 ? 52 ASP A HB3  1 
ATOM 790 N N    . SER A 1 53 ? 7.454   -11.437 -0.213  1.00 1.16 ? 53 SER A N    1 
ATOM 791 C CA   . SER A 1 53 ? 8.707   -10.713 -0.569  1.00 1.30 ? 53 SER A CA   1 
ATOM 792 C C    . SER A 1 53 ? 8.414   -9.223  -0.774  1.00 1.19 ? 53 SER A C    1 
ATOM 793 O O    . SER A 1 53 ? 9.268   -8.464  -1.187  1.00 1.33 ? 53 SER A O    1 
ATOM 794 C CB   . SER A 1 53 ? 9.175   -11.351 -1.876  1.00 1.49 ? 53 SER A CB   1 
ATOM 795 O OG   . SER A 1 53 ? 10.183  -12.313 -1.594  1.00 2.09 ? 53 SER A OG   1 
ATOM 796 H H    . SER A 1 53 ? 6.939   -11.898 -0.908  1.00 1.17 ? 53 SER A H    1 
ATOM 797 H HA   . SER A 1 53 ? 9.453   -10.849 0.197   1.00 1.44 ? 53 SER A HA   1 
ATOM 798 H HB2  . SER A 1 53 ? 8.345   -11.839 -2.359  1.00 1.83 ? 53 SER A HB2  1 
ATOM 799 H HB3  . SER A 1 53 ? 9.569   -10.583 -2.530  1.00 1.80 ? 53 SER A HB3  1 
ATOM 800 H HG   . SER A 1 53 ? 10.443  -12.722 -2.423  1.00 2.51 ? 53 SER A HG   1 
ATOM 801 N N    . THR A 1 54 ? 7.213   -8.801  -0.491  1.00 1.07 ? 54 THR A N    1 
ATOM 802 C CA   . THR A 1 54 ? 6.864   -7.364  -0.673  1.00 1.02 ? 54 THR A CA   1 
ATOM 803 C C    . THR A 1 54 ? 6.918   -6.626  0.669   1.00 0.96 ? 54 THR A C    1 
ATOM 804 O O    . THR A 1 54 ? 6.444   -7.115  1.676   1.00 0.97 ? 54 THR A O    1 
ATOM 805 C CB   . THR A 1 54 ? 5.438   -7.372  -1.223  1.00 1.01 ? 54 THR A CB   1 
ATOM 806 O OG1  . THR A 1 54 ? 5.331   -8.358  -2.240  1.00 1.19 ? 54 THR A OG1  1 
ATOM 807 C CG2  . THR A 1 54 ? 5.105   -5.998  -1.803  1.00 1.20 ? 54 THR A CG2  1 
ATOM 808 H H    . THR A 1 54 ? 6.537   -9.429  -0.161  1.00 1.09 ? 54 THR A H    1 
ATOM 809 H HA   . THR A 1 54 ? 7.531   -6.901  -1.383  1.00 1.15 ? 54 THR A HA   1 
ATOM 810 H HB   . THR A 1 54 ? 4.746   -7.598  -0.427  1.00 1.04 ? 54 THR A HB   1 
ATOM 811 H HG1  . THR A 1 54 ? 6.058   -8.231  -2.854  1.00 1.53 ? 54 THR A HG1  1 
ATOM 812 H HG21 . THR A 1 54 ? 6.017   -5.433  -1.934  1.00 1.76 ? 54 THR A HG21 1 
ATOM 813 H HG22 . THR A 1 54 ? 4.616   -6.120  -2.758  1.00 1.56 ? 54 THR A HG22 1 
ATOM 814 H HG23 . THR A 1 54 ? 4.450   -5.471  -1.127  1.00 1.56 ? 54 THR A HG23 1 
ATOM 815 N N    . GLN A 1 55 ? 7.486   -5.451  0.688   1.00 1.06 ? 55 GLN A N    1 
ATOM 816 C CA   . GLN A 1 55 ? 7.566   -4.678  1.961   1.00 1.13 ? 55 GLN A CA   1 
ATOM 817 C C    . GLN A 1 55 ? 6.268   -3.895  2.179   1.00 0.99 ? 55 GLN A C    1 
ATOM 818 O O    . GLN A 1 55 ? 5.843   -3.135  1.332   1.00 1.11 ? 55 GLN A O    1 
ATOM 819 C CB   . GLN A 1 55 ? 8.746   -3.725  1.769   1.00 1.43 ? 55 GLN A CB   1 
ATOM 820 C CG   . GLN A 1 55 ? 9.088   -3.058  3.103   1.00 1.91 ? 55 GLN A CG   1 
ATOM 821 C CD   . GLN A 1 55 ? 9.329   -4.131  4.165   1.00 2.25 ? 55 GLN A CD   1 
ATOM 822 O OE1  . GLN A 1 55 ? 10.391  -4.717  4.224   1.00 2.90 ? 55 GLN A OE1  1 
ATOM 823 N NE2  . GLN A 1 55 ? 8.380   -4.415  5.015   1.00 2.54 ? 55 GLN A NE2  1 
ATOM 824 H H    . GLN A 1 55 ? 7.857   -5.075  -0.137  1.00 1.16 ? 55 GLN A H    1 
ATOM 825 H HA   . GLN A 1 55 ? 7.755   -5.339  2.793   1.00 1.20 ? 55 GLN A HA   1 
ATOM 826 H HB2  . GLN A 1 55 ? 9.602   -4.280  1.413   1.00 1.65 ? 55 GLN A HB2  1 
ATOM 827 H HB3  . GLN A 1 55 ? 8.482   -2.967  1.047   1.00 1.76 ? 55 GLN A HB3  1 
ATOM 828 H HG2  . GLN A 1 55 ? 9.980   -2.459  2.986   1.00 2.34 ? 55 GLN A HG2  1 
ATOM 829 H HG3  . GLN A 1 55 ? 8.268   -2.427  3.411   1.00 2.45 ? 55 GLN A HG3  1 
ATOM 830 H HE21 . GLN A 1 55 ? 7.523   -3.942  4.967   1.00 2.67 ? 55 GLN A HE21 1 
ATOM 831 H HE22 . GLN A 1 55 ? 8.524   -5.100  5.700   1.00 3.03 ? 55 GLN A HE22 1 
ATOM 832 N N    . THR A 1 56 ? 5.630   -4.079  3.303   1.00 0.93 ? 56 THR A N    1 
ATOM 833 C CA   . THR A 1 56 ? 4.356   -3.348  3.563   1.00 0.83 ? 56 THR A CA   1 
ATOM 834 C C    . THR A 1 56 ? 4.438   -2.573  4.882   1.00 0.72 ? 56 THR A C    1 
ATOM 835 O O    . THR A 1 56 ? 5.390   -2.689  5.627   1.00 0.83 ? 56 THR A O    1 
ATOM 836 C CB   . THR A 1 56 ? 3.291   -4.441  3.652   1.00 0.96 ? 56 THR A CB   1 
ATOM 837 O OG1  . THR A 1 56 ? 3.890   -5.647  4.104   1.00 1.66 ? 56 THR A OG1  1 
ATOM 838 C CG2  . THR A 1 56 ? 2.669   -4.664  2.272   1.00 1.74 ? 56 THR A CG2  1 
ATOM 839 H H    . THR A 1 56 ? 5.983   -4.701  3.973   1.00 1.08 ? 56 THR A H    1 
ATOM 840 H HA   . THR A 1 56 ? 4.131   -2.682  2.746   1.00 0.86 ? 56 THR A HA   1 
ATOM 841 H HB   . THR A 1 56 ? 2.523   -4.139  4.344   1.00 1.40 ? 56 THR A HB   1 
ATOM 842 H HG1  . THR A 1 56 ? 3.675   -5.756  5.033   1.00 2.09 ? 56 THR A HG1  1 
ATOM 843 H HG21 . THR A 1 56 ? 2.953   -3.857  1.614   1.00 2.28 ? 56 THR A HG21 1 
ATOM 844 H HG22 . THR A 1 56 ? 3.020   -5.601  1.866   1.00 2.33 ? 56 THR A HG22 1 
ATOM 845 H HG23 . THR A 1 56 ? 1.593   -4.693  2.363   1.00 2.18 ? 56 THR A HG23 1 
ATOM 846 N N    . TRP A 1 57 ? 3.440   -1.782  5.172   1.00 0.61 ? 57 TRP A N    1 
ATOM 847 C CA   . TRP A 1 57 ? 3.444   -0.995  6.440   1.00 0.58 ? 57 TRP A CA   1 
ATOM 848 C C    . TRP A 1 57 ? 2.777   -1.807  7.560   1.00 0.71 ? 57 TRP A C    1 
ATOM 849 O O    . TRP A 1 57 ? 1.897   -2.603  7.298   1.00 0.80 ? 57 TRP A O    1 
ATOM 850 C CB   . TRP A 1 57 ? 2.621   0.255   6.119   1.00 0.57 ? 57 TRP A CB   1 
ATOM 851 C CG   . TRP A 1 57 ? 3.054   1.385   6.997   1.00 0.60 ? 57 TRP A CG   1 
ATOM 852 C CD1  . TRP A 1 57 ? 4.117   2.189   6.763   1.00 0.65 ? 57 TRP A CD1  1 
ATOM 853 C CD2  . TRP A 1 57 ? 2.456   1.848   8.243   1.00 0.74 ? 57 TRP A CD2  1 
ATOM 854 N NE1  . TRP A 1 57 ? 4.210   3.116   7.787   1.00 0.75 ? 57 TRP A NE1  1 
ATOM 855 C CE2  . TRP A 1 57 ? 3.208   2.946   8.722   1.00 0.80 ? 57 TRP A CE2  1 
ATOM 856 C CE3  . TRP A 1 57 ? 1.346   1.425   8.995   1.00 0.93 ? 57 TRP A CE3  1 
ATOM 857 C CZ2  . TRP A 1 57 ? 2.871   3.602   9.907   1.00 0.98 ? 57 TRP A CZ2  1 
ATOM 858 C CZ3  . TRP A 1 57 ? 1.003   2.083   10.188  1.00 1.13 ? 57 TRP A CZ3  1 
ATOM 859 C CH2  . TRP A 1 57 ? 1.764   3.169   10.643  1.00 1.14 ? 57 TRP A CH2  1 
ATOM 860 H H    . TRP A 1 57 ? 2.682   -1.707  4.555   1.00 0.65 ? 57 TRP A H    1 
ATOM 861 H HA   . TRP A 1 57 ? 4.450   -0.719  6.713   1.00 0.56 ? 57 TRP A HA   1 
ATOM 862 H HB2  . TRP A 1 57 ? 2.772   0.528   5.084   1.00 0.55 ? 57 TRP A HB2  1 
ATOM 863 H HB3  . TRP A 1 57 ? 1.575   0.049   6.287   1.00 0.66 ? 57 TRP A HB3  1 
ATOM 864 H HD1  . TRP A 1 57 ? 4.783   2.121   5.917   1.00 0.72 ? 57 TRP A HD1  1 
ATOM 865 H HE1  . TRP A 1 57 ? 4.893   3.814   7.857   1.00 0.85 ? 57 TRP A HE1  1 
ATOM 866 H HE3  . TRP A 1 57 ? 0.753   0.590   8.654   1.00 0.96 ? 57 TRP A HE3  1 
ATOM 867 H HZ2  . TRP A 1 57 ? 3.460   4.438   10.253  1.00 1.05 ? 57 TRP A HZ2  1 
ATOM 868 H HZ3  . TRP A 1 57 ? 0.148   1.750   10.758  1.00 1.32 ? 57 TRP A HZ3  1 
ATOM 869 H HH2  . TRP A 1 57 ? 1.495   3.671   11.561  1.00 1.31 ? 57 TRP A HH2  1 
ATOM 870 N N    . PRO A 1 58 ? 3.222   -1.593  8.775   1.00 0.77 ? 58 PRO A N    1 
ATOM 871 C CA   . PRO A 1 58 ? 4.390   -0.719  9.050   1.00 0.72 ? 58 PRO A CA   1 
ATOM 872 C C    . PRO A 1 58 ? 5.689   -1.377  8.572   1.00 0.70 ? 58 PRO A C    1 
ATOM 873 O O    . PRO A 1 58 ? 5.686   -2.473  8.046   1.00 0.80 ? 58 PRO A O    1 
ATOM 874 C CB   . PRO A 1 58 ? 4.369   -0.608  10.577  1.00 0.90 ? 58 PRO A CB   1 
ATOM 875 C CG   . PRO A 1 58 ? 3.294   -1.565  11.126  1.00 1.04 ? 58 PRO A CG   1 
ATOM 876 C CD   . PRO A 1 58 ? 2.565   -2.218  9.945   1.00 0.96 ? 58 PRO A CD   1 
ATOM 877 H HA   . PRO A 1 58 ? 4.262   0.252   8.607   1.00 0.68 ? 58 PRO A HA   1 
ATOM 878 H HB2  . PRO A 1 58 ? 5.337   -0.880  10.973  1.00 0.94 ? 58 PRO A HB2  1 
ATOM 879 H HB3  . PRO A 1 58 ? 4.130   0.404   10.865  1.00 0.95 ? 58 PRO A HB3  1 
ATOM 880 H HG2  . PRO A 1 58 ? 3.763   -2.328  11.731  1.00 1.14 ? 58 PRO A HG2  1 
ATOM 881 H HG3  . PRO A 1 58 ? 2.586   -1.012  11.724  1.00 1.14 ? 58 PRO A HG3  1 
ATOM 882 H HD2  . PRO A 1 58 ? 2.716   -3.289  9.947   1.00 1.03 ? 58 PRO A HD2  1 
ATOM 883 H HD3  . PRO A 1 58 ? 1.514   -1.975  9.958   1.00 1.02 ? 58 PRO A HD3  1 
ATOM 884 N N    . LEU A 1 59 ? 6.798   -0.714  8.756   1.00 0.76 ? 59 LEU A N    1 
ATOM 885 C CA   . LEU A 1 59 ? 8.099   -1.294  8.319   1.00 0.82 ? 59 LEU A CA   1 
ATOM 886 C C    . LEU A 1 59 ? 8.765   -2.035  9.486   1.00 0.96 ? 59 LEU A C    1 
ATOM 887 O O    . LEU A 1 59 ? 8.257   -2.027  10.590  1.00 1.17 ? 59 LEU A O    1 
ATOM 888 C CB   . LEU A 1 59 ? 8.943   -0.089  7.899   1.00 0.99 ? 59 LEU A CB   1 
ATOM 889 C CG   . LEU A 1 59 ? 9.206   -0.149  6.393   1.00 1.43 ? 59 LEU A CG   1 
ATOM 890 C CD1  . LEU A 1 59 ? 7.993   0.399   5.641   1.00 1.88 ? 59 LEU A CD1  1 
ATOM 891 C CD2  . LEU A 1 59 ? 10.437  0.696   6.056   1.00 2.10 ? 59 LEU A CD2  1 
ATOM 892 H H    . LEU A 1 59 ? 6.774   0.167   9.185   1.00 0.86 ? 59 LEU A H    1 
ATOM 893 H HA   . LEU A 1 59 ? 7.959   -1.957  7.481   1.00 0.91 ? 59 LEU A HA   1 
ATOM 894 H HB2  . LEU A 1 59 ? 8.413   0.822   8.137   1.00 1.26 ? 59 LEU A HB2  1 
ATOM 895 H HB3  . LEU A 1 59 ? 9.884   -0.106  8.427   1.00 1.29 ? 59 LEU A HB3  1 
ATOM 896 H HG   . LEU A 1 59 ? 9.379   -1.175  6.099   1.00 1.95 ? 59 LEU A HG   1 
ATOM 897 H HD11 . LEU A 1 59 ? 7.754   1.385   6.013   1.00 2.33 ? 59 LEU A HD11 1 
ATOM 898 H HD12 . LEU A 1 59 ? 8.219   0.458   4.587   1.00 2.30 ? 59 LEU A HD12 1 
ATOM 899 H HD13 . LEU A 1 59 ? 7.148   -0.257  5.793   1.00 2.28 ? 59 LEU A HD13 1 
ATOM 900 H HD21 . LEU A 1 59 ? 11.166  0.602   6.848   1.00 2.52 ? 59 LEU A HD21 1 
ATOM 901 H HD22 . LEU A 1 59 ? 10.868  0.351   5.128   1.00 2.55 ? 59 LEU A HD22 1 
ATOM 902 H HD23 . LEU A 1 59 ? 10.147  1.731   5.957   1.00 2.59 ? 59 LEU A HD23 1 
ATOM 903 N N    . PRO A 1 60 ? 9.886   -2.655  9.206   1.00 1.11 ? 60 PRO A N    1 
ATOM 904 C CA   . PRO A 1 60 ? 10.625  -3.407  10.248  1.00 1.39 ? 60 PRO A CA   1 
ATOM 905 C C    . PRO A 1 60 ? 10.955  -2.499  11.435  1.00 1.32 ? 60 PRO A C    1 
ATOM 906 O O    . PRO A 1 60 ? 10.391  -1.435  11.594  1.00 1.14 ? 60 PRO A O    1 
ATOM 907 C CB   . PRO A 1 60 ? 11.899  -3.834  9.512   1.00 1.66 ? 60 PRO A CB   1 
ATOM 908 C CG   . PRO A 1 60 ? 11.789  -3.396  8.038   1.00 1.64 ? 60 PRO A CG   1 
ATOM 909 C CD   . PRO A 1 60 ? 10.470  -2.639  7.844   1.00 1.27 ? 60 PRO A CD   1 
ATOM 910 H HA   . PRO A 1 60 ? 10.073  -4.273  10.568  1.00 1.62 ? 60 PRO A HA   1 
ATOM 911 H HB2  . PRO A 1 60 ? 12.757  -3.363  9.969   1.00 1.69 ? 60 PRO A HB2  1 
ATOM 912 H HB3  . PRO A 1 60 ? 12.003  -4.907  9.561   1.00 1.97 ? 60 PRO A HB3  1 
ATOM 913 H HG2  . PRO A 1 60 ? 12.620  -2.752  7.789   1.00 1.74 ? 60 PRO A HG2  1 
ATOM 914 H HG3  . PRO A 1 60 ? 11.802  -4.267  7.400   1.00 1.93 ? 60 PRO A HG3  1 
ATOM 915 H HD2  . PRO A 1 60 ? 10.656  -1.627  7.513   1.00 1.25 ? 60 PRO A HD2  1 
ATOM 916 H HD3  . PRO A 1 60 ? 9.825   -3.160  7.154   1.00 1.36 ? 60 PRO A HD3  1 
ATOM 917 N N    . ASN A 1 61 ? 11.867  -2.915  12.267  1.00 1.59 ? 61 ASN A N    1 
ATOM 918 C CA   . ASN A 1 61 ? 12.240  -2.079  13.445  1.00 1.66 ? 61 ASN A CA   1 
ATOM 919 C C    . ASN A 1 61 ? 12.560  -0.657  12.985  1.00 1.46 ? 61 ASN A C    1 
ATOM 920 O O    . ASN A 1 61 ? 12.488  0.286   13.748  1.00 1.56 ? 61 ASN A O    1 
ATOM 921 C CB   . ASN A 1 61 ? 13.486  -2.748  14.030  1.00 1.95 ? 61 ASN A CB   1 
ATOM 922 C CG   . ASN A 1 61 ? 13.167  -3.299  15.421  1.00 2.53 ? 61 ASN A CG   1 
ATOM 923 O OD1  . ASN A 1 61 ? 12.956  -4.484  15.583  1.00 3.11 ? 61 ASN A OD1  1 
ATOM 924 N ND2  . ASN A 1 61 ? 13.124  -2.483  16.439  1.00 3.09 ? 61 ASN A ND2  1 
ATOM 925 H H    . ASN A 1 61 ? 12.308  -3.774  12.115  1.00 1.81 ? 61 ASN A H    1 
ATOM 926 H HA   . ASN A 1 61 ? 11.446  -2.074  14.172  1.00 1.78 ? 61 ASN A HA   1 
ATOM 927 H HB2  . ASN A 1 61 ? 13.798  -3.556  13.384  1.00 2.23 ? 61 ASN A HB2  1 
ATOM 928 H HB3  . ASN A 1 61 ? 14.280  -2.021  14.107  1.00 2.15 ? 61 ASN A HB3  1 
ATOM 929 H HD21 . ASN A 1 61 ? 13.295  -1.527  16.308  1.00 3.23 ? 61 ASN A HD21 1 
ATOM 930 H HD22 . ASN A 1 61 ? 12.920  -2.827  17.333  1.00 3.72 ? 61 ASN A HD22 1 
ATOM 931 N N    . LYS A 1 62 ? 12.912  -0.500  11.740  1.00 1.37 ? 62 LYS A N    1 
ATOM 932 C CA   . LYS A 1 62 ? 13.237  0.860   11.221  1.00 1.41 ? 62 LYS A CA   1 
ATOM 933 C C    . LYS A 1 62 ? 11.957  1.573   10.777  1.00 1.26 ? 62 LYS A C    1 
ATOM 934 O O    . LYS A 1 62 ? 11.726  1.779   9.602   1.00 1.42 ? 62 LYS A O    1 
ATOM 935 C CB   . LYS A 1 62 ? 14.158  0.617   10.023  1.00 1.66 ? 62 LYS A CB   1 
ATOM 936 C CG   . LYS A 1 62 ? 15.365  1.555   10.107  1.00 2.31 ? 62 LYS A CG   1 
ATOM 937 C CD   . LYS A 1 62 ? 16.111  1.547   8.771   1.00 2.92 ? 62 LYS A CD   1 
ATOM 938 C CE   . LYS A 1 62 ? 17.500  2.164   8.958   1.00 3.56 ? 62 LYS A CE   1 
ATOM 939 N NZ   . LYS A 1 62 ? 18.334  1.068   9.524   1.00 4.25 ? 62 LYS A NZ   1 
ATOM 940 H H    . LYS A 1 62 ? 12.961  -1.280  11.145  1.00 1.42 ? 62 LYS A H    1 
ATOM 941 H HA   . LYS A 1 62 ? 13.752  1.438   11.972  1.00 1.53 ? 62 LYS A HA   1 
ATOM 942 H HB2  . LYS A 1 62 ? 14.496  -0.409  10.032  1.00 1.86 ? 62 LYS A HB2  1 
ATOM 943 H HB3  . LYS A 1 62 ? 13.617  0.811   9.109   1.00 1.91 ? 62 LYS A HB3  1 
ATOM 944 H HG2  . LYS A 1 62 ? 15.026  2.558   10.325  1.00 2.76 ? 62 LYS A HG2  1 
ATOM 945 H HG3  . LYS A 1 62 ? 16.027  1.220   10.891  1.00 2.69 ? 62 LYS A HG3  1 
ATOM 946 H HD2  . LYS A 1 62 ? 16.212  0.529   8.423   1.00 3.34 ? 62 LYS A HD2  1 
ATOM 947 H HD3  . LYS A 1 62 ? 15.558  2.123   8.046   1.00 3.18 ? 62 LYS A HD3  1 
ATOM 948 H HE2  . LYS A 1 62 ? 17.896  2.488   8.005   1.00 3.91 ? 62 LYS A HE2  1 
ATOM 949 H HE3  . LYS A 1 62 ? 17.455  2.990   9.650   1.00 3.73 ? 62 LYS A HE3  1 
ATOM 950 H HZ1  . LYS A 1 62 ? 17.949  0.149   9.226   1.00 4.52 ? 62 LYS A HZ1  1 
ATOM 951 H HZ2  . LYS A 1 62 ? 19.311  1.160   9.179   1.00 4.58 ? 62 LYS A HZ2  1 
ATOM 952 H HZ3  . LYS A 1 62 ? 18.325  1.127   10.564  1.00 4.60 ? 62 LYS A HZ3  1 
ATOM 953 N N    . THR A 1 63 ? 11.123  1.948   11.707  1.00 1.24 ? 63 THR A N    1 
ATOM 954 C CA   . THR A 1 63 ? 9.858   2.645   11.338  1.00 1.21 ? 63 THR A CA   1 
ATOM 955 C C    . THR A 1 63 ? 10.164  4.031   10.762  1.00 1.12 ? 63 THR A C    1 
ATOM 956 O O    . THR A 1 63 ? 11.293  4.479   10.762  1.00 1.39 ? 63 THR A O    1 
ATOM 957 C CB   . THR A 1 63 ? 9.077   2.769   12.646  1.00 1.60 ? 63 THR A CB   1 
ATOM 958 O OG1  . THR A 1 63 ? 8.968   1.489   13.253  1.00 2.21 ? 63 THR A OG1  1 
ATOM 959 C CG2  . THR A 1 63 ? 7.681   3.321   12.357  1.00 2.07 ? 63 THR A CG2  1 
ATOM 960 H H    . THR A 1 63 ? 11.327  1.771   12.650  1.00 1.42 ? 63 THR A H    1 
ATOM 961 H HA   . THR A 1 63 ? 9.297   2.057   10.628  1.00 1.29 ? 63 THR A HA   1 
ATOM 962 H HB   . THR A 1 63 ? 9.595   3.442   13.311  1.00 2.09 ? 63 THR A HB   1 
ATOM 963 H HG1  . THR A 1 63 ? 8.740   0.855   12.570  1.00 2.53 ? 63 THR A HG1  1 
ATOM 964 H HG21 . THR A 1 63 ? 7.287   2.856   11.466  1.00 2.46 ? 63 THR A HG21 1 
ATOM 965 H HG22 . THR A 1 63 ? 7.030   3.110   13.193  1.00 2.59 ? 63 THR A HG22 1 
ATOM 966 H HG23 . THR A 1 63 ? 7.742   4.390   12.208  1.00 2.45 ? 63 THR A HG23 1 
ATOM 967 N N    . CYS A 1 64 ? 9.165   4.715   10.271  1.00 1.00 ? 64 CYS A N    1 
ATOM 968 C CA   . CYS A 1 64 ? 9.398   6.072   9.699   1.00 1.24 ? 64 CYS A CA   1 
ATOM 969 C C    . CYS A 1 64 ? 9.448   7.116   10.817  1.00 1.75 ? 64 CYS A C    1 
ATOM 970 O O    . CYS A 1 64 ? 8.773   8.124   10.691  1.00 2.17 ? 64 CYS A O    1 
ATOM 971 C CB   . CYS A 1 64 ? 8.203   6.329   8.780   1.00 1.11 ? 64 CYS A CB   1 
ATOM 972 S SG   . CYS A 1 64 ? 8.478   7.856   7.849   1.00 1.50 ? 64 CYS A SG   1 
ATOM 973 O OXT  . CYS A 1 64 ? 10.161  6.889   11.780  1.00 2.33 ? 64 CYS A OXT  1 
ATOM 974 H H    . CYS A 1 64 ? 8.260   4.337   10.281  1.00 0.96 ? 64 CYS A H    1 
ATOM 975 H HA   . CYS A 1 64 ? 10.313  6.089   9.126   1.00 1.44 ? 64 CYS A HA   1 
ATOM 976 H HB2  . CYS A 1 64 ? 8.093   5.502   8.094   1.00 1.01 ? 64 CYS A HB2  1 
ATOM 977 H HB3  . CYS A 1 64 ? 7.307   6.426   9.375   1.00 1.21 ? 64 CYS A HB3  1 
# 
